data_8A8O
#
_entry.id   8A8O
#
_cell.length_a   63.714
_cell.length_b   123.650
_cell.length_c   88.842
_cell.angle_alpha   90.000
_cell.angle_beta   104.440
_cell.angle_gamma   90.000
#
_symmetry.space_group_name_H-M   'P 1 21 1'
#
loop_
_entity.id
_entity.type
_entity.pdbx_description
1 polymer 'Alpha-subunit of the PAPS reductase from Methanothermococcus thermolithotrophicus'
2 polymer 'Beta-subunit of the PAPS reductase from Methanothermococcus thermolithotrophicus'
3 non-polymer 'FLAVIN-ADENINE DINUCLEOTIDE'
4 non-polymer 1,2-ETHANEDIOL
5 non-polymer (4S)-2-METHYL-2,4-PENTANEDIOL
6 non-polymer GLYCEROL
7 non-polymer 'CALCIUM ION'
8 non-polymer 'SODIUM ION'
9 non-polymer 'IRON/SULFUR CLUSTER'
10 water water
#
loop_
_entity_poly.entity_id
_entity_poly.type
_entity_poly.pdbx_seq_one_letter_code
_entity_poly.pdbx_strand_id
1 'polypeptide(L)'
;MDVKKIFTDILIIGGGAAGCQAAIRAKEIDKNLDVLIVEKANIIRSGCLAAGVNAINAYLNEGETPESYVEYVKKESSGL
IREDLTYTIGKRLNKMAKKLEEYGLPIQKDENGRYVARGKRSIKINGESIKPILAEATLKAGVKVLNNTIATNYILKDET
VCGAYAFSIKENKFYVIMAKAVICTTGGASGIYKPNNPGAARHKMWYSPFNTGAGFAMGLRAGAEMTTFEMRFIALRVKD
VISPTGTIAQGVKVSQINALGEKYMEKYENNTTPMRLYATLIENLEGRGPCYLDTRGISDEDVQKLKEAYLSMSPGIILK
WKDEKINPKNTPIEICGSEPYIVGGHGQAGYWVDINRKTTLEGLYAAGDVVGGSPKKYVTGCMAEGEIAVEAAIEYIKSM
ENDIEIDEQEIAKEIDRVFYPLNNKKGEFSPDEIEERMQKVMDEYAGGISSYYRVNESKLLIARELLKAIEEDLSKIKVR
NRYELMKYHEVVDRILVARAVVEHLLYRKETRWKCYQERVDYPEIDDNWFKFINSKYNSQTNDIEIIEREYEKFNPVINN
DHSSGHHHHHH
;
A,B
2 'polypeptide(L)'
;MTIRIIEEICIGCGLCTKVCPGNLLYQREDGKSEIMDKRDCWDCAACVKECPVNAIEMYLQPEIGGRGSTLKAKKTDDSI
VWIITDNNGEEEVIEVKNKKTFDM
;
C,D
#
# COMPACT_ATOMS: atom_id res chain seq x y z
N MET A 1 27.87 24.86 14.83
CA MET A 1 26.91 24.19 15.75
C MET A 1 27.35 24.34 17.19
N ASP A 2 26.37 24.53 18.08
CA ASP A 2 26.63 24.69 19.50
C ASP A 2 26.64 23.29 20.13
N VAL A 3 27.76 22.92 20.75
CA VAL A 3 27.85 21.67 21.50
C VAL A 3 27.66 22.04 22.97
N LYS A 4 26.53 21.63 23.55
CA LYS A 4 26.16 22.01 24.90
C LYS A 4 26.36 20.82 25.82
N LYS A 5 27.21 20.99 26.83
CA LYS A 5 27.43 19.98 27.87
C LYS A 5 26.51 20.29 29.05
N ILE A 6 25.76 19.29 29.48
CA ILE A 6 24.81 19.43 30.58
C ILE A 6 25.08 18.33 31.60
N PHE A 7 24.93 18.67 32.87
CA PHE A 7 25.08 17.72 33.96
C PHE A 7 23.74 17.62 34.68
N THR A 8 23.31 16.39 34.97
CA THR A 8 22.08 16.12 35.69
C THR A 8 22.33 14.94 36.62
N ASP A 9 21.43 14.74 37.59
CA ASP A 9 21.52 13.55 38.41
C ASP A 9 20.82 12.37 37.74
N ILE A 10 19.56 12.57 37.37
CA ILE A 10 18.73 11.56 36.73
C ILE A 10 18.34 12.11 35.36
N LEU A 11 18.71 11.40 34.31
CA LEU A 11 18.33 11.72 32.94
C LEU A 11 17.27 10.73 32.49
N ILE A 12 16.14 11.26 32.02
CA ILE A 12 15.02 10.44 31.55
C ILE A 12 14.86 10.70 30.05
N ILE A 13 14.90 9.63 29.26
CA ILE A 13 14.77 9.72 27.81
C ILE A 13 13.32 9.42 27.44
N GLY A 14 12.56 10.46 27.08
CA GLY A 14 11.18 10.29 26.69
C GLY A 14 10.23 10.73 27.77
N GLY A 15 9.52 11.82 27.53
CA GLY A 15 8.62 12.38 28.52
C GLY A 15 7.18 11.93 28.32
N GLY A 16 6.96 10.63 28.30
CA GLY A 16 5.65 10.00 28.17
C GLY A 16 5.08 9.61 29.52
N ALA A 17 4.26 8.56 29.51
CA ALA A 17 3.62 8.08 30.74
C ALA A 17 4.65 7.65 31.79
N ALA A 18 5.61 6.81 31.38
CA ALA A 18 6.58 6.29 32.34
C ALA A 18 7.60 7.35 32.71
N GLY A 19 8.04 8.14 31.72
CA GLY A 19 9.03 9.17 31.97
C GLY A 19 8.53 10.27 32.90
N CYS A 20 7.30 10.71 32.68
CA CYS A 20 6.73 11.72 33.56
C CYS A 20 6.64 11.23 34.99
N GLN A 21 6.11 10.02 35.18
CA GLN A 21 5.93 9.53 36.54
C GLN A 21 7.26 9.27 37.21
N ALA A 22 8.24 8.75 36.44
CA ALA A 22 9.59 8.61 36.99
C ALA A 22 10.11 9.95 37.49
N ALA A 23 9.92 11.01 36.70
CA ALA A 23 10.45 12.32 37.07
C ALA A 23 9.73 12.88 38.29
N ILE A 24 8.41 12.80 38.31
CA ILE A 24 7.65 13.28 39.48
C ILE A 24 8.08 12.53 40.71
N ARG A 25 8.14 11.19 40.62
CA ARG A 25 8.53 10.39 41.78
C ARG A 25 9.93 10.73 42.26
N ALA A 26 10.85 11.02 41.35
CA ALA A 26 12.20 11.39 41.78
C ALA A 26 12.15 12.62 42.68
N LYS A 27 11.37 13.62 42.27
CA LYS A 27 11.30 14.88 43.02
C LYS A 27 10.56 14.69 44.34
N GLU A 28 9.67 13.69 44.40
CA GLU A 28 9.08 13.33 45.69
C GLU A 28 10.12 12.78 46.64
N ILE A 29 10.99 11.89 46.14
CA ILE A 29 12.01 11.27 46.99
C ILE A 29 13.04 12.29 47.44
N ASP A 30 13.46 13.18 46.54
CA ASP A 30 14.54 14.12 46.84
C ASP A 30 14.36 15.35 45.96
N LYS A 31 13.76 16.40 46.52
CA LYS A 31 13.46 17.61 45.76
C LYS A 31 14.72 18.30 45.24
N ASN A 32 15.89 18.00 45.81
CA ASN A 32 17.14 18.63 45.37
C ASN A 32 17.80 17.92 44.21
N LEU A 33 17.30 16.75 43.82
CA LEU A 33 17.85 16.05 42.66
C LEU A 33 17.64 16.88 41.41
N ASP A 34 18.67 16.96 40.58
CA ASP A 34 18.51 17.53 39.24
C ASP A 34 17.97 16.43 38.32
N VAL A 35 16.74 16.60 37.85
CA VAL A 35 16.06 15.62 37.00
C VAL A 35 15.75 16.29 35.67
N LEU A 36 16.14 15.63 34.57
CA LEU A 36 16.00 16.20 33.24
C LEU A 36 15.38 15.17 32.32
N ILE A 37 14.34 15.58 31.59
CA ILE A 37 13.72 14.77 30.56
C ILE A 37 14.14 15.31 29.20
N VAL A 38 14.62 14.42 28.35
CA VAL A 38 14.86 14.73 26.94
C VAL A 38 13.67 14.19 26.18
N GLU A 39 12.94 15.06 25.47
CA GLU A 39 11.71 14.72 24.79
C GLU A 39 11.78 15.08 23.32
N LYS A 40 11.51 14.10 22.47
CA LYS A 40 11.57 14.30 21.02
C LYS A 40 10.59 15.35 20.53
N ALA A 41 9.39 15.39 21.08
CA ALA A 41 8.35 16.30 20.63
C ALA A 41 8.02 17.32 21.72
N ASN A 42 6.76 17.55 22.04
CA ASN A 42 6.32 18.54 23.01
C ASN A 42 5.65 17.81 24.15
N ILE A 43 6.25 17.90 25.34
CA ILE A 43 5.83 17.04 26.45
C ILE A 43 4.33 17.18 26.76
N ILE A 44 3.73 18.34 26.48
CA ILE A 44 2.31 18.55 26.79
C ILE A 44 1.42 17.47 26.16
N ARG A 45 1.81 16.94 24.98
CA ARG A 45 0.99 15.96 24.29
C ARG A 45 1.79 14.77 23.75
N SER A 46 3.06 14.64 24.09
CA SER A 46 3.91 13.67 23.42
C SER A 46 3.60 12.24 23.81
N GLY A 47 3.81 11.34 22.86
CA GLY A 47 3.67 9.92 23.08
C GLY A 47 2.29 9.37 22.77
N CYS A 48 2.12 8.12 23.20
CA CYS A 48 0.91 7.37 22.87
C CYS A 48 -0.37 8.03 23.41
N LEU A 49 -0.27 8.88 24.44
CA LEU A 49 -1.44 9.50 25.05
C LEU A 49 -1.92 10.76 24.35
N ALA A 50 -1.31 11.13 23.22
CA ALA A 50 -1.55 12.43 22.61
C ALA A 50 -3.02 12.71 22.37
N ALA A 51 -3.78 11.75 21.87
CA ALA A 51 -5.16 11.97 21.51
C ALA A 51 -6.12 11.80 22.68
N GLY A 52 -5.63 11.36 23.84
CA GLY A 52 -6.48 10.94 24.93
C GLY A 52 -6.61 9.43 24.95
N VAL A 53 -7.14 8.93 26.08
CA VAL A 53 -7.33 7.48 26.24
C VAL A 53 -8.77 7.21 26.65
N ASN A 54 -9.23 5.99 26.32
CA ASN A 54 -10.64 5.65 26.53
C ASN A 54 -10.96 5.29 27.98
N ALA A 55 -9.99 4.80 28.74
CA ALA A 55 -10.23 4.46 30.15
C ALA A 55 -8.87 4.22 30.80
N ILE A 56 -8.90 3.93 32.10
CA ILE A 56 -7.75 3.37 32.79
C ILE A 56 -7.93 1.85 32.78
N ASN A 57 -7.04 1.13 32.08
CA ASN A 57 -7.25 -0.28 31.81
C ASN A 57 -6.48 -1.23 32.70
N ALA A 58 -5.72 -0.73 33.67
CA ALA A 58 -5.09 -1.58 34.67
C ALA A 58 -5.36 -0.97 36.04
N TYR A 59 -6.45 -1.40 36.66
CA TYR A 59 -6.85 -0.95 37.98
C TYR A 59 -7.49 -2.13 38.71
N LEU A 60 -7.13 -2.31 39.98
CA LEU A 60 -7.64 -3.43 40.76
C LEU A 60 -8.97 -3.01 41.39
N ASN A 61 -10.06 -3.34 40.70
CA ASN A 61 -11.39 -3.07 41.22
C ASN A 61 -11.66 -3.94 42.44
N GLU A 62 -12.75 -3.62 43.14
CA GLU A 62 -13.07 -4.32 44.38
C GLU A 62 -13.01 -5.83 44.18
N GLY A 63 -12.29 -6.50 45.07
CA GLY A 63 -12.12 -7.93 45.00
C GLY A 63 -10.88 -8.40 44.26
N GLU A 64 -10.23 -7.51 43.50
CA GLU A 64 -9.08 -7.87 42.70
C GLU A 64 -7.80 -7.58 43.47
N THR A 65 -6.78 -8.43 43.26
CA THR A 65 -5.52 -8.37 43.95
C THR A 65 -4.37 -8.42 42.96
N PRO A 66 -3.17 -7.99 43.37
CA PRO A 66 -2.00 -8.17 42.48
C PRO A 66 -1.81 -9.60 42.03
N GLU A 67 -2.11 -10.56 42.90
CA GLU A 67 -1.98 -11.96 42.52
C GLU A 67 -2.98 -12.34 41.43
N SER A 68 -4.22 -11.89 41.53
CA SER A 68 -5.17 -12.20 40.45
C SER A 68 -4.83 -11.44 39.17
N TYR A 69 -4.20 -10.27 39.28
CA TYR A 69 -3.73 -9.57 38.08
C TYR A 69 -2.70 -10.42 37.34
N VAL A 70 -1.73 -10.96 38.08
CA VAL A 70 -0.70 -11.81 37.47
C VAL A 70 -1.34 -13.03 36.81
N GLU A 71 -2.26 -13.68 37.52
CA GLU A 71 -2.90 -14.87 36.95
C GLU A 71 -3.55 -14.57 35.61
N TYR A 72 -4.14 -13.38 35.47
CA TYR A 72 -4.78 -13.03 34.20
C TYR A 72 -3.74 -12.67 33.14
N VAL A 73 -2.71 -11.91 33.51
CA VAL A 73 -1.67 -11.55 32.55
C VAL A 73 -0.97 -12.78 32.01
N LYS A 74 -0.84 -13.81 32.85
CA LYS A 74 -0.11 -15.01 32.46
C LYS A 74 -0.80 -15.76 31.32
N LYS A 75 -2.11 -15.66 31.22
CA LYS A 75 -2.87 -16.62 30.43
C LYS A 75 -2.43 -16.64 28.97
N GLU A 76 -2.22 -15.46 28.36
CA GLU A 76 -2.04 -15.40 26.91
C GLU A 76 -0.76 -16.11 26.46
N SER A 77 0.31 -15.98 27.24
N SER A 77 0.31 -15.97 27.23
CA SER A 77 1.58 -16.60 26.92
CA SER A 77 1.58 -16.60 26.92
C SER A 77 1.68 -18.03 27.44
C SER A 77 1.70 -17.99 27.52
N SER A 78 0.58 -18.60 27.93
CA SER A 78 0.62 -19.91 28.58
C SER A 78 1.61 -19.90 29.73
N GLY A 79 1.67 -18.77 30.44
CA GLY A 79 2.47 -18.64 31.62
C GLY A 79 3.85 -18.06 31.40
N LEU A 80 4.22 -17.75 30.17
CA LEU A 80 5.59 -17.30 29.89
C LEU A 80 5.59 -15.78 29.97
N ILE A 81 5.56 -15.28 31.20
CA ILE A 81 5.76 -13.85 31.49
C ILE A 81 6.80 -13.75 32.60
N ARG A 82 7.30 -12.53 32.79
CA ARG A 82 8.17 -12.22 33.92
C ARG A 82 7.26 -11.89 35.09
N GLU A 83 6.90 -12.92 35.87
CA GLU A 83 5.94 -12.75 36.94
C GLU A 83 6.40 -11.74 37.98
N ASP A 84 7.72 -11.66 38.19
CA ASP A 84 8.25 -10.69 39.15
C ASP A 84 7.93 -9.26 38.71
N LEU A 85 8.08 -8.98 37.40
CA LEU A 85 7.78 -7.65 36.89
C LEU A 85 6.29 -7.36 36.95
N THR A 86 5.45 -8.35 36.59
CA THR A 86 4.00 -8.15 36.62
C THR A 86 3.48 -7.94 38.04
N TYR A 87 3.96 -8.73 38.99
CA TYR A 87 3.51 -8.60 40.36
C TYR A 87 3.84 -7.23 40.93
N THR A 88 5.07 -6.77 40.74
CA THR A 88 5.46 -5.46 41.28
C THR A 88 4.72 -4.33 40.61
N ILE A 89 4.34 -4.48 39.33
CA ILE A 89 3.42 -3.52 38.73
C ILE A 89 2.07 -3.59 39.41
N GLY A 90 1.56 -4.81 39.61
CA GLY A 90 0.24 -4.98 40.19
C GLY A 90 0.11 -4.31 41.54
N LYS A 91 1.17 -4.34 42.35
CA LYS A 91 1.14 -3.72 43.66
C LYS A 91 1.02 -2.20 43.62
N ARG A 92 1.20 -1.57 42.46
CA ARG A 92 1.19 -0.12 42.35
C ARG A 92 0.12 0.44 41.45
N LEU A 93 -0.68 -0.41 40.80
CA LEU A 93 -1.64 0.09 39.81
C LEU A 93 -2.58 1.11 40.44
N ASN A 94 -3.18 0.77 41.57
CA ASN A 94 -4.20 1.64 42.16
C ASN A 94 -3.58 2.93 42.64
N LYS A 95 -2.35 2.87 43.16
CA LYS A 95 -1.63 4.09 43.51
C LYS A 95 -1.50 5.01 42.30
N MET A 96 -1.16 4.43 41.13
CA MET A 96 -0.95 5.26 39.95
C MET A 96 -2.27 5.90 39.48
N ALA A 97 -3.38 5.16 39.57
CA ALA A 97 -4.67 5.77 39.26
C ALA A 97 -4.98 6.93 40.20
N LYS A 98 -4.73 6.75 41.50
CA LYS A 98 -4.94 7.84 42.45
C LYS A 98 -4.05 9.03 42.12
N LYS A 99 -2.82 8.79 41.69
CA LYS A 99 -1.94 9.89 41.30
C LYS A 99 -2.55 10.66 40.14
N LEU A 100 -3.05 9.96 39.13
CA LEU A 100 -3.68 10.65 38.00
C LEU A 100 -4.83 11.52 38.48
N GLU A 101 -5.65 11.02 39.41
CA GLU A 101 -6.72 11.85 39.98
C GLU A 101 -6.15 13.08 40.69
N GLU A 102 -5.07 12.90 41.47
CA GLU A 102 -4.45 14.04 42.14
C GLU A 102 -3.91 15.07 41.14
N TYR A 103 -3.44 14.62 39.99
CA TYR A 103 -2.95 15.55 38.98
C TYR A 103 -4.08 16.28 38.28
N GLY A 104 -5.31 15.79 38.39
CA GLY A 104 -6.46 16.44 37.80
C GLY A 104 -7.26 15.62 36.80
N LEU A 105 -6.95 14.34 36.61
CA LEU A 105 -7.73 13.55 35.66
C LEU A 105 -9.13 13.33 36.21
N PRO A 106 -10.19 13.61 35.44
CA PRO A 106 -11.55 13.30 35.90
C PRO A 106 -11.80 11.80 35.87
N ILE A 107 -12.02 11.22 37.05
CA ILE A 107 -12.33 9.80 37.18
C ILE A 107 -13.73 9.69 37.78
N GLN A 108 -14.61 8.99 37.08
CA GLN A 108 -15.99 8.85 37.54
C GLN A 108 -16.02 8.10 38.88
N LYS A 109 -16.91 8.53 39.76
CA LYS A 109 -17.02 7.96 41.10
C LYS A 109 -18.50 7.68 41.37
N ASP A 110 -18.75 6.64 42.18
CA ASP A 110 -20.10 6.34 42.61
C ASP A 110 -20.40 7.04 43.94
N GLU A 111 -21.57 6.78 44.50
CA GLU A 111 -22.01 7.50 45.69
C GLU A 111 -21.08 7.27 46.88
N ASN A 112 -20.45 6.10 46.95
CA ASN A 112 -19.50 5.81 48.01
C ASN A 112 -18.14 6.46 47.79
N GLY A 113 -17.91 7.05 46.62
CA GLY A 113 -16.61 7.60 46.29
C GLY A 113 -15.66 6.62 45.64
N ARG A 114 -16.12 5.44 45.25
CA ARG A 114 -15.29 4.46 44.58
C ARG A 114 -15.28 4.74 43.07
N TYR A 115 -14.12 4.48 42.45
CA TYR A 115 -14.04 4.61 41.00
C TYR A 115 -15.03 3.65 40.34
N VAL A 116 -15.60 4.07 39.22
CA VAL A 116 -16.65 3.31 38.55
C VAL A 116 -15.99 2.31 37.61
N ALA A 117 -16.16 1.03 37.91
CA ALA A 117 -15.56 0.01 37.07
C ALA A 117 -16.26 -0.02 35.72
N ARG A 118 -15.47 -0.32 34.68
CA ARG A 118 -16.00 -0.45 33.30
C ARG A 118 -15.90 -1.93 32.91
N GLY A 119 -14.81 -2.58 33.31
CA GLY A 119 -14.60 -3.99 33.11
C GLY A 119 -13.95 -4.55 34.36
N LYS A 120 -13.39 -5.76 34.28
CA LYS A 120 -12.80 -6.37 35.46
C LYS A 120 -11.66 -5.53 36.02
N ARG A 121 -10.81 -4.99 35.12
CA ARG A 121 -9.63 -4.25 35.55
C ARG A 121 -9.57 -2.85 34.97
N SER A 122 -10.70 -2.25 34.62
CA SER A 122 -10.72 -0.91 34.06
C SER A 122 -11.76 -0.05 34.76
N ILE A 123 -11.55 1.27 34.68
CA ILE A 123 -12.42 2.26 35.27
C ILE A 123 -12.66 3.40 34.28
N LYS A 124 -13.79 4.09 34.48
CA LYS A 124 -14.26 5.11 33.57
C LYS A 124 -13.68 6.48 33.92
N ILE A 125 -13.25 7.21 32.89
CA ILE A 125 -12.61 8.51 33.03
C ILE A 125 -13.03 9.38 31.85
N ASN A 126 -12.69 10.66 31.93
CA ASN A 126 -12.55 11.49 30.73
C ASN A 126 -11.05 11.62 30.50
N GLY A 127 -10.55 10.94 29.48
CA GLY A 127 -9.13 10.85 29.24
C GLY A 127 -8.59 11.82 28.22
N GLU A 128 -9.38 12.81 27.82
CA GLU A 128 -8.95 13.66 26.70
C GLU A 128 -7.65 14.39 27.01
N SER A 129 -7.49 14.86 28.25
CA SER A 129 -6.32 15.66 28.63
C SER A 129 -5.37 14.90 29.54
N ILE A 130 -5.34 13.57 29.44
CA ILE A 130 -4.47 12.80 30.33
C ILE A 130 -3.00 13.20 30.17
N LYS A 131 -2.53 13.43 28.94
CA LYS A 131 -1.11 13.79 28.78
C LYS A 131 -0.85 15.21 29.26
N PRO A 132 -1.64 16.23 28.89
CA PRO A 132 -1.42 17.56 29.46
C PRO A 132 -1.39 17.55 30.98
N ILE A 133 -2.26 16.76 31.62
CA ILE A 133 -2.29 16.71 33.08
C ILE A 133 -1.01 16.11 33.63
N LEU A 134 -0.54 15.02 33.03
CA LEU A 134 0.73 14.44 33.44
C LEU A 134 1.88 15.41 33.22
N ALA A 135 1.89 16.08 32.06
CA ALA A 135 2.99 16.99 31.77
C ALA A 135 3.00 18.17 32.71
N GLU A 136 1.81 18.72 32.99
CA GLU A 136 1.71 19.84 33.94
C GLU A 136 2.25 19.44 35.30
N ALA A 137 1.86 18.27 35.78
CA ALA A 137 2.36 17.80 37.08
C ALA A 137 3.87 17.67 37.05
N THR A 138 4.42 17.20 35.93
CA THR A 138 5.87 17.04 35.82
C THR A 138 6.58 18.38 35.94
N LEU A 139 6.13 19.37 35.18
CA LEU A 139 6.76 20.69 35.21
C LEU A 139 6.58 21.35 36.57
N LYS A 140 5.44 21.12 37.23
CA LYS A 140 5.20 21.69 38.54
C LYS A 140 6.05 21.03 39.62
N ALA A 141 6.62 19.87 39.36
CA ALA A 141 7.52 19.23 40.30
C ALA A 141 8.95 19.75 40.21
N GLY A 142 9.20 20.68 39.29
CA GLY A 142 10.54 21.22 39.11
C GLY A 142 11.40 20.47 38.14
N VAL A 143 10.82 19.55 37.37
CA VAL A 143 11.57 18.75 36.41
C VAL A 143 11.94 19.63 35.22
N LYS A 144 13.17 19.46 34.75
CA LYS A 144 13.64 20.15 33.56
C LYS A 144 13.29 19.32 32.33
N VAL A 145 12.99 20.00 31.24
CA VAL A 145 12.56 19.33 30.01
C VAL A 145 13.22 19.99 28.82
N LEU A 146 13.86 19.19 27.98
CA LEU A 146 14.33 19.63 26.66
C LEU A 146 13.34 19.04 25.65
N ASN A 147 12.42 19.87 25.16
CA ASN A 147 11.52 19.48 24.10
C ASN A 147 12.17 19.60 22.74
N ASN A 148 11.56 18.92 21.76
CA ASN A 148 12.04 18.94 20.39
C ASN A 148 13.52 18.57 20.31
N THR A 149 13.91 17.59 21.11
CA THR A 149 15.30 17.18 21.28
C THR A 149 15.35 15.66 21.19
N ILE A 150 16.15 15.15 20.26
CA ILE A 150 16.13 13.75 19.85
C ILE A 150 17.34 13.04 20.44
N ALA A 151 17.11 12.04 21.29
CA ALA A 151 18.21 11.24 21.81
C ALA A 151 18.71 10.27 20.74
N THR A 152 20.02 10.11 20.65
CA THR A 152 20.61 9.31 19.59
C THR A 152 21.46 8.14 20.06
N ASN A 153 22.01 8.19 21.27
CA ASN A 153 22.86 7.12 21.78
C ASN A 153 23.11 7.42 23.27
N TYR A 154 23.39 6.38 24.03
CA TYR A 154 23.88 6.55 25.39
C TYR A 154 25.36 6.91 25.37
N ILE A 155 25.79 7.59 26.43
CA ILE A 155 27.20 7.82 26.71
C ILE A 155 27.67 6.66 27.59
N LEU A 156 28.66 5.93 27.12
CA LEU A 156 29.19 4.76 27.81
C LEU A 156 30.64 5.03 28.20
N LYS A 157 30.95 4.80 29.48
CA LYS A 157 32.33 4.84 29.98
C LYS A 157 32.62 3.42 30.45
N ASP A 158 33.49 2.72 29.71
CA ASP A 158 33.65 1.27 29.87
C ASP A 158 32.32 0.64 29.52
N GLU A 159 31.67 -0.09 30.43
CA GLU A 159 30.37 -0.69 30.19
C GLU A 159 29.28 -0.02 31.01
N THR A 160 29.53 1.19 31.51
CA THR A 160 28.61 1.91 32.39
C THR A 160 27.98 3.06 31.62
N VAL A 161 26.66 3.19 31.70
CA VAL A 161 25.97 4.29 31.04
C VAL A 161 26.03 5.50 31.97
N CYS A 162 26.45 6.63 31.42
CA CYS A 162 26.60 7.83 32.24
C CYS A 162 26.06 9.08 31.54
N GLY A 163 25.02 8.92 30.73
CA GLY A 163 24.38 10.03 30.07
C GLY A 163 23.91 9.62 28.69
N ALA A 164 23.66 10.63 27.85
CA ALA A 164 23.20 10.40 26.50
C ALA A 164 23.48 11.60 25.61
N TYR A 165 23.51 11.32 24.30
CA TYR A 165 23.68 12.33 23.26
C TYR A 165 22.32 12.61 22.65
N ALA A 166 22.09 13.88 22.27
CA ALA A 166 20.84 14.28 21.65
C ALA A 166 21.10 15.51 20.81
N PHE A 167 20.21 15.76 19.85
CA PHE A 167 20.29 16.96 19.03
C PHE A 167 18.93 17.66 18.98
N SER A 168 18.98 18.98 18.92
CA SER A 168 17.76 19.77 18.80
C SER A 168 17.31 19.84 17.35
N ILE A 169 16.00 19.82 17.13
CA ILE A 169 15.47 20.14 15.80
C ILE A 169 14.96 21.56 15.68
N LYS A 170 15.09 22.37 16.73
CA LYS A 170 14.69 23.77 16.67
C LYS A 170 15.85 24.75 16.81
N GLU A 171 17.01 24.28 17.26
CA GLU A 171 18.21 25.10 17.36
C GLU A 171 19.37 24.29 16.78
N ASN A 172 20.43 24.99 16.37
CA ASN A 172 21.62 24.34 15.84
C ASN A 172 22.50 23.92 17.02
N LYS A 173 22.04 22.88 17.72
CA LYS A 173 22.63 22.51 19.00
C LYS A 173 22.70 20.99 19.12
N PHE A 174 23.80 20.54 19.71
CA PHE A 174 24.04 19.12 19.99
C PHE A 174 24.35 19.03 21.47
N TYR A 175 23.71 18.09 22.16
CA TYR A 175 23.80 17.98 23.60
C TYR A 175 24.64 16.77 23.99
N VAL A 176 25.55 16.98 24.94
CA VAL A 176 26.29 15.95 25.63
C VAL A 176 25.77 16.01 27.07
N ILE A 177 24.90 15.10 27.42
CA ILE A 177 24.17 15.14 28.69
C ILE A 177 24.78 14.08 29.60
N MET A 178 25.59 14.54 30.55
CA MET A 178 26.18 13.67 31.55
C MET A 178 25.18 13.45 32.67
N ALA A 179 25.02 12.20 33.09
CA ALA A 179 24.04 11.85 34.13
C ALA A 179 24.63 10.78 35.03
N LYS A 180 24.22 10.81 36.30
CA LYS A 180 24.63 9.76 37.22
C LYS A 180 23.88 8.46 36.92
N ALA A 181 22.63 8.56 36.48
CA ALA A 181 21.87 7.40 36.04
C ALA A 181 20.93 7.85 34.94
N VAL A 182 20.60 6.93 34.03
CA VAL A 182 19.71 7.18 32.92
C VAL A 182 18.54 6.21 33.00
N ILE A 183 17.35 6.72 32.66
CA ILE A 183 16.14 5.91 32.59
C ILE A 183 15.56 6.04 31.19
N CYS A 184 15.45 4.91 30.49
CA CYS A 184 14.95 4.96 29.12
C CYS A 184 13.43 4.72 29.18
N THR A 185 12.65 5.71 28.73
CA THR A 185 11.19 5.65 28.70
C THR A 185 10.65 6.15 27.36
N THR A 186 11.19 5.60 26.27
CA THR A 186 10.88 6.08 24.92
C THR A 186 9.68 5.38 24.30
N GLY A 187 9.08 4.43 24.99
CA GLY A 187 8.01 3.65 24.37
C GLY A 187 8.60 2.62 23.42
N GLY A 188 7.71 1.93 22.70
CA GLY A 188 8.09 0.88 21.76
C GLY A 188 8.35 1.35 20.35
N ALA A 189 8.08 0.47 19.39
CA ALA A 189 8.35 0.77 18.00
C ALA A 189 7.15 0.44 17.12
N SER A 190 6.75 1.43 16.34
CA SER A 190 5.87 1.27 15.21
C SER A 190 6.65 1.54 13.93
N GLY A 191 5.97 1.39 12.79
CA GLY A 191 6.58 1.75 11.52
C GLY A 191 7.65 0.82 11.02
N ILE A 192 7.78 -0.37 11.60
CA ILE A 192 8.67 -1.39 11.05
C ILE A 192 7.99 -2.13 9.91
N TYR A 193 6.72 -2.46 10.07
CA TYR A 193 5.91 -3.07 9.04
C TYR A 193 5.10 -2.02 8.29
N LYS A 194 4.47 -2.46 7.19
CA LYS A 194 3.57 -1.58 6.47
C LYS A 194 2.28 -1.38 7.26
N PRO A 195 1.74 -0.16 7.27
CA PRO A 195 0.49 0.12 8.00
C PRO A 195 -0.70 -0.35 7.16
N ASN A 196 -1.90 -0.15 7.72
CA ASN A 196 -3.10 -0.56 7.00
C ASN A 196 -3.25 0.20 5.69
N ASN A 197 -2.85 1.47 5.65
CA ASN A 197 -3.04 2.31 4.47
C ASN A 197 -1.75 3.04 4.18
N PRO A 198 -0.82 2.38 3.49
CA PRO A 198 0.44 3.04 3.11
C PRO A 198 0.18 4.25 2.24
N GLY A 199 1.12 5.18 2.26
CA GLY A 199 1.06 6.36 1.40
C GLY A 199 0.30 7.51 2.09
N ALA A 200 -0.85 7.87 1.53
CA ALA A 200 -1.55 9.07 1.97
C ALA A 200 -1.89 9.03 3.44
N ALA A 201 -2.17 7.84 3.99
CA ALA A 201 -2.60 7.70 5.39
C ALA A 201 -1.64 6.80 6.16
N ARG A 202 -0.35 6.89 5.83
CA ARG A 202 0.63 5.97 6.37
C ARG A 202 0.79 6.06 7.88
N HIS A 203 0.43 7.18 8.51
CA HIS A 203 0.54 7.30 9.97
C HIS A 203 -0.80 7.15 10.68
N LYS A 204 -1.83 6.66 9.98
CA LYS A 204 -3.08 6.27 10.62
C LYS A 204 -2.87 4.85 11.12
N MET A 205 -2.50 4.72 12.39
CA MET A 205 -2.20 3.46 13.00
C MET A 205 -2.57 3.53 14.48
N TRP A 206 -2.47 2.39 15.15
CA TRP A 206 -2.88 2.36 16.55
C TRP A 206 -1.80 2.95 17.45
N TYR A 207 -0.60 2.39 17.40
CA TYR A 207 0.49 2.90 18.21
C TYR A 207 0.92 4.27 17.70
N SER A 208 1.63 5.01 18.54
CA SER A 208 2.14 6.29 18.08
C SER A 208 3.07 6.06 16.89
N PRO A 209 2.84 6.71 15.75
CA PRO A 209 3.81 6.60 14.65
C PRO A 209 5.11 7.33 14.91
N PHE A 210 5.19 8.07 16.02
CA PHE A 210 6.38 8.83 16.40
C PHE A 210 7.21 8.13 17.47
N ASN A 211 6.78 6.95 17.93
CA ASN A 211 7.60 6.05 18.74
C ASN A 211 8.19 5.02 17.76
N THR A 212 9.42 5.25 17.34
CA THR A 212 10.07 4.45 16.31
C THR A 212 11.24 3.65 16.84
N GLY A 213 11.13 3.17 18.08
CA GLY A 213 12.11 2.24 18.62
C GLY A 213 13.46 2.82 18.99
N ALA A 214 13.54 4.12 19.25
CA ALA A 214 14.82 4.71 19.62
C ALA A 214 15.42 4.06 20.86
N GLY A 215 14.58 3.77 21.86
CA GLY A 215 15.09 3.15 23.07
C GLY A 215 15.67 1.77 22.83
N PHE A 216 14.96 0.95 22.03
CA PHE A 216 15.48 -0.35 21.66
C PHE A 216 16.82 -0.21 20.94
N ALA A 217 16.88 0.71 19.98
CA ALA A 217 18.09 0.87 19.18
C ALA A 217 19.25 1.39 20.02
N MET A 218 19.00 2.41 20.85
CA MET A 218 20.06 2.89 21.73
C MET A 218 20.56 1.79 22.65
N GLY A 219 19.64 1.00 23.20
CA GLY A 219 20.04 -0.08 24.07
C GLY A 219 20.86 -1.13 23.34
N LEU A 220 20.40 -1.53 22.15
CA LEU A 220 21.14 -2.53 21.37
C LEU A 220 22.54 -2.02 21.04
N ARG A 221 22.65 -0.78 20.58
CA ARG A 221 23.95 -0.24 20.21
C ARG A 221 24.89 -0.17 21.40
N ALA A 222 24.35 0.08 22.60
CA ALA A 222 25.17 0.20 23.80
C ALA A 222 25.53 -1.14 24.43
N GLY A 223 24.92 -2.22 23.97
CA GLY A 223 25.26 -3.55 24.48
C GLY A 223 24.23 -4.15 25.40
N ALA A 224 23.08 -3.49 25.57
CA ALA A 224 22.03 -3.99 26.45
C ALA A 224 21.25 -5.13 25.78
N GLU A 225 20.64 -5.96 26.62
CA GLU A 225 19.92 -7.14 26.17
C GLU A 225 18.44 -6.81 25.99
N MET A 226 17.88 -7.27 24.87
CA MET A 226 16.46 -7.19 24.61
C MET A 226 15.80 -8.55 24.76
N THR A 227 14.47 -8.54 24.90
CA THR A 227 13.73 -9.77 25.08
C THR A 227 12.45 -9.80 24.25
N THR A 228 12.19 -10.99 23.68
CA THR A 228 10.87 -11.36 23.17
C THR A 228 10.36 -10.43 22.08
N PHE A 229 11.26 -10.03 21.17
CA PHE A 229 10.84 -9.24 20.02
C PHE A 229 9.99 -10.06 19.04
N GLU A 230 9.92 -11.37 19.20
CA GLU A 230 9.07 -12.22 18.37
C GLU A 230 7.59 -12.08 18.73
N MET A 231 7.27 -11.49 19.89
CA MET A 231 5.89 -11.25 20.31
C MET A 231 5.54 -9.84 19.87
N ARG A 232 4.86 -9.74 18.73
N ARG A 232 4.92 -9.74 18.70
CA ARG A 232 4.56 -8.47 18.09
CA ARG A 232 4.58 -8.45 18.11
C ARG A 232 3.07 -8.17 18.28
C ARG A 232 3.09 -8.21 18.32
N PHE A 233 2.74 -7.27 19.19
CA PHE A 233 1.34 -6.98 19.44
C PHE A 233 0.69 -6.42 18.17
N ILE A 234 -0.50 -6.94 17.87
CA ILE A 234 -1.35 -6.49 16.77
C ILE A 234 -2.68 -6.07 17.40
N ALA A 235 -3.13 -4.85 17.10
CA ALA A 235 -4.37 -4.31 17.66
C ALA A 235 -5.56 -4.63 16.76
N LEU A 236 -6.65 -5.09 17.37
CA LEU A 236 -7.93 -5.23 16.69
C LEU A 236 -8.72 -3.96 16.99
N ARG A 237 -8.95 -3.14 15.97
CA ARG A 237 -9.49 -1.80 16.15
C ARG A 237 -10.47 -1.49 15.03
N VAL A 238 -11.14 -0.34 15.14
CA VAL A 238 -12.06 0.08 14.08
C VAL A 238 -11.29 0.31 12.78
N LYS A 239 -11.87 -0.14 11.67
CA LYS A 239 -11.15 -0.15 10.41
C LYS A 239 -10.84 1.26 9.92
N ASP A 240 -9.61 1.44 9.42
CA ASP A 240 -9.11 2.65 8.77
C ASP A 240 -8.78 3.78 9.76
N VAL A 241 -9.72 4.11 10.64
CA VAL A 241 -9.45 5.14 11.66
C VAL A 241 -8.71 4.56 12.86
N ILE A 242 -8.71 3.24 13.02
CA ILE A 242 -7.93 2.54 14.03
C ILE A 242 -8.34 2.98 15.43
N SER A 243 -9.62 3.18 15.62
CA SER A 243 -10.14 3.70 16.88
C SER A 243 -10.34 2.60 17.91
N PRO A 244 -10.32 2.97 19.20
CA PRO A 244 -10.58 1.98 20.26
C PRO A 244 -11.88 1.24 20.06
N THR A 245 -11.89 -0.02 20.50
CA THR A 245 -13.12 -0.80 20.55
C THR A 245 -13.69 -0.94 21.95
N GLY A 246 -12.89 -0.72 22.99
CA GLY A 246 -13.38 -0.96 24.34
C GLY A 246 -14.57 -0.12 24.72
N THR A 247 -14.64 1.11 24.20
CA THR A 247 -15.78 1.97 24.52
C THR A 247 -17.07 1.38 23.98
N ILE A 248 -17.03 0.80 22.77
CA ILE A 248 -18.21 0.15 22.22
C ILE A 248 -18.43 -1.21 22.89
N ALA A 249 -17.40 -2.04 22.96
CA ALA A 249 -17.56 -3.40 23.48
C ALA A 249 -17.81 -3.39 24.98
N GLN A 250 -16.86 -2.86 25.76
CA GLN A 250 -16.99 -2.89 27.20
C GLN A 250 -18.03 -1.90 27.70
N GLY A 251 -18.15 -0.75 27.04
CA GLY A 251 -19.05 0.29 27.49
C GLY A 251 -20.51 0.01 27.17
N VAL A 252 -20.76 -0.60 26.01
CA VAL A 252 -22.12 -0.90 25.57
C VAL A 252 -22.46 -2.39 25.66
N LYS A 253 -21.47 -3.26 25.86
CA LYS A 253 -21.70 -4.70 26.00
C LYS A 253 -22.17 -5.34 24.69
N VAL A 254 -21.55 -4.94 23.58
CA VAL A 254 -21.93 -5.43 22.26
C VAL A 254 -21.00 -6.57 21.87
N SER A 255 -21.48 -7.43 20.99
CA SER A 255 -20.75 -8.62 20.57
C SER A 255 -20.07 -8.40 19.22
N GLN A 256 -19.04 -9.21 18.98
CA GLN A 256 -18.42 -9.29 17.67
C GLN A 256 -19.27 -10.19 16.78
N ILE A 257 -19.56 -9.74 15.57
CA ILE A 257 -20.33 -10.52 14.62
C ILE A 257 -19.64 -10.52 13.27
N ASN A 258 -19.89 -11.57 12.48
CA ASN A 258 -19.45 -11.58 11.10
C ASN A 258 -20.54 -10.95 10.24
N ALA A 259 -20.33 -10.98 8.91
CA ALA A 259 -21.27 -10.31 8.02
C ALA A 259 -22.59 -11.07 7.92
N LEU A 260 -22.60 -12.33 8.33
CA LEU A 260 -23.82 -13.11 8.44
C LEU A 260 -24.55 -12.84 9.75
N GLY A 261 -24.01 -12.00 10.62
CA GLY A 261 -24.63 -11.74 11.90
C GLY A 261 -24.36 -12.76 12.98
N GLU A 262 -23.44 -13.69 12.76
CA GLU A 262 -23.14 -14.73 13.73
C GLU A 262 -22.11 -14.23 14.73
N LYS A 263 -22.35 -14.54 16.01
CA LYS A 263 -21.39 -14.24 17.07
C LYS A 263 -20.32 -15.32 17.03
N TYR A 264 -19.27 -15.08 16.23
CA TYR A 264 -18.32 -16.15 15.93
C TYR A 264 -17.43 -16.50 17.11
N MET A 265 -17.31 -15.61 18.11
CA MET A 265 -16.49 -15.95 19.28
C MET A 265 -17.07 -17.12 20.06
N GLU A 266 -18.36 -17.41 19.88
CA GLU A 266 -18.96 -18.55 20.57
C GLU A 266 -18.41 -19.88 20.07
N LYS A 267 -17.78 -19.89 18.90
CA LYS A 267 -17.17 -21.10 18.38
C LYS A 267 -15.84 -21.43 19.06
N TYR A 268 -15.32 -20.53 19.89
CA TYR A 268 -14.02 -20.70 20.53
C TYR A 268 -14.19 -20.82 22.03
N GLU A 269 -13.36 -21.67 22.63
CA GLU A 269 -13.48 -21.94 24.06
C GLU A 269 -13.11 -20.72 24.89
N ASN A 270 -12.05 -20.02 24.52
CA ASN A 270 -11.55 -18.87 25.28
C ASN A 270 -11.70 -17.60 24.44
N ASN A 271 -12.39 -16.60 24.99
CA ASN A 271 -12.58 -15.32 24.33
C ASN A 271 -11.55 -14.31 24.83
N THR A 272 -10.30 -14.58 24.47
CA THR A 272 -9.18 -13.74 24.90
C THR A 272 -8.81 -12.75 23.79
N THR A 273 -7.95 -11.80 24.14
CA THR A 273 -7.56 -10.78 23.17
C THR A 273 -6.96 -11.38 21.90
N PRO A 274 -5.94 -12.24 21.98
CA PRO A 274 -5.39 -12.79 20.73
C PRO A 274 -6.40 -13.64 19.96
N MET A 275 -7.27 -14.37 20.66
CA MET A 275 -8.27 -15.19 19.98
C MET A 275 -9.33 -14.33 19.31
N ARG A 276 -9.67 -13.18 19.89
CA ARG A 276 -10.62 -12.29 19.24
C ARG A 276 -10.06 -11.85 17.89
N LEU A 277 -8.76 -11.56 17.83
CA LEU A 277 -8.14 -11.17 16.58
C LEU A 277 -8.03 -12.35 15.62
N TYR A 278 -7.52 -13.48 16.12
CA TYR A 278 -7.41 -14.68 15.29
C TYR A 278 -8.75 -15.09 14.70
N ALA A 279 -9.80 -15.09 15.52
CA ALA A 279 -11.11 -15.48 15.02
C ALA A 279 -11.60 -14.53 13.94
N THR A 280 -11.31 -13.23 14.09
CA THR A 280 -11.70 -12.24 13.08
C THR A 280 -11.00 -12.51 11.76
N LEU A 281 -9.70 -12.83 11.83
CA LEU A 281 -8.97 -13.16 10.62
C LEU A 281 -9.57 -14.38 9.93
N ILE A 282 -9.90 -15.41 10.71
CA ILE A 282 -10.49 -16.62 10.15
C ILE A 282 -11.80 -16.30 9.43
N GLU A 283 -12.66 -15.51 10.07
CA GLU A 283 -13.95 -15.19 9.46
C GLU A 283 -13.75 -14.54 8.10
N ASN A 284 -12.83 -13.58 8.03
CA ASN A 284 -12.58 -12.89 6.78
C ASN A 284 -12.00 -13.84 5.75
N LEU A 285 -11.00 -14.64 6.15
CA LEU A 285 -10.34 -15.52 5.19
C LEU A 285 -11.33 -16.53 4.62
N GLU A 286 -12.28 -16.99 5.43
CA GLU A 286 -13.21 -18.03 5.01
C GLU A 286 -14.46 -17.47 4.37
N GLY A 287 -14.48 -16.18 4.06
CA GLY A 287 -15.55 -15.63 3.27
C GLY A 287 -16.79 -15.23 4.02
N ARG A 288 -16.65 -14.92 5.31
CA ARG A 288 -17.78 -14.48 6.12
C ARG A 288 -17.59 -13.07 6.65
N GLY A 289 -16.58 -12.35 6.16
CA GLY A 289 -16.37 -10.97 6.57
C GLY A 289 -17.19 -9.99 5.77
N PRO A 290 -17.13 -8.71 6.15
CA PRO A 290 -16.30 -8.20 7.24
C PRO A 290 -16.83 -8.60 8.61
N CYS A 291 -16.04 -8.31 9.64
CA CYS A 291 -16.47 -8.48 11.02
C CYS A 291 -16.72 -7.12 11.66
N TYR A 292 -17.60 -7.12 12.65
CA TYR A 292 -18.09 -5.89 13.21
C TYR A 292 -18.32 -6.02 14.70
N LEU A 293 -18.43 -4.87 15.36
CA LEU A 293 -19.02 -4.78 16.69
C LEU A 293 -20.49 -4.40 16.48
N ASP A 294 -21.41 -5.20 17.03
CA ASP A 294 -22.82 -5.05 16.71
C ASP A 294 -23.47 -4.02 17.62
N THR A 295 -23.46 -2.78 17.14
CA THR A 295 -24.11 -1.67 17.83
C THR A 295 -25.57 -1.52 17.44
N ARG A 296 -26.08 -2.34 16.53
CA ARG A 296 -27.46 -2.18 16.07
C ARG A 296 -28.42 -2.27 17.25
N GLY A 297 -29.32 -1.30 17.34
CA GLY A 297 -30.36 -1.32 18.34
C GLY A 297 -30.09 -0.48 19.57
N ILE A 298 -28.90 0.11 19.69
CA ILE A 298 -28.65 1.04 20.79
C ILE A 298 -29.52 2.27 20.61
N SER A 299 -29.66 3.04 21.69
CA SER A 299 -30.54 4.19 21.67
C SER A 299 -29.85 5.41 21.07
N ASP A 300 -30.68 6.40 20.72
CA ASP A 300 -30.14 7.67 20.24
C ASP A 300 -29.23 8.31 21.28
N GLU A 301 -29.59 8.18 22.57
CA GLU A 301 -28.73 8.71 23.63
C GLU A 301 -27.40 7.98 23.68
N ASP A 302 -27.41 6.65 23.50
CA ASP A 302 -26.17 5.89 23.46
C ASP A 302 -25.30 6.33 22.28
N VAL A 303 -25.92 6.61 21.13
CA VAL A 303 -25.15 7.10 20.00
C VAL A 303 -24.47 8.41 20.36
N GLN A 304 -25.19 9.31 21.02
CA GLN A 304 -24.62 10.59 21.40
C GLN A 304 -23.47 10.40 22.38
N LYS A 305 -23.63 9.49 23.35
CA LYS A 305 -22.55 9.25 24.31
C LYS A 305 -21.31 8.70 23.60
N LEU A 306 -21.53 7.86 22.59
CA LEU A 306 -20.41 7.30 21.83
C LEU A 306 -19.67 8.39 21.07
N LYS A 307 -20.41 9.31 20.46
CA LYS A 307 -19.77 10.38 19.71
C LYS A 307 -18.94 11.27 20.63
N GLU A 308 -19.47 11.59 21.81
CA GLU A 308 -18.70 12.41 22.75
C GLU A 308 -17.47 11.68 23.24
N ALA A 309 -17.59 10.39 23.51
CA ALA A 309 -16.44 9.61 23.97
C ALA A 309 -15.36 9.56 22.89
N TYR A 310 -15.74 9.24 21.65
CA TYR A 310 -14.73 9.13 20.60
C TYR A 310 -14.15 10.49 20.24
N LEU A 311 -14.92 11.57 20.33
CA LEU A 311 -14.34 12.89 20.13
C LEU A 311 -13.21 13.13 21.12
N SER A 312 -13.32 12.55 22.31
CA SER A 312 -12.37 12.76 23.38
C SER A 312 -11.15 11.84 23.33
N MET A 313 -11.07 10.95 22.35
CA MET A 313 -9.90 10.08 22.28
C MET A 313 -9.56 9.51 20.91
N SER A 314 -10.49 9.57 19.95
CA SER A 314 -10.18 9.11 18.59
C SER A 314 -11.10 9.82 17.60
N PRO A 315 -10.91 11.11 17.37
CA PRO A 315 -11.92 11.89 16.64
C PRO A 315 -12.12 11.47 15.20
N GLY A 316 -11.12 10.83 14.58
CA GLY A 316 -11.26 10.44 13.18
C GLY A 316 -12.48 9.61 12.89
N ILE A 317 -12.93 8.78 13.85
CA ILE A 317 -14.09 7.93 13.60
C ILE A 317 -15.34 8.75 13.32
N ILE A 318 -15.47 9.91 13.96
CA ILE A 318 -16.64 10.75 13.71
C ILE A 318 -16.68 11.17 12.25
N LEU A 319 -15.51 11.44 11.67
CA LEU A 319 -15.46 11.85 10.27
C LEU A 319 -15.80 10.69 9.35
N LYS A 320 -15.32 9.48 9.67
CA LYS A 320 -15.68 8.33 8.87
C LYS A 320 -17.18 8.10 8.90
N TRP A 321 -17.79 8.20 10.08
CA TRP A 321 -19.22 7.97 10.19
C TRP A 321 -20.00 9.02 9.39
N LYS A 322 -19.55 10.27 9.41
CA LYS A 322 -20.25 11.32 8.67
C LYS A 322 -20.09 11.14 7.17
N ASP A 323 -18.86 10.82 6.71
CA ASP A 323 -18.61 10.62 5.29
C ASP A 323 -19.39 9.44 4.74
N GLU A 324 -19.41 8.32 5.48
CA GLU A 324 -19.98 7.07 5.01
C GLU A 324 -21.40 6.84 5.50
N LYS A 325 -21.99 7.81 6.19
CA LYS A 325 -23.39 7.76 6.60
C LYS A 325 -23.65 6.56 7.51
N ILE A 326 -22.77 6.39 8.49
CA ILE A 326 -22.88 5.31 9.46
C ILE A 326 -23.49 5.88 10.73
N ASN A 327 -24.68 5.39 11.10
CA ASN A 327 -25.22 5.62 12.44
C ASN A 327 -25.12 4.29 13.17
N PRO A 328 -24.34 4.20 14.25
CA PRO A 328 -24.14 2.88 14.89
C PRO A 328 -25.41 2.18 15.32
N LYS A 329 -26.50 2.91 15.60
CA LYS A 329 -27.72 2.22 15.97
C LYS A 329 -28.31 1.44 14.79
N ASN A 330 -27.98 1.80 13.56
CA ASN A 330 -28.48 1.10 12.38
C ASN A 330 -27.46 0.23 11.68
N THR A 331 -26.17 0.55 11.78
CA THR A 331 -25.10 -0.10 11.05
C THR A 331 -24.01 -0.48 12.04
N PRO A 332 -23.58 -1.74 12.08
CA PRO A 332 -22.51 -2.13 13.01
C PRO A 332 -21.17 -1.56 12.56
N ILE A 333 -20.19 -1.63 13.47
CA ILE A 333 -18.91 -0.93 13.34
C ILE A 333 -17.85 -1.93 12.88
N GLU A 334 -17.29 -1.71 11.69
CA GLU A 334 -16.36 -2.65 11.10
C GLU A 334 -15.01 -2.62 11.79
N ILE A 335 -14.41 -3.80 12.02
CA ILE A 335 -13.17 -3.93 12.77
C ILE A 335 -12.15 -4.71 11.95
N CYS A 336 -10.87 -4.45 12.20
CA CYS A 336 -9.83 -5.23 11.57
C CYS A 336 -8.50 -5.02 12.28
N GLY A 337 -7.52 -5.83 11.88
CA GLY A 337 -6.23 -5.82 12.52
C GLY A 337 -5.25 -4.79 11.98
N SER A 338 -4.34 -4.37 12.85
CA SER A 338 -3.33 -3.37 12.54
C SER A 338 -2.05 -4.04 12.02
N GLU A 339 -1.00 -3.23 11.78
CA GLU A 339 0.34 -3.77 11.59
C GLU A 339 0.82 -4.37 12.92
N PRO A 340 1.82 -5.25 12.89
CA PRO A 340 2.46 -5.68 14.14
C PRO A 340 3.38 -4.58 14.68
N TYR A 341 3.30 -4.36 15.97
CA TYR A 341 4.13 -3.41 16.70
C TYR A 341 5.07 -4.17 17.62
N ILE A 342 6.19 -3.54 17.97
CA ILE A 342 7.15 -4.10 18.90
C ILE A 342 7.01 -3.29 20.18
N VAL A 343 6.23 -3.80 21.13
CA VAL A 343 5.88 -3.03 22.31
C VAL A 343 5.85 -3.90 23.56
N GLY A 344 6.18 -3.26 24.68
CA GLY A 344 6.16 -3.89 25.98
C GLY A 344 5.03 -3.45 26.87
N GLY A 345 4.02 -2.78 26.33
CA GLY A 345 2.84 -2.44 27.11
C GLY A 345 1.71 -3.40 26.85
N HIS A 346 1.16 -3.36 25.63
CA HIS A 346 0.17 -4.33 25.20
C HIS A 346 0.80 -5.65 24.79
N GLY A 347 2.11 -5.67 24.54
CA GLY A 347 2.85 -6.89 24.31
C GLY A 347 3.96 -7.01 25.33
N GLN A 348 4.91 -7.91 25.12
CA GLN A 348 5.93 -8.18 26.13
C GLN A 348 7.34 -8.11 25.57
N ALA A 349 7.53 -7.31 24.53
CA ALA A 349 8.85 -7.09 23.93
C ALA A 349 9.50 -5.85 24.52
N GLY A 350 10.82 -5.89 24.65
CA GLY A 350 11.56 -4.71 25.05
C GLY A 350 12.83 -5.06 25.80
N TYR A 351 13.33 -4.10 26.56
CA TYR A 351 14.54 -4.33 27.35
C TYR A 351 14.32 -5.49 28.32
N TRP A 352 15.38 -6.27 28.54
CA TRP A 352 15.44 -7.25 29.62
C TRP A 352 15.93 -6.52 30.88
N VAL A 353 15.13 -6.55 31.94
CA VAL A 353 15.45 -5.82 33.15
C VAL A 353 15.31 -6.74 34.36
N ASP A 354 16.00 -6.35 35.44
CA ASP A 354 15.78 -7.01 36.72
C ASP A 354 14.51 -6.43 37.37
N ILE A 355 14.19 -6.95 38.56
CA ILE A 355 12.96 -6.55 39.24
C ILE A 355 12.98 -5.06 39.59
N ASN A 356 14.16 -4.48 39.74
CA ASN A 356 14.30 -3.06 39.99
C ASN A 356 14.33 -2.25 38.71
N ARG A 357 14.08 -2.89 37.58
CA ARG A 357 14.03 -2.24 36.27
C ARG A 357 15.41 -1.75 35.82
N LYS A 358 16.48 -2.32 36.35
CA LYS A 358 17.80 -2.09 35.80
C LYS A 358 17.99 -2.97 34.57
N THR A 359 18.50 -2.37 33.50
CA THR A 359 18.88 -3.12 32.30
C THR A 359 20.14 -3.93 32.58
N THR A 360 20.65 -4.61 31.56
CA THR A 360 21.90 -5.33 31.72
C THR A 360 23.12 -4.42 31.68
N LEU A 361 22.94 -3.12 31.49
CA LEU A 361 24.04 -2.17 31.54
C LEU A 361 23.98 -1.40 32.85
N GLU A 362 25.11 -1.32 33.55
CA GLU A 362 25.14 -0.54 34.78
C GLU A 362 24.87 0.93 34.45
N GLY A 363 24.05 1.57 35.29
CA GLY A 363 23.69 2.96 35.13
C GLY A 363 22.46 3.20 34.28
N LEU A 364 21.90 2.16 33.65
CA LEU A 364 20.78 2.32 32.75
C LEU A 364 19.59 1.51 33.26
N TYR A 365 18.47 2.21 33.47
CA TYR A 365 17.20 1.66 33.90
C TYR A 365 16.21 1.90 32.78
N ALA A 366 15.07 1.20 32.83
CA ALA A 366 14.08 1.36 31.77
C ALA A 366 12.69 1.12 32.32
N ALA A 367 11.70 1.76 31.70
CA ALA A 367 10.34 1.70 32.22
C ALA A 367 9.33 1.94 31.10
N GLY A 368 8.23 1.20 31.15
CA GLY A 368 7.11 1.42 30.26
C GLY A 368 7.07 0.48 29.07
N ASP A 369 6.51 0.97 27.95
CA ASP A 369 6.36 0.17 26.74
C ASP A 369 7.72 -0.26 26.17
N VAL A 370 8.81 0.40 26.56
CA VAL A 370 10.15 -0.03 26.15
C VAL A 370 10.66 -1.26 26.88
N VAL A 371 9.95 -1.75 27.92
CA VAL A 371 10.42 -2.84 28.76
C VAL A 371 9.61 -4.10 28.47
N GLY A 372 10.30 -5.21 28.25
CA GLY A 372 9.65 -6.47 27.96
C GLY A 372 9.30 -7.26 29.22
N GLY A 373 8.62 -8.39 29.00
CA GLY A 373 8.34 -9.36 30.03
C GLY A 373 6.95 -9.31 30.66
N SER A 374 6.20 -8.23 30.46
CA SER A 374 4.97 -8.03 31.23
C SER A 374 3.92 -7.30 30.41
N PRO A 375 3.05 -8.05 29.72
CA PRO A 375 1.99 -7.43 28.93
C PRO A 375 0.85 -6.96 29.83
N LYS A 376 -0.15 -6.33 29.22
CA LYS A 376 -1.31 -5.80 29.93
C LYS A 376 -0.90 -4.75 30.97
N LYS A 377 0.09 -3.95 30.60
CA LYS A 377 0.65 -2.93 31.48
C LYS A 377 -0.22 -1.68 31.53
N TYR A 378 -0.54 -1.13 30.36
CA TYR A 378 -1.37 0.07 30.23
C TYR A 378 -0.76 1.29 30.90
N VAL A 379 -1.52 2.39 30.95
N VAL A 379 -1.53 2.37 31.02
CA VAL A 379 -0.96 3.64 31.45
CA VAL A 379 -0.93 3.64 31.44
C VAL A 379 -0.44 3.46 32.87
C VAL A 379 -0.50 3.58 32.91
N THR A 380 -1.30 2.94 33.76
CA THR A 380 -0.94 2.82 35.17
C THR A 380 0.27 1.90 35.37
N GLY A 381 0.34 0.82 34.61
CA GLY A 381 1.50 -0.06 34.69
C GLY A 381 2.78 0.63 34.24
N CYS A 382 2.71 1.44 33.18
CA CYS A 382 3.88 2.18 32.74
C CYS A 382 4.31 3.21 33.79
N MET A 383 3.35 3.93 34.37
CA MET A 383 3.67 4.84 35.47
C MET A 383 4.33 4.10 36.61
N ALA A 384 3.77 2.93 36.97
CA ALA A 384 4.33 2.14 38.06
C ALA A 384 5.78 1.77 37.79
N GLU A 385 6.09 1.37 36.55
CA GLU A 385 7.47 1.00 36.21
C GLU A 385 8.38 2.22 36.29
N GLY A 386 7.90 3.39 35.88
CA GLY A 386 8.68 4.60 36.04
C GLY A 386 9.12 4.80 37.49
N GLU A 387 8.19 4.61 38.43
CA GLU A 387 8.51 4.77 39.85
C GLU A 387 9.54 3.74 40.29
N ILE A 388 9.34 2.48 39.92
CA ILE A 388 10.24 1.42 40.35
C ILE A 388 11.65 1.70 39.84
N ALA A 389 11.76 2.06 38.56
CA ALA A 389 13.06 2.34 37.95
C ALA A 389 13.76 3.50 38.63
N VAL A 390 13.04 4.61 38.85
CA VAL A 390 13.68 5.80 39.43
C VAL A 390 14.08 5.54 40.88
N GLU A 391 13.26 4.81 41.63
CA GLU A 391 13.64 4.49 43.02
C GLU A 391 14.96 3.74 43.06
N ALA A 392 15.14 2.79 42.16
CA ALA A 392 16.39 2.02 42.12
C ALA A 392 17.54 2.88 41.62
N ALA A 393 17.29 3.72 40.63
CA ALA A 393 18.32 4.60 40.10
C ALA A 393 18.80 5.58 41.17
N ILE A 394 17.88 6.07 42.01
CA ILE A 394 18.27 6.99 43.06
C ILE A 394 19.13 6.29 44.10
N GLU A 395 18.79 5.06 44.47
CA GLU A 395 19.63 4.31 45.40
C GLU A 395 21.02 4.08 44.82
N TYR A 396 21.09 3.83 43.50
CA TYR A 396 22.36 3.54 42.85
C TYR A 396 23.26 4.76 42.80
N ILE A 397 22.69 5.94 42.53
CA ILE A 397 23.51 7.15 42.40
C ILE A 397 23.98 7.70 43.74
N LYS A 398 23.44 7.19 44.85
CA LYS A 398 23.76 7.74 46.17
C LYS A 398 25.26 7.86 46.40
N SER A 399 26.03 6.87 45.94
CA SER A 399 27.46 6.88 46.20
C SER A 399 28.24 7.83 45.29
N MET A 400 27.85 7.93 44.02
CA MET A 400 28.72 8.53 43.02
C MET A 400 28.52 10.05 42.85
N GLU A 401 29.34 10.62 41.96
CA GLU A 401 29.34 12.03 41.60
C GLU A 401 29.62 12.13 40.10
N ASN A 402 29.19 13.25 39.50
CA ASN A 402 29.37 13.42 38.05
C ASN A 402 30.82 13.75 37.71
N ASP A 403 31.75 12.91 38.17
CA ASP A 403 33.17 13.11 37.92
C ASP A 403 33.68 12.34 36.71
N ILE A 404 32.81 11.61 36.00
CA ILE A 404 33.23 10.90 34.81
C ILE A 404 33.51 11.91 33.70
N GLU A 405 34.62 11.72 33.01
CA GLU A 405 35.07 12.62 31.95
C GLU A 405 35.00 11.87 30.63
N ILE A 406 34.23 12.41 29.69
CA ILE A 406 34.15 11.79 28.36
C ILE A 406 35.29 12.33 27.52
N ASP A 407 35.79 11.46 26.64
CA ASP A 407 36.91 11.81 25.77
C ASP A 407 36.37 12.54 24.55
N GLU A 408 37.10 13.57 24.14
CA GLU A 408 36.63 14.42 23.05
C GLU A 408 36.48 13.65 21.75
N GLN A 409 37.30 12.61 21.55
CA GLN A 409 37.19 11.83 20.33
C GLN A 409 35.84 11.11 20.26
N GLU A 410 35.34 10.67 21.43
CA GLU A 410 34.06 9.97 21.50
C GLU A 410 32.91 10.90 21.15
N ILE A 411 32.93 12.12 21.68
CA ILE A 411 31.93 13.12 21.31
C ILE A 411 32.00 13.36 19.81
N ALA A 412 33.20 13.50 19.27
CA ALA A 412 33.34 13.80 17.84
C ALA A 412 32.79 12.65 16.99
N LYS A 413 33.00 11.41 17.46
CA LYS A 413 32.49 10.25 16.73
C LYS A 413 30.97 10.26 16.65
N GLU A 414 30.29 10.60 17.75
CA GLU A 414 28.83 10.62 17.73
C GLU A 414 28.33 11.77 16.88
N ILE A 415 28.98 12.93 16.96
CA ILE A 415 28.58 14.08 16.13
C ILE A 415 28.67 13.70 14.66
N ASP A 416 29.77 13.06 14.25
CA ASP A 416 29.91 12.64 12.87
C ASP A 416 28.83 11.64 12.49
N ARG A 417 28.53 10.70 13.38
CA ARG A 417 27.47 9.74 13.09
C ARG A 417 26.12 10.42 13.02
N VAL A 418 25.84 11.35 13.93
CA VAL A 418 24.51 11.94 13.99
C VAL A 418 24.24 12.83 12.78
N PHE A 419 25.24 13.61 12.35
CA PHE A 419 25.02 14.61 11.30
C PHE A 419 25.49 14.16 9.93
N TYR A 420 25.86 12.90 9.77
CA TYR A 420 26.42 12.43 8.50
C TYR A 420 25.57 12.76 7.29
N PRO A 421 24.27 12.41 7.24
CA PRO A 421 23.50 12.68 6.01
C PRO A 421 23.27 14.14 5.72
N LEU A 422 23.39 15.02 6.72
CA LEU A 422 23.24 16.45 6.49
C LEU A 422 24.42 16.99 5.69
N ASN A 423 25.57 16.33 5.76
CA ASN A 423 26.77 16.73 5.05
C ASN A 423 27.07 15.86 3.83
N ASN A 424 26.10 15.05 3.40
CA ASN A 424 26.33 14.07 2.35
C ASN A 424 25.89 14.64 1.01
N LYS A 425 26.78 15.44 0.41
CA LYS A 425 26.49 16.02 -0.90
C LYS A 425 26.20 14.94 -1.93
N LYS A 426 26.85 13.78 -1.81
CA LYS A 426 26.69 12.70 -2.78
C LYS A 426 25.54 11.76 -2.47
N GLY A 427 24.78 12.01 -1.42
CA GLY A 427 23.67 11.13 -1.09
C GLY A 427 22.64 11.09 -2.20
N GLU A 428 21.94 9.96 -2.30
CA GLU A 428 20.99 9.74 -3.39
C GLU A 428 19.63 9.22 -2.95
N PHE A 429 19.45 8.90 -1.67
CA PHE A 429 18.18 8.42 -1.15
C PHE A 429 17.72 9.33 -0.01
N SER A 430 16.41 9.38 0.18
CA SER A 430 15.79 10.08 1.29
C SER A 430 15.39 9.11 2.40
N PRO A 431 15.23 9.60 3.62
CA PRO A 431 14.73 8.71 4.67
C PRO A 431 13.37 8.09 4.33
N ASP A 432 12.48 8.86 3.70
CA ASP A 432 11.16 8.34 3.36
C ASP A 432 11.25 7.14 2.42
N GLU A 433 12.12 7.23 1.41
CA GLU A 433 12.30 6.13 0.47
C GLU A 433 12.80 4.87 1.18
N ILE A 434 13.79 5.01 2.05
CA ILE A 434 14.35 3.84 2.72
C ILE A 434 13.34 3.30 3.72
N GLU A 435 12.57 4.17 4.37
CA GLU A 435 11.54 3.71 5.30
C GLU A 435 10.53 2.82 4.58
N GLU A 436 10.09 3.23 3.39
CA GLU A 436 9.12 2.44 2.64
C GLU A 436 9.73 1.12 2.21
N ARG A 437 11.00 1.14 1.81
CA ARG A 437 11.71 -0.08 1.43
C ARG A 437 11.75 -1.07 2.58
N MET A 438 12.10 -0.59 3.78
CA MET A 438 12.15 -1.47 4.94
C MET A 438 10.78 -2.04 5.27
N GLN A 439 9.74 -1.19 5.24
CA GLN A 439 8.39 -1.65 5.57
C GLN A 439 7.92 -2.72 4.58
N LYS A 440 8.28 -2.58 3.30
CA LYS A 440 7.97 -3.61 2.32
C LYS A 440 8.64 -4.92 2.66
N VAL A 441 9.95 -4.87 2.96
CA VAL A 441 10.68 -6.08 3.32
C VAL A 441 10.00 -6.78 4.48
N MET A 442 9.69 -6.05 5.53
CA MET A 442 9.13 -6.65 6.73
C MET A 442 7.71 -7.16 6.47
N ASP A 443 6.90 -6.38 5.75
CA ASP A 443 5.53 -6.83 5.46
C ASP A 443 5.54 -8.14 4.69
N GLU A 444 6.41 -8.26 3.68
CA GLU A 444 6.39 -9.41 2.79
C GLU A 444 7.17 -10.62 3.31
N TYR A 445 8.22 -10.40 4.09
CA TYR A 445 9.09 -11.48 4.48
C TYR A 445 9.18 -11.74 5.97
N ALA A 446 8.53 -10.94 6.80
CA ALA A 446 8.58 -11.10 8.25
C ALA A 446 7.18 -11.06 8.87
N GLY A 447 6.15 -11.40 8.10
CA GLY A 447 4.85 -11.63 8.66
C GLY A 447 4.03 -10.39 8.94
N GLY A 448 3.95 -9.49 7.96
CA GLY A 448 3.09 -8.34 8.05
C GLY A 448 1.66 -8.63 7.63
N ILE A 449 0.90 -7.56 7.45
CA ILE A 449 -0.51 -7.66 7.09
C ILE A 449 -0.70 -8.49 5.83
N SER A 450 0.18 -8.32 4.84
CA SER A 450 -0.07 -8.96 3.55
C SER A 450 0.01 -10.48 3.60
N SER A 451 0.70 -11.04 4.58
CA SER A 451 0.73 -12.48 4.78
C SER A 451 -0.18 -12.93 5.90
N TYR A 452 -1.11 -12.07 6.32
CA TYR A 452 -2.00 -12.40 7.44
C TYR A 452 -1.20 -12.75 8.68
N TYR A 453 -0.06 -12.08 8.84
CA TYR A 453 0.82 -12.17 10.00
C TYR A 453 1.61 -13.47 10.08
N ARG A 454 1.55 -14.32 9.07
CA ARG A 454 2.22 -15.61 9.08
C ARG A 454 3.66 -15.48 8.63
N VAL A 455 4.55 -16.26 9.26
CA VAL A 455 6.01 -16.24 8.92
C VAL A 455 6.48 -17.69 8.76
N ASN A 456 7.48 -17.81 8.01
N ASN A 456 7.46 -17.81 7.99
CA ASN A 456 8.14 -19.10 7.89
CA ASN A 456 8.13 -19.10 7.84
C ASN A 456 9.64 -18.86 7.76
C ASN A 456 9.64 -18.86 7.76
N GLU A 457 10.40 -19.93 8.01
CA GLU A 457 11.87 -19.81 8.02
C GLU A 457 12.41 -19.19 6.74
N SER A 458 11.97 -19.68 5.58
CA SER A 458 12.56 -19.25 4.32
C SER A 458 12.39 -17.75 4.10
N LYS A 459 11.20 -17.23 4.38
CA LYS A 459 10.97 -15.79 4.21
C LYS A 459 11.81 -14.98 5.19
N LEU A 460 11.93 -15.46 6.44
CA LEU A 460 12.71 -14.73 7.44
C LEU A 460 14.19 -14.69 7.07
N LEU A 461 14.72 -15.77 6.52
CA LEU A 461 16.10 -15.76 6.04
C LEU A 461 16.30 -14.71 4.95
N ILE A 462 15.30 -14.54 4.08
CA ILE A 462 15.35 -13.48 3.07
C ILE A 462 15.31 -12.11 3.75
N ALA A 463 14.41 -11.94 4.73
CA ALA A 463 14.33 -10.66 5.43
C ALA A 463 15.68 -10.29 6.04
N ARG A 464 16.40 -11.27 6.61
CA ARG A 464 17.67 -10.98 7.26
C ARG A 464 18.64 -10.36 6.25
N GLU A 465 18.71 -10.93 5.04
CA GLU A 465 19.66 -10.45 4.06
C GLU A 465 19.22 -9.13 3.45
N LEU A 466 17.90 -8.94 3.25
CA LEU A 466 17.41 -7.69 2.69
C LEU A 466 17.62 -6.53 3.65
N LEU A 467 17.46 -6.77 4.95
CA LEU A 467 17.68 -5.70 5.93
C LEU A 467 19.17 -5.31 5.95
N LYS A 468 20.06 -6.28 5.79
CA LYS A 468 21.48 -5.97 5.76
C LYS A 468 21.81 -5.09 4.56
N ALA A 469 21.14 -5.33 3.43
CA ALA A 469 21.37 -4.51 2.25
C ALA A 469 20.82 -3.10 2.45
N ILE A 470 19.70 -2.96 3.16
CA ILE A 470 19.20 -1.61 3.46
C ILE A 470 20.20 -0.87 4.33
N GLU A 471 20.75 -1.55 5.35
CA GLU A 471 21.71 -0.90 6.23
C GLU A 471 22.94 -0.42 5.44
N GLU A 472 23.37 -1.21 4.45
CA GLU A 472 24.50 -0.78 3.63
C GLU A 472 24.19 0.52 2.90
N ASP A 473 22.92 0.77 2.60
CA ASP A 473 22.54 1.96 1.85
C ASP A 473 22.25 3.16 2.73
N LEU A 474 22.29 3.00 4.05
CA LEU A 474 22.07 4.16 4.93
C LEU A 474 23.10 5.25 4.65
N SER A 475 24.32 4.88 4.28
CA SER A 475 25.34 5.87 3.97
C SER A 475 25.05 6.64 2.69
N LYS A 476 24.06 6.23 1.91
CA LYS A 476 23.68 6.93 0.70
C LYS A 476 22.48 7.84 0.90
N ILE A 477 22.09 8.07 2.14
CA ILE A 477 20.99 8.98 2.44
C ILE A 477 21.54 10.39 2.54
N LYS A 478 20.78 11.35 2.03
CA LYS A 478 21.03 12.77 2.28
C LYS A 478 19.77 13.37 2.88
N VAL A 479 19.96 14.35 3.77
CA VAL A 479 18.88 15.13 4.34
C VAL A 479 19.25 16.61 4.20
N ARG A 480 18.22 17.46 4.19
CA ARG A 480 18.40 18.87 3.94
C ARG A 480 18.17 19.76 5.15
N ASN A 481 17.62 19.25 6.25
CA ASN A 481 17.40 20.05 7.44
C ASN A 481 17.32 19.13 8.65
N ARG A 482 17.21 19.74 9.83
N ARG A 482 17.23 19.74 9.83
CA ARG A 482 17.27 18.95 11.06
CA ARG A 482 17.26 18.97 11.06
C ARG A 482 16.02 18.12 11.27
C ARG A 482 16.04 18.08 11.19
N TYR A 483 14.88 18.55 10.74
CA TYR A 483 13.67 17.73 10.82
C TYR A 483 13.84 16.43 10.06
N GLU A 484 14.36 16.51 8.83
CA GLU A 484 14.62 15.30 8.04
C GLU A 484 15.76 14.49 8.65
N LEU A 485 16.67 15.14 9.39
CA LEU A 485 17.68 14.41 10.12
C LEU A 485 17.06 13.53 11.21
N MET A 486 16.03 14.04 11.88
CA MET A 486 15.33 13.20 12.85
C MET A 486 14.71 11.99 12.15
N LYS A 487 14.14 12.19 10.95
CA LYS A 487 13.55 11.08 10.23
C LYS A 487 14.60 10.04 9.83
N TYR A 488 15.80 10.51 9.48
CA TYR A 488 16.90 9.58 9.21
C TYR A 488 17.19 8.71 10.43
N HIS A 489 17.29 9.31 11.62
CA HIS A 489 17.57 8.52 12.82
C HIS A 489 16.43 7.57 13.16
N GLU A 490 15.18 7.96 12.88
CA GLU A 490 14.06 7.02 13.04
C GLU A 490 14.24 5.78 12.16
N VAL A 491 14.74 5.96 10.94
CA VAL A 491 14.97 4.83 10.03
C VAL A 491 16.15 4.00 10.50
N VAL A 492 17.27 4.65 10.84
CA VAL A 492 18.43 3.93 11.35
C VAL A 492 18.03 3.05 12.53
N ASP A 493 17.29 3.63 13.47
CA ASP A 493 16.90 2.88 14.66
C ASP A 493 15.98 1.72 14.30
N ARG A 494 15.00 1.97 13.43
CA ARG A 494 14.06 0.90 13.08
C ARG A 494 14.73 -0.23 12.32
N ILE A 495 15.73 0.06 11.48
CA ILE A 495 16.43 -1.01 10.78
C ILE A 495 17.06 -1.97 11.79
N LEU A 496 17.75 -1.43 12.79
CA LEU A 496 18.37 -2.28 13.81
C LEU A 496 17.32 -3.06 14.56
N VAL A 497 16.19 -2.44 14.91
CA VAL A 497 15.13 -3.15 15.62
C VAL A 497 14.57 -4.26 14.73
N ALA A 498 14.36 -3.96 13.44
CA ALA A 498 13.84 -4.95 12.52
C ALA A 498 14.79 -6.15 12.41
N ARG A 499 16.09 -5.89 12.34
CA ARG A 499 17.06 -6.99 12.29
C ARG A 499 16.92 -7.89 13.52
N ALA A 500 16.72 -7.29 14.70
CA ALA A 500 16.51 -8.09 15.91
C ALA A 500 15.20 -8.87 15.83
N VAL A 501 14.12 -8.21 15.41
CA VAL A 501 12.83 -8.89 15.28
C VAL A 501 13.00 -10.14 14.44
N VAL A 502 13.67 -10.01 13.29
CA VAL A 502 13.83 -11.15 12.38
C VAL A 502 14.56 -12.28 13.09
N GLU A 503 15.64 -11.96 13.81
CA GLU A 503 16.39 -13.01 14.47
C GLU A 503 15.55 -13.72 15.53
N HIS A 504 14.76 -12.96 16.29
CA HIS A 504 13.90 -13.57 17.30
C HIS A 504 12.86 -14.47 16.64
N LEU A 505 12.22 -13.98 15.58
CA LEU A 505 11.21 -14.77 14.88
C LEU A 505 11.82 -16.04 14.31
N LEU A 506 13.05 -15.94 13.80
CA LEU A 506 13.75 -17.13 13.29
C LEU A 506 14.01 -18.13 14.41
N TYR A 507 14.32 -17.64 15.61
CA TYR A 507 14.84 -18.53 16.65
C TYR A 507 13.74 -19.34 17.32
N ARG A 508 12.60 -18.72 17.64
CA ARG A 508 11.56 -19.42 18.40
C ARG A 508 10.78 -20.35 17.48
N LYS A 509 11.10 -21.64 17.54
CA LYS A 509 10.51 -22.63 16.63
C LYS A 509 9.32 -23.31 17.28
N GLU A 510 8.26 -22.53 17.41
CA GLU A 510 6.97 -22.91 17.99
C GLU A 510 6.05 -21.73 17.74
N THR A 511 4.76 -21.93 17.97
CA THR A 511 3.79 -20.84 17.95
C THR A 511 3.19 -20.77 19.35
N ARG A 512 3.60 -19.75 20.11
CA ARG A 512 3.13 -19.52 21.46
C ARG A 512 2.05 -18.45 21.54
N TRP A 513 2.17 -17.38 20.77
CA TRP A 513 1.17 -16.32 20.75
C TRP A 513 0.48 -16.33 19.39
N LYS A 514 -0.80 -16.68 19.38
CA LYS A 514 -1.55 -16.63 18.13
C LYS A 514 -1.56 -15.22 17.57
N CYS A 515 -1.46 -15.10 16.25
N CYS A 515 -1.40 -15.12 16.25
CA CYS A 515 -1.41 -13.82 15.57
CA CYS A 515 -1.29 -13.88 15.48
C CYS A 515 -0.08 -13.11 15.78
C CYS A 515 -0.04 -13.06 15.77
N TYR A 516 0.26 -12.83 17.05
CA TYR A 516 1.42 -12.00 17.37
C TYR A 516 2.74 -12.68 17.02
N GLN A 517 2.75 -14.00 16.88
CA GLN A 517 3.97 -14.77 16.70
C GLN A 517 3.64 -16.06 15.95
N GLU A 518 3.11 -15.93 14.72
CA GLU A 518 2.58 -17.07 13.98
C GLU A 518 3.66 -17.70 13.11
N ARG A 519 4.39 -18.66 13.68
CA ARG A 519 5.40 -19.45 12.91
C ARG A 519 4.62 -20.59 12.26
N VAL A 520 4.21 -20.43 11.01
CA VAL A 520 3.36 -21.43 10.39
C VAL A 520 4.08 -22.76 10.17
N ASP A 521 5.42 -22.75 10.09
CA ASP A 521 6.17 -23.98 9.92
C ASP A 521 6.39 -24.71 11.24
N TYR A 522 6.05 -24.08 12.37
CA TYR A 522 6.02 -24.70 13.70
C TYR A 522 4.72 -24.28 14.36
N PRO A 523 3.60 -24.83 13.92
CA PRO A 523 2.29 -24.29 14.31
C PRO A 523 1.83 -24.61 15.73
N GLU A 524 2.52 -25.48 16.46
CA GLU A 524 2.08 -25.86 17.79
C GLU A 524 2.90 -25.20 18.87
N ILE A 525 2.30 -25.04 20.03
CA ILE A 525 3.03 -24.59 21.22
C ILE A 525 3.85 -25.77 21.74
N ASP A 526 5.02 -25.46 22.30
CA ASP A 526 6.02 -26.49 22.63
C ASP A 526 6.58 -26.20 24.02
N ASP A 527 6.37 -27.14 24.94
CA ASP A 527 6.86 -26.94 26.30
C ASP A 527 8.38 -26.83 26.37
N ASN A 528 9.09 -27.42 25.39
CA ASN A 528 10.54 -27.27 25.37
C ASN A 528 10.99 -25.84 25.09
N TRP A 529 10.07 -24.97 24.67
CA TRP A 529 10.38 -23.58 24.39
C TRP A 529 9.88 -22.65 25.50
N PHE A 530 9.61 -23.20 26.68
CA PHE A 530 9.17 -22.40 27.82
C PHE A 530 10.39 -21.75 28.45
N LYS A 531 10.87 -20.71 27.78
CA LYS A 531 12.05 -19.95 28.16
C LYS A 531 12.00 -18.66 27.36
N PHE A 532 12.81 -17.69 27.77
CA PHE A 532 12.85 -16.40 27.09
C PHE A 532 13.96 -16.38 26.03
N ILE A 533 13.62 -15.82 24.88
CA ILE A 533 14.56 -15.59 23.79
C ILE A 533 14.97 -14.14 23.86
N ASN A 534 16.25 -13.89 24.09
CA ASN A 534 16.80 -12.55 24.23
C ASN A 534 17.81 -12.30 23.13
N SER A 535 18.21 -11.05 22.97
CA SER A 535 19.18 -10.72 21.95
C SER A 535 20.09 -9.59 22.43
N LYS A 536 21.27 -9.55 21.83
CA LYS A 536 22.21 -8.43 22.00
C LYS A 536 22.80 -8.14 20.64
N TYR A 537 23.27 -6.91 20.47
CA TYR A 537 23.89 -6.49 19.22
C TYR A 537 25.40 -6.56 19.41
N ASN A 538 26.08 -7.23 18.48
CA ASN A 538 27.54 -7.35 18.51
C ASN A 538 28.09 -6.28 17.58
N SER A 539 28.74 -5.26 18.14
CA SER A 539 29.20 -4.15 17.31
C SER A 539 30.44 -4.54 16.51
N GLN A 540 31.16 -5.56 16.94
CA GLN A 540 32.35 -6.01 16.22
C GLN A 540 31.98 -6.76 14.95
N THR A 541 30.86 -7.49 14.96
CA THR A 541 30.42 -8.27 13.82
C THR A 541 29.24 -7.65 13.11
N ASN A 542 28.61 -6.63 13.70
CA ASN A 542 27.41 -6.01 13.16
C ASN A 542 26.31 -7.05 12.98
N ASP A 543 26.11 -7.89 14.00
CA ASP A 543 25.11 -8.93 13.96
C ASP A 543 24.37 -8.98 15.29
N ILE A 544 23.14 -9.47 15.23
CA ILE A 544 22.32 -9.73 16.41
C ILE A 544 22.58 -11.15 16.87
N GLU A 545 22.90 -11.33 18.14
CA GLU A 545 23.14 -12.64 18.72
C GLU A 545 22.03 -13.00 19.70
N ILE A 546 21.54 -14.23 19.61
CA ILE A 546 20.47 -14.71 20.47
C ILE A 546 21.04 -15.28 21.76
N ILE A 547 20.36 -14.99 22.87
CA ILE A 547 20.67 -15.50 24.20
C ILE A 547 19.40 -16.10 24.77
N GLU A 548 19.49 -17.31 25.30
CA GLU A 548 18.35 -17.91 25.99
C GLU A 548 18.46 -17.61 27.48
N ARG A 549 17.34 -17.24 28.09
CA ARG A 549 17.25 -17.05 29.53
C ARG A 549 16.14 -17.95 30.06
N GLU A 550 16.45 -18.71 31.10
CA GLU A 550 15.46 -19.66 31.61
C GLU A 550 14.37 -18.90 32.38
N TYR A 551 13.18 -19.46 32.36
CA TYR A 551 12.09 -18.93 33.15
C TYR A 551 12.34 -19.28 34.61
N GLU A 552 12.16 -18.31 35.50
CA GLU A 552 12.38 -18.51 36.92
C GLU A 552 11.07 -18.23 37.65
N LYS A 553 10.64 -19.19 38.46
CA LYS A 553 9.45 -18.97 39.29
C LYS A 553 9.72 -17.79 40.21
N PHE A 554 8.71 -16.96 40.39
CA PHE A 554 8.79 -15.82 41.30
C PHE A 554 8.09 -16.20 42.60
N ASN A 555 8.81 -16.11 43.71
CA ASN A 555 8.23 -16.31 45.04
C ASN A 555 8.53 -15.08 45.88
N PRO A 556 7.51 -14.28 46.25
CA PRO A 556 7.75 -13.08 47.08
C PRO A 556 7.80 -13.40 48.58
N MET B 1 -11.35 27.17 -27.46
CA MET B 1 -11.15 25.76 -27.93
C MET B 1 -11.67 25.62 -29.35
N ASP B 2 -10.88 24.97 -30.19
CA ASP B 2 -11.21 24.77 -31.60
C ASP B 2 -11.87 23.40 -31.73
N VAL B 3 -13.12 23.39 -32.19
CA VAL B 3 -13.88 22.17 -32.42
C VAL B 3 -13.73 21.82 -33.89
N LYS B 4 -13.20 20.64 -34.18
CA LYS B 4 -12.93 20.21 -35.55
C LYS B 4 -13.81 19.02 -35.87
N LYS B 5 -14.60 19.14 -36.95
CA LYS B 5 -15.37 18.03 -37.48
C LYS B 5 -14.55 17.30 -38.53
N ILE B 6 -14.37 15.99 -38.34
CA ILE B 6 -13.62 15.15 -39.26
C ILE B 6 -14.55 14.09 -39.83
N PHE B 7 -14.29 13.71 -41.08
CA PHE B 7 -15.04 12.67 -41.77
C PHE B 7 -14.10 11.56 -42.23
N THR B 8 -14.52 10.31 -42.02
CA THR B 8 -13.76 9.15 -42.45
C THR B 8 -14.73 8.01 -42.74
N ASP B 9 -14.22 7.00 -43.46
CA ASP B 9 -15.02 5.80 -43.72
C ASP B 9 -14.99 4.86 -42.51
N ILE B 10 -13.79 4.46 -42.11
CA ILE B 10 -13.60 3.55 -40.99
C ILE B 10 -12.82 4.31 -39.92
N LEU B 11 -13.37 4.37 -38.71
CA LEU B 11 -12.69 4.95 -37.56
C LEU B 11 -12.31 3.83 -36.61
N ILE B 12 -11.03 3.76 -36.26
CA ILE B 12 -10.49 2.77 -35.36
C ILE B 12 -10.05 3.50 -34.09
N ILE B 13 -10.58 3.09 -32.95
CA ILE B 13 -10.24 3.70 -31.65
C ILE B 13 -9.14 2.86 -31.02
N GLY B 14 -7.90 3.35 -31.07
CA GLY B 14 -6.80 2.65 -30.45
C GLY B 14 -5.89 2.00 -31.48
N GLY B 15 -4.67 2.51 -31.59
CA GLY B 15 -3.74 1.98 -32.57
C GLY B 15 -2.76 0.97 -32.00
N GLY B 16 -3.27 -0.08 -31.40
CA GLY B 16 -2.46 -1.17 -30.86
C GLY B 16 -2.36 -2.32 -31.83
N ALA B 17 -2.21 -3.54 -31.29
CA ALA B 17 -2.05 -4.70 -32.16
C ALA B 17 -3.29 -4.92 -33.04
N ALA B 18 -4.47 -4.95 -32.43
CA ALA B 18 -5.67 -5.20 -33.20
C ALA B 18 -6.02 -4.04 -34.11
N GLY B 19 -5.86 -2.81 -33.63
CA GLY B 19 -6.23 -1.67 -34.44
C GLY B 19 -5.31 -1.43 -35.62
N CYS B 20 -4.00 -1.65 -35.42
CA CYS B 20 -3.08 -1.54 -36.55
C CYS B 20 -3.40 -2.58 -37.63
N GLN B 21 -3.61 -3.85 -37.24
CA GLN B 21 -3.88 -4.86 -38.25
C GLN B 21 -5.22 -4.60 -38.93
N ALA B 22 -6.22 -4.13 -38.17
CA ALA B 22 -7.49 -3.78 -38.78
C ALA B 22 -7.30 -2.71 -39.84
N ALA B 23 -6.55 -1.66 -39.51
CA ALA B 23 -6.35 -0.57 -40.47
C ALA B 23 -5.57 -1.04 -41.70
N ILE B 24 -4.54 -1.87 -41.50
CA ILE B 24 -3.77 -2.38 -42.63
C ILE B 24 -4.65 -3.26 -43.51
N ARG B 25 -5.42 -4.16 -42.89
CA ARG B 25 -6.29 -5.05 -43.65
C ARG B 25 -7.31 -4.25 -44.44
N ALA B 26 -7.82 -3.15 -43.86
CA ALA B 26 -8.78 -2.31 -44.57
C ALA B 26 -8.15 -1.74 -45.84
N LYS B 27 -6.95 -1.18 -45.73
CA LYS B 27 -6.28 -0.62 -46.90
C LYS B 27 -5.97 -1.70 -47.92
N GLU B 28 -5.61 -2.90 -47.45
CA GLU B 28 -5.36 -4.01 -48.37
C GLU B 28 -6.62 -4.36 -49.15
N ILE B 29 -7.78 -4.29 -48.48
CA ILE B 29 -9.05 -4.61 -49.15
C ILE B 29 -9.42 -3.51 -50.13
N ASP B 30 -9.35 -2.24 -49.70
CA ASP B 30 -9.76 -1.13 -50.56
C ASP B 30 -8.83 0.05 -50.32
N LYS B 31 -7.96 0.33 -51.29
CA LYS B 31 -7.02 1.43 -51.15
C LYS B 31 -7.74 2.77 -50.99
N ASN B 32 -8.93 2.89 -51.56
CA ASN B 32 -9.65 4.16 -51.56
C ASN B 32 -10.37 4.45 -50.25
N LEU B 33 -10.45 3.48 -49.34
CA LEU B 33 -11.13 3.71 -48.07
C LEU B 33 -10.36 4.73 -47.25
N ASP B 34 -11.09 5.65 -46.64
CA ASP B 34 -10.53 6.57 -45.66
C ASP B 34 -10.51 5.87 -44.31
N VAL B 35 -9.31 5.63 -43.78
CA VAL B 35 -9.14 4.94 -42.50
C VAL B 35 -8.40 5.86 -41.55
N LEU B 36 -9.00 6.09 -40.38
CA LEU B 36 -8.44 6.98 -39.37
C LEU B 36 -8.31 6.22 -38.06
N ILE B 37 -7.14 6.31 -37.44
CA ILE B 37 -6.88 5.76 -36.12
C ILE B 37 -6.81 6.94 -35.16
N VAL B 38 -7.57 6.87 -34.07
CA VAL B 38 -7.45 7.80 -32.96
C VAL B 38 -6.71 7.08 -31.86
N GLU B 39 -5.54 7.60 -31.48
CA GLU B 39 -4.64 6.93 -30.54
C GLU B 39 -4.34 7.85 -29.36
N LYS B 40 -4.48 7.30 -28.15
CA LYS B 40 -4.29 8.08 -26.94
C LYS B 40 -2.85 8.56 -26.80
N ALA B 41 -1.87 7.74 -27.19
CA ALA B 41 -0.46 8.07 -27.03
C ALA B 41 0.21 8.17 -28.38
N ASN B 42 1.35 7.51 -28.56
CA ASN B 42 2.14 7.61 -29.79
C ASN B 42 2.20 6.24 -30.45
N ILE B 43 1.62 6.13 -31.65
CA ILE B 43 1.38 4.83 -32.26
C ILE B 43 2.66 4.01 -32.41
N ILE B 44 3.80 4.68 -32.55
CA ILE B 44 5.06 3.95 -32.71
C ILE B 44 5.29 2.95 -31.58
N ARG B 45 4.80 3.25 -30.35
CA ARG B 45 5.01 2.40 -29.20
C ARG B 45 3.76 2.12 -28.37
N SER B 46 2.59 2.59 -28.78
CA SER B 46 1.44 2.59 -27.88
C SER B 46 0.90 1.19 -27.61
N GLY B 47 0.30 1.04 -26.41
CA GLY B 47 -0.35 -0.20 -26.02
C GLY B 47 0.54 -1.21 -25.32
N CYS B 48 -0.01 -2.42 -25.16
CA CYS B 48 0.67 -3.49 -24.45
C CYS B 48 2.03 -3.88 -25.05
N LEU B 49 2.25 -3.62 -26.34
CA LEU B 49 3.48 -4.04 -27.02
C LEU B 49 4.64 -3.07 -26.84
N ALA B 50 4.44 -1.99 -26.07
CA ALA B 50 5.44 -0.92 -25.99
C ALA B 50 6.82 -1.44 -25.64
N ALA B 51 6.91 -2.40 -24.72
CA ALA B 51 8.20 -2.87 -24.24
C ALA B 51 8.79 -3.97 -25.11
N GLY B 52 8.03 -4.46 -26.08
CA GLY B 52 8.39 -5.64 -26.85
C GLY B 52 7.68 -6.87 -26.34
N VAL B 53 7.86 -7.97 -27.09
CA VAL B 53 7.24 -9.24 -26.75
C VAL B 53 8.32 -10.30 -26.59
N ASN B 54 8.00 -11.32 -25.77
CA ASN B 54 8.90 -12.45 -25.58
C ASN B 54 8.81 -13.43 -26.76
N ALA B 55 7.63 -13.62 -27.32
CA ALA B 55 7.47 -14.61 -28.38
C ALA B 55 6.16 -14.38 -29.11
N ILE B 56 6.00 -15.10 -30.21
N ILE B 56 6.02 -15.06 -30.25
CA ILE B 56 4.70 -15.31 -30.85
CA ILE B 56 4.83 -14.96 -31.08
C ILE B 56 4.14 -16.60 -30.28
C ILE B 56 4.45 -16.38 -31.48
N ASN B 57 3.11 -16.47 -29.42
N ASN B 57 4.63 -17.33 -30.55
CA ASN B 57 2.65 -17.63 -28.67
CA ASN B 57 4.38 -18.72 -30.84
C ASN B 57 1.66 -18.48 -29.44
C ASN B 57 2.91 -19.06 -31.02
N ALA B 58 0.76 -17.86 -30.19
N ALA B 58 2.01 -18.12 -30.73
CA ALA B 58 -0.37 -18.55 -30.78
CA ALA B 58 0.57 -18.37 -30.85
C ALA B 58 -0.22 -18.71 -32.29
C ALA B 58 0.18 -18.62 -32.30
N TYR B 59 0.26 -19.88 -32.72
CA TYR B 59 -0.06 -20.31 -34.07
C TYR B 59 0.03 -21.84 -34.10
N LEU B 60 -0.45 -22.42 -35.19
CA LEU B 60 -0.65 -23.86 -35.28
C LEU B 60 0.54 -24.52 -35.94
N ASN B 61 1.04 -25.59 -35.32
CA ASN B 61 2.03 -26.44 -35.95
C ASN B 61 1.37 -27.36 -36.97
N GLU B 62 2.19 -28.07 -37.74
CA GLU B 62 1.68 -28.98 -38.74
C GLU B 62 0.74 -30.00 -38.10
N GLY B 63 -0.46 -30.17 -38.69
CA GLY B 63 -1.44 -31.11 -38.20
C GLY B 63 -2.37 -30.56 -37.14
N GLU B 64 -2.06 -29.40 -36.57
CA GLU B 64 -2.97 -28.73 -35.64
C GLU B 64 -4.01 -27.97 -36.44
N THR B 65 -5.21 -27.88 -35.89
CA THR B 65 -6.35 -27.28 -36.57
C THR B 65 -6.99 -26.26 -35.65
N PRO B 66 -7.90 -25.45 -36.16
CA PRO B 66 -8.69 -24.57 -35.27
C PRO B 66 -9.35 -25.35 -34.15
N GLU B 67 -9.80 -26.59 -34.42
CA GLU B 67 -10.36 -27.42 -33.37
C GLU B 67 -9.34 -27.69 -32.27
N SER B 68 -8.07 -27.93 -32.65
CA SER B 68 -7.02 -28.09 -31.65
C SER B 68 -6.88 -26.84 -30.80
N TYR B 69 -6.98 -25.67 -31.43
CA TYR B 69 -6.85 -24.41 -30.70
C TYR B 69 -8.02 -24.22 -29.75
N VAL B 70 -9.24 -24.52 -30.21
CA VAL B 70 -10.41 -24.37 -29.34
C VAL B 70 -10.24 -25.24 -28.10
N GLU B 71 -9.73 -26.46 -28.28
CA GLU B 71 -9.61 -27.37 -27.15
C GLU B 71 -8.53 -26.90 -26.18
N TYR B 72 -7.43 -26.38 -26.72
CA TYR B 72 -6.40 -25.78 -25.88
C TYR B 72 -6.98 -24.63 -25.06
N VAL B 73 -7.75 -23.76 -25.72
CA VAL B 73 -8.29 -22.59 -25.03
C VAL B 73 -9.21 -23.02 -23.91
N LYS B 74 -10.02 -24.06 -24.14
CA LYS B 74 -10.89 -24.57 -23.09
C LYS B 74 -10.09 -25.22 -21.96
N LYS B 75 -8.96 -25.85 -22.29
CA LYS B 75 -8.13 -26.47 -21.26
C LYS B 75 -7.42 -25.42 -20.41
N GLU B 76 -7.11 -24.27 -21.01
CA GLU B 76 -6.39 -23.20 -20.32
C GLU B 76 -7.30 -22.30 -19.50
N SER B 77 -8.62 -22.47 -19.60
CA SER B 77 -9.55 -21.63 -18.85
C SER B 77 -10.70 -22.47 -18.29
N SER B 78 -11.67 -22.80 -19.13
CA SER B 78 -12.85 -23.58 -18.77
C SER B 78 -13.55 -23.99 -20.05
N GLY B 79 -14.62 -24.78 -19.91
CA GLY B 79 -15.42 -25.16 -21.06
C GLY B 79 -16.36 -24.07 -21.57
N LEU B 80 -16.57 -23.03 -20.76
CA LEU B 80 -17.54 -21.97 -21.04
C LEU B 80 -16.82 -20.84 -21.76
N ILE B 81 -16.63 -21.02 -23.07
CA ILE B 81 -16.06 -20.00 -23.93
C ILE B 81 -16.97 -19.85 -25.14
N ARG B 82 -16.76 -18.76 -25.88
CA ARG B 82 -17.47 -18.52 -27.14
C ARG B 82 -16.69 -19.26 -28.23
N GLU B 83 -17.05 -20.53 -28.42
CA GLU B 83 -16.32 -21.39 -29.36
C GLU B 83 -16.25 -20.81 -30.76
N ASP B 84 -17.28 -20.08 -31.17
CA ASP B 84 -17.31 -19.53 -32.52
C ASP B 84 -16.26 -18.45 -32.68
N LEU B 85 -16.06 -17.64 -31.64
CA LEU B 85 -15.01 -16.62 -31.68
C LEU B 85 -13.64 -17.28 -31.68
N THR B 86 -13.44 -18.30 -30.83
CA THR B 86 -12.13 -18.94 -30.74
C THR B 86 -11.78 -19.64 -32.04
N TYR B 87 -12.76 -20.32 -32.65
CA TYR B 87 -12.51 -21.06 -33.88
C TYR B 87 -12.10 -20.14 -35.02
N THR B 88 -12.82 -19.03 -35.20
CA THR B 88 -12.52 -18.10 -36.29
C THR B 88 -11.20 -17.37 -36.06
N ILE B 89 -10.79 -17.17 -34.80
CA ILE B 89 -9.44 -16.70 -34.53
C ILE B 89 -8.44 -17.75 -34.99
N GLY B 90 -8.67 -19.00 -34.57
CA GLY B 90 -7.74 -20.07 -34.89
C GLY B 90 -7.44 -20.21 -36.38
N LYS B 91 -8.43 -19.92 -37.22
CA LYS B 91 -8.24 -20.05 -38.65
C LYS B 91 -7.21 -19.09 -39.23
N ARG B 92 -6.89 -18.00 -38.51
CA ARG B 92 -5.99 -16.98 -39.04
C ARG B 92 -4.71 -16.78 -38.27
N LEU B 93 -4.49 -17.52 -37.18
CA LEU B 93 -3.30 -17.30 -36.37
C LEU B 93 -2.03 -17.37 -37.22
N ASN B 94 -1.92 -18.41 -38.06
CA ASN B 94 -0.70 -18.57 -38.83
C ASN B 94 -0.53 -17.44 -39.83
N LYS B 95 -1.64 -17.02 -40.45
CA LYS B 95 -1.58 -15.90 -41.43
C LYS B 95 -1.11 -14.62 -40.73
N MET B 96 -1.48 -14.42 -39.46
CA MET B 96 -1.08 -13.20 -38.77
C MET B 96 0.39 -13.24 -38.41
N ALA B 97 0.90 -14.41 -38.04
CA ALA B 97 2.33 -14.52 -37.80
C ALA B 97 3.13 -14.22 -39.06
N LYS B 98 2.64 -14.69 -40.21
CA LYS B 98 3.32 -14.44 -41.48
C LYS B 98 3.36 -12.94 -41.79
N LYS B 99 2.29 -12.22 -41.47
CA LYS B 99 2.28 -10.78 -41.74
C LYS B 99 3.33 -10.07 -40.88
N LEU B 100 3.49 -10.47 -39.62
CA LEU B 100 4.50 -9.86 -38.78
C LEU B 100 5.89 -10.02 -39.39
N GLU B 101 6.16 -11.20 -39.96
CA GLU B 101 7.43 -11.38 -40.65
C GLU B 101 7.53 -10.46 -41.86
N GLU B 102 6.43 -10.35 -42.63
CA GLU B 102 6.41 -9.46 -43.78
C GLU B 102 6.69 -8.02 -43.37
N TYR B 103 6.22 -7.61 -42.20
CA TYR B 103 6.40 -6.23 -41.74
C TYR B 103 7.81 -5.95 -41.26
N GLY B 104 8.62 -6.98 -41.02
CA GLY B 104 10.02 -6.77 -40.67
C GLY B 104 10.43 -7.35 -39.34
N LEU B 105 9.57 -8.09 -38.68
CA LEU B 105 9.92 -8.63 -37.38
C LEU B 105 11.05 -9.66 -37.53
N PRO B 106 12.14 -9.54 -36.78
CA PRO B 106 13.23 -10.53 -36.92
C PRO B 106 12.81 -11.89 -36.41
N ILE B 107 12.99 -12.90 -37.27
CA ILE B 107 12.59 -14.28 -36.97
C ILE B 107 13.68 -15.20 -37.52
N GLN B 108 13.95 -16.29 -36.81
CA GLN B 108 14.92 -17.29 -37.25
C GLN B 108 14.44 -18.65 -36.76
N LYS B 109 15.00 -19.71 -37.34
CA LYS B 109 14.59 -21.07 -37.00
C LYS B 109 15.25 -21.54 -35.72
N ASP B 110 14.60 -22.51 -35.07
CA ASP B 110 15.05 -23.09 -33.81
C ASP B 110 15.58 -22.05 -32.82
N GLY B 119 8.94 -28.24 -34.52
CA GLY B 119 7.99 -27.84 -35.53
C GLY B 119 8.03 -26.35 -35.87
N LYS B 120 6.94 -25.84 -36.45
CA LYS B 120 6.92 -24.46 -36.89
C LYS B 120 7.11 -23.50 -35.71
N ARG B 121 6.53 -23.83 -34.56
CA ARG B 121 6.59 -22.91 -33.41
C ARG B 121 7.99 -22.71 -32.89
N SER B 122 8.93 -23.61 -33.23
CA SER B 122 10.32 -23.50 -32.81
C SER B 122 11.03 -22.45 -33.67
N ILE B 123 10.88 -21.19 -33.25
CA ILE B 123 11.53 -20.07 -33.91
C ILE B 123 12.19 -19.19 -32.86
N LYS B 124 13.18 -18.43 -33.30
CA LYS B 124 13.82 -17.40 -32.49
C LYS B 124 13.39 -16.04 -33.02
N ILE B 125 13.04 -15.12 -32.11
CA ILE B 125 12.61 -13.80 -32.50
C ILE B 125 13.36 -12.74 -31.72
N ASN B 126 13.29 -11.51 -32.23
CA ASN B 126 13.60 -10.30 -31.46
C ASN B 126 12.32 -9.49 -31.48
N GLY B 127 11.59 -9.49 -30.37
CA GLY B 127 10.32 -8.80 -30.29
C GLY B 127 10.43 -7.37 -29.84
N GLU B 128 11.65 -6.87 -29.68
CA GLU B 128 11.86 -5.54 -29.12
C GLU B 128 11.06 -4.47 -29.86
N SER B 129 11.10 -4.51 -31.19
CA SER B 129 10.50 -3.46 -32.01
C SER B 129 9.22 -3.93 -32.69
N ILE B 130 8.46 -4.83 -32.05
CA ILE B 130 7.24 -5.30 -32.70
C ILE B 130 6.26 -4.15 -32.93
N LYS B 131 6.09 -3.25 -31.95
CA LYS B 131 5.13 -2.17 -32.14
C LYS B 131 5.59 -1.17 -33.20
N PRO B 132 6.84 -0.69 -33.18
CA PRO B 132 7.29 0.17 -34.28
C PRO B 132 7.12 -0.43 -35.66
N ILE B 133 7.40 -1.73 -35.84
CA ILE B 133 7.23 -2.31 -37.17
C ILE B 133 5.76 -2.35 -37.56
N LEU B 134 4.89 -2.65 -36.60
CA LEU B 134 3.45 -2.62 -36.87
C LEU B 134 3.00 -1.20 -37.19
N ALA B 135 3.46 -0.21 -36.43
CA ALA B 135 3.08 1.18 -36.69
C ALA B 135 3.60 1.65 -38.04
N GLU B 136 4.83 1.26 -38.39
CA GLU B 136 5.39 1.67 -39.67
C GLU B 136 4.60 1.08 -40.83
N ALA B 137 4.16 -0.18 -40.70
CA ALA B 137 3.33 -0.79 -41.74
C ALA B 137 1.98 -0.09 -41.86
N THR B 138 1.42 0.32 -40.73
CA THR B 138 0.14 1.02 -40.74
C THR B 138 0.25 2.34 -41.50
N LEU B 139 1.26 3.14 -41.17
CA LEU B 139 1.42 4.42 -41.86
C LEU B 139 1.82 4.22 -43.32
N LYS B 140 2.59 3.18 -43.63
CA LYS B 140 2.95 2.92 -45.02
C LYS B 140 1.74 2.53 -45.86
N ALA B 141 0.69 2.01 -45.23
CA ALA B 141 -0.52 1.62 -45.95
C ALA B 141 -1.42 2.81 -46.26
N GLY B 142 -1.07 4.01 -45.83
CA GLY B 142 -1.91 5.17 -46.03
C GLY B 142 -2.91 5.45 -44.94
N VAL B 143 -2.81 4.76 -43.81
CA VAL B 143 -3.74 5.01 -42.71
C VAL B 143 -3.39 6.36 -42.08
N LYS B 144 -4.43 7.14 -41.75
CA LYS B 144 -4.26 8.41 -41.07
C LYS B 144 -4.34 8.16 -39.57
N VAL B 145 -3.53 8.88 -38.79
CA VAL B 145 -3.41 8.66 -37.35
C VAL B 145 -3.47 9.99 -36.64
N LEU B 146 -4.32 10.08 -35.63
CA LEU B 146 -4.37 11.22 -34.70
C LEU B 146 -3.76 10.73 -33.38
N ASN B 147 -2.50 11.07 -33.15
CA ASN B 147 -1.81 10.67 -31.93
C ASN B 147 -2.12 11.64 -30.80
N ASN B 148 -1.87 11.20 -29.56
CA ASN B 148 -2.09 12.03 -28.38
C ASN B 148 -3.51 12.58 -28.34
N THR B 149 -4.48 11.74 -28.71
CA THR B 149 -5.88 12.15 -28.85
C THR B 149 -6.73 11.10 -28.14
N ILE B 150 -7.50 11.52 -27.15
CA ILE B 150 -8.22 10.61 -26.26
C ILE B 150 -9.69 10.55 -26.68
N ALA B 151 -10.13 9.36 -27.03
CA ALA B 151 -11.55 9.13 -27.31
C ALA B 151 -12.31 9.11 -26.01
N THR B 152 -13.52 9.69 -26.02
CA THR B 152 -14.31 9.85 -24.81
C THR B 152 -15.73 9.29 -24.89
N ASN B 153 -16.31 9.14 -26.07
CA ASN B 153 -17.65 8.61 -26.24
C ASN B 153 -17.90 8.38 -27.72
N TYR B 154 -18.77 7.42 -28.02
CA TYR B 154 -19.24 7.23 -29.37
C TYR B 154 -20.27 8.30 -29.70
N ILE B 155 -20.35 8.65 -30.98
CA ILE B 155 -21.44 9.46 -31.51
C ILE B 155 -22.56 8.51 -31.90
N LEU B 156 -23.72 8.69 -31.29
CA LEU B 156 -24.88 7.83 -31.50
C LEU B 156 -25.98 8.64 -32.17
N LYS B 157 -26.62 8.03 -33.15
CA LYS B 157 -27.76 8.63 -33.84
C LYS B 157 -28.76 7.51 -34.09
N ASP B 158 -29.89 7.56 -33.39
CA ASP B 158 -30.95 6.56 -33.57
C ASP B 158 -30.45 5.16 -33.22
N GLU B 159 -29.68 5.06 -32.14
CA GLU B 159 -29.13 3.80 -31.65
C GLU B 159 -28.07 3.21 -32.57
N THR B 160 -27.54 4.01 -33.49
CA THR B 160 -26.48 3.57 -34.40
C THR B 160 -25.23 4.42 -34.17
N VAL B 161 -24.09 3.74 -34.07
CA VAL B 161 -22.82 4.45 -33.87
C VAL B 161 -22.37 5.01 -35.22
N CYS B 162 -22.14 6.32 -35.28
CA CYS B 162 -21.72 6.94 -36.52
C CYS B 162 -20.48 7.82 -36.32
N GLY B 163 -19.67 7.54 -35.31
CA GLY B 163 -18.45 8.28 -35.07
C GLY B 163 -18.07 8.25 -33.62
N ALA B 164 -17.17 9.15 -33.25
CA ALA B 164 -16.74 9.29 -31.87
C ALA B 164 -16.26 10.70 -31.60
N TYR B 165 -16.26 11.06 -30.31
CA TYR B 165 -15.71 12.29 -29.81
C TYR B 165 -14.33 12.04 -29.22
N ALA B 166 -13.47 13.04 -29.28
CA ALA B 166 -12.12 12.92 -28.74
C ALA B 166 -11.56 14.31 -28.52
N PHE B 167 -10.57 14.41 -27.63
CA PHE B 167 -9.89 15.67 -27.37
C PHE B 167 -8.39 15.44 -27.42
N SER B 168 -7.68 16.46 -27.87
CA SER B 168 -6.22 16.43 -27.96
C SER B 168 -5.63 16.84 -26.62
N ILE B 169 -4.50 16.24 -26.27
CA ILE B 169 -3.77 16.66 -25.08
C ILE B 169 -2.53 17.48 -25.42
N LYS B 170 -2.24 17.69 -26.71
CA LYS B 170 -1.13 18.53 -27.12
C LYS B 170 -1.59 19.83 -27.75
N GLU B 171 -2.84 19.89 -28.21
CA GLU B 171 -3.42 21.08 -28.79
C GLU B 171 -4.77 21.32 -28.13
N ASN B 172 -5.27 22.55 -28.26
CA ASN B 172 -6.54 22.94 -27.67
C ASN B 172 -7.66 22.64 -28.66
N LYS B 173 -7.86 21.35 -28.91
CA LYS B 173 -8.79 20.89 -29.93
C LYS B 173 -9.72 19.81 -29.39
N PHE B 174 -10.98 19.87 -29.82
CA PHE B 174 -11.98 18.85 -29.55
C PHE B 174 -12.47 18.33 -30.90
N TYR B 175 -12.47 17.01 -31.06
CA TYR B 175 -12.77 16.40 -32.34
C TYR B 175 -14.17 15.79 -32.34
N VAL B 176 -14.93 16.10 -33.37
CA VAL B 176 -16.18 15.42 -33.68
C VAL B 176 -15.88 14.60 -34.93
N ILE B 177 -15.70 13.29 -34.77
CA ILE B 177 -15.25 12.43 -35.86
C ILE B 177 -16.43 11.62 -36.36
N MET B 178 -16.96 12.00 -37.52
CA MET B 178 -18.02 11.25 -38.18
C MET B 178 -17.41 10.09 -38.96
N ALA B 179 -18.03 8.92 -38.85
CA ALA B 179 -17.56 7.75 -39.57
C ALA B 179 -18.74 6.86 -39.94
N LYS B 180 -18.58 6.12 -41.04
CA LYS B 180 -19.59 5.15 -41.43
C LYS B 180 -19.61 3.95 -40.49
N ALA B 181 -18.44 3.55 -39.98
CA ALA B 181 -18.37 2.49 -38.98
C ALA B 181 -17.21 2.76 -38.05
N VAL B 182 -17.33 2.26 -36.82
CA VAL B 182 -16.32 2.45 -35.79
C VAL B 182 -15.85 1.08 -35.30
N ILE B 183 -14.55 0.93 -35.15
CA ILE B 183 -13.95 -0.28 -34.59
C ILE B 183 -13.27 0.08 -33.29
N CYS B 184 -13.75 -0.48 -32.19
CA CYS B 184 -13.12 -0.33 -30.89
C CYS B 184 -11.97 -1.30 -30.70
N THR B 185 -10.77 -0.77 -30.54
CA THR B 185 -9.58 -1.60 -30.31
C THR B 185 -8.71 -0.95 -29.23
N THR B 186 -9.32 -0.62 -28.10
CA THR B 186 -8.64 0.11 -27.03
C THR B 186 -7.96 -0.78 -26.02
N GLY B 187 -8.09 -2.11 -26.14
CA GLY B 187 -7.57 -3.00 -25.13
C GLY B 187 -8.48 -3.05 -23.92
N GLY B 188 -7.99 -3.74 -22.89
CA GLY B 188 -8.75 -3.96 -21.68
C GLY B 188 -8.55 -2.89 -20.62
N ALA B 189 -8.69 -3.29 -19.37
CA ALA B 189 -8.61 -2.37 -18.25
C ALA B 189 -7.68 -2.88 -17.17
N SER B 190 -6.72 -2.06 -16.79
CA SER B 190 -5.92 -2.21 -15.59
C SER B 190 -6.23 -1.04 -14.66
N GLY B 191 -5.62 -1.06 -13.47
CA GLY B 191 -5.80 0.03 -12.54
C GLY B 191 -7.13 0.11 -11.83
N ILE B 192 -7.93 -0.95 -11.88
CA ILE B 192 -9.16 -0.99 -11.12
C ILE B 192 -8.89 -1.44 -9.68
N TYR B 193 -8.00 -2.41 -9.53
CA TYR B 193 -7.56 -2.88 -8.22
C TYR B 193 -6.23 -2.24 -7.86
N LYS B 194 -5.80 -2.46 -6.61
CA LYS B 194 -4.47 -2.00 -6.20
C LYS B 194 -3.40 -2.85 -6.88
N PRO B 195 -2.32 -2.24 -7.36
CA PRO B 195 -1.22 -3.01 -7.94
C PRO B 195 -0.38 -3.67 -6.86
N ASN B 196 0.65 -4.41 -7.29
CA ASN B 196 1.51 -5.09 -6.33
C ASN B 196 2.21 -4.10 -5.41
N ASN B 197 2.59 -2.93 -5.95
CA ASN B 197 3.36 -1.93 -5.20
C ASN B 197 2.70 -0.57 -5.37
N PRO B 198 1.64 -0.30 -4.63
CA PRO B 198 0.99 1.01 -4.70
C PRO B 198 1.97 2.15 -4.39
N GLY B 199 1.65 3.31 -4.92
CA GLY B 199 2.44 4.52 -4.63
C GLY B 199 3.61 4.67 -5.59
N ALA B 200 4.83 4.55 -5.06
CA ALA B 200 6.03 4.88 -5.84
C ALA B 200 6.12 4.06 -7.13
N ALA B 201 5.69 2.81 -7.09
CA ALA B 201 5.76 1.93 -8.24
C ALA B 201 4.39 1.48 -8.70
N ARG B 202 3.40 2.37 -8.60
CA ARG B 202 2.02 1.98 -8.85
C ARG B 202 1.73 1.55 -10.28
N HIS B 203 2.62 1.88 -11.23
CA HIS B 203 2.42 1.47 -12.61
C HIS B 203 3.36 0.36 -13.05
N LYS B 204 4.11 -0.24 -12.11
CA LYS B 204 4.84 -1.47 -12.36
C LYS B 204 3.82 -2.61 -12.24
N MET B 205 3.30 -3.03 -13.38
CA MET B 205 2.26 -4.04 -13.47
C MET B 205 2.43 -4.79 -14.77
N TRP B 206 1.68 -5.89 -14.91
CA TRP B 206 1.81 -6.71 -16.12
C TRP B 206 1.13 -6.05 -17.32
N TYR B 207 -0.16 -5.75 -17.21
CA TYR B 207 -0.89 -5.14 -18.31
C TYR B 207 -0.44 -3.68 -18.46
N SER B 208 -0.77 -3.08 -19.60
CA SER B 208 -0.42 -1.68 -19.75
C SER B 208 -1.18 -0.86 -18.71
N PRO B 209 -0.50 -0.04 -17.90
CA PRO B 209 -1.21 0.87 -16.99
C PRO B 209 -1.94 2.00 -17.70
N PHE B 210 -1.78 2.12 -19.02
CA PHE B 210 -2.41 3.17 -19.83
C PHE B 210 -3.59 2.66 -20.62
N ASN B 211 -3.94 1.38 -20.49
CA ASN B 211 -5.18 0.83 -20.99
C ASN B 211 -6.11 0.79 -19.78
N THR B 212 -7.01 1.78 -19.68
CA THR B 212 -7.80 1.99 -18.48
C THR B 212 -9.29 1.80 -18.75
N GLY B 213 -9.62 0.91 -19.69
CA GLY B 213 -11.01 0.54 -19.88
C GLY B 213 -11.85 1.52 -20.65
N ALA B 214 -11.24 2.41 -21.42
CA ALA B 214 -12.02 3.39 -22.18
C ALA B 214 -13.01 2.71 -23.11
N GLY B 215 -12.58 1.68 -23.83
CA GLY B 215 -13.49 0.98 -24.71
C GLY B 215 -14.67 0.38 -23.96
N PHE B 216 -14.41 -0.23 -22.81
CA PHE B 216 -15.51 -0.80 -22.02
C PHE B 216 -16.48 0.30 -21.61
N ALA B 217 -15.95 1.42 -21.14
CA ALA B 217 -16.80 2.49 -20.62
C ALA B 217 -17.57 3.18 -21.73
N MET B 218 -16.92 3.49 -22.86
CA MET B 218 -17.67 4.04 -24.00
C MET B 218 -18.76 3.08 -24.46
N GLY B 219 -18.45 1.79 -24.50
CA GLY B 219 -19.47 0.81 -24.86
C GLY B 219 -20.63 0.82 -23.89
N LEU B 220 -20.34 0.78 -22.60
CA LEU B 220 -21.40 0.76 -21.59
C LEU B 220 -22.24 2.03 -21.66
N ARG B 221 -21.60 3.19 -21.75
CA ARG B 221 -22.35 4.44 -21.81
C ARG B 221 -23.25 4.49 -23.03
N ALA B 222 -22.80 3.92 -24.15
CA ALA B 222 -23.57 3.96 -25.38
C ALA B 222 -24.65 2.89 -25.46
N GLY B 223 -24.70 1.95 -24.52
CA GLY B 223 -25.73 0.93 -24.50
C GLY B 223 -25.27 -0.45 -24.94
N ALA B 224 -24.00 -0.63 -25.26
CA ALA B 224 -23.52 -1.92 -25.72
C ALA B 224 -23.44 -2.91 -24.56
N GLU B 225 -23.48 -4.19 -24.90
CA GLU B 225 -23.43 -5.27 -23.94
C GLU B 225 -22.00 -5.73 -23.72
N MET B 226 -21.66 -5.99 -22.47
CA MET B 226 -20.39 -6.56 -22.05
C MET B 226 -20.62 -7.97 -21.53
N THR B 227 -19.56 -8.77 -21.48
CA THR B 227 -19.67 -10.14 -21.03
C THR B 227 -18.54 -10.49 -20.08
N THR B 228 -18.87 -11.30 -19.07
CA THR B 228 -17.88 -12.06 -18.29
C THR B 228 -16.84 -11.16 -17.63
N PHE B 229 -17.29 -10.06 -17.03
CA PHE B 229 -16.40 -9.22 -16.24
C PHE B 229 -16.00 -9.89 -14.93
N GLU B 230 -16.69 -10.96 -14.52
CA GLU B 230 -16.32 -11.68 -13.31
C GLU B 230 -15.05 -12.51 -13.50
N MET B 231 -14.61 -12.71 -14.74
CA MET B 231 -13.38 -13.45 -15.06
C MET B 231 -12.24 -12.46 -15.19
N ARG B 232 -11.48 -12.29 -14.10
N ARG B 232 -11.52 -12.23 -14.08
CA ARG B 232 -10.44 -11.28 -13.98
CA ARG B 232 -10.45 -11.25 -14.03
C ARG B 232 -9.07 -11.95 -14.08
C ARG B 232 -9.10 -11.96 -14.10
N PHE B 233 -8.41 -11.78 -15.22
CA PHE B 233 -7.12 -12.44 -15.40
C PHE B 233 -6.10 -11.88 -14.40
N ILE B 234 -5.33 -12.80 -13.81
CA ILE B 234 -4.27 -12.50 -12.87
C ILE B 234 -3.01 -13.14 -13.43
N ALA B 235 -1.95 -12.37 -13.57
CA ALA B 235 -0.73 -12.85 -14.19
C ALA B 235 0.26 -13.35 -13.14
N LEU B 236 0.87 -14.49 -13.41
CA LEU B 236 1.96 -15.04 -12.59
C LEU B 236 3.27 -14.62 -13.25
N ARG B 237 3.99 -13.71 -12.61
CA ARG B 237 5.16 -13.09 -13.22
C ARG B 237 6.26 -12.93 -12.17
N VAL B 238 7.44 -12.52 -12.64
CA VAL B 238 8.57 -12.29 -11.74
C VAL B 238 8.19 -11.19 -10.76
N LYS B 239 8.51 -11.40 -9.49
CA LYS B 239 8.07 -10.47 -8.45
C LYS B 239 8.62 -9.07 -8.67
N ASP B 240 7.76 -8.07 -8.42
CA ASP B 240 8.08 -6.64 -8.40
C ASP B 240 8.33 -6.02 -9.76
N VAL B 241 9.20 -6.65 -10.57
CA VAL B 241 9.42 -6.16 -11.93
C VAL B 241 8.36 -6.65 -12.90
N ILE B 242 7.61 -7.70 -12.52
CA ILE B 242 6.49 -8.23 -13.29
C ILE B 242 6.93 -8.71 -14.67
N SER B 243 8.10 -9.30 -14.75
CA SER B 243 8.67 -9.67 -16.03
C SER B 243 8.15 -11.03 -16.49
N PRO B 244 8.22 -11.31 -17.80
CA PRO B 244 7.72 -12.60 -18.29
C PRO B 244 8.50 -13.76 -17.70
N THR B 245 7.79 -14.88 -17.57
CA THR B 245 8.39 -16.12 -17.09
C THR B 245 8.66 -17.10 -18.23
N GLY B 246 7.98 -16.93 -19.37
CA GLY B 246 8.22 -17.83 -20.49
C GLY B 246 9.69 -17.92 -20.87
N THR B 247 10.36 -16.78 -20.95
CA THR B 247 11.79 -16.74 -21.25
C THR B 247 12.55 -17.75 -20.40
N ILE B 248 12.41 -17.63 -19.08
CA ILE B 248 13.10 -18.50 -18.13
C ILE B 248 12.32 -19.81 -18.02
N VAL B 254 14.63 -26.06 -15.94
CA VAL B 254 13.92 -25.03 -15.18
C VAL B 254 12.49 -25.47 -14.89
N SER B 255 12.11 -25.45 -13.62
CA SER B 255 10.76 -25.78 -13.19
C SER B 255 10.38 -24.90 -12.01
N GLN B 256 9.12 -25.01 -11.59
CA GLN B 256 8.61 -24.24 -10.47
C GLN B 256 8.93 -24.97 -9.17
N ILE B 257 9.48 -24.22 -8.21
CA ILE B 257 9.82 -24.78 -6.91
C ILE B 257 9.31 -23.86 -5.82
N ASN B 258 9.03 -24.45 -4.66
CA ASN B 258 8.73 -23.69 -3.47
C ASN B 258 10.04 -23.46 -2.71
N ALA B 259 9.94 -22.85 -1.54
CA ALA B 259 11.16 -22.47 -0.82
C ALA B 259 11.89 -23.69 -0.29
N LEU B 260 11.22 -24.83 -0.17
CA LEU B 260 11.83 -26.09 0.24
C LEU B 260 12.50 -26.80 -0.93
N GLY B 261 12.41 -26.25 -2.14
CA GLY B 261 12.98 -26.88 -3.30
C GLY B 261 12.11 -27.93 -3.95
N GLU B 262 10.86 -28.05 -3.53
CA GLU B 262 9.96 -29.07 -4.05
C GLU B 262 9.27 -28.58 -5.32
N LYS B 263 9.20 -29.45 -6.32
CA LYS B 263 8.48 -29.15 -7.56
C LYS B 263 7.00 -29.39 -7.32
N TYR B 264 6.35 -28.37 -6.75
CA TYR B 264 4.99 -28.52 -6.23
C TYR B 264 3.94 -28.74 -7.31
N MET B 265 4.24 -28.46 -8.58
CA MET B 265 3.25 -28.75 -9.61
C MET B 265 2.99 -30.25 -9.75
N GLU B 266 3.98 -31.08 -9.40
CA GLU B 266 3.81 -32.52 -9.52
C GLU B 266 2.64 -33.04 -8.68
N LYS B 267 2.14 -32.24 -7.74
CA LYS B 267 1.00 -32.65 -6.91
C LYS B 267 -0.33 -32.47 -7.61
N TYR B 268 -0.35 -31.91 -8.81
CA TYR B 268 -1.59 -31.65 -9.54
C TYR B 268 -1.56 -32.37 -10.88
N GLU B 269 -2.74 -32.74 -11.37
CA GLU B 269 -2.83 -33.59 -12.55
C GLU B 269 -2.52 -32.84 -13.82
N ASN B 270 -2.98 -31.60 -13.95
CA ASN B 270 -2.76 -30.79 -15.13
C ASN B 270 -1.97 -29.53 -14.79
N ASN B 271 -0.99 -29.23 -15.63
CA ASN B 271 -0.13 -28.06 -15.44
C ASN B 271 -0.57 -26.97 -16.41
N THR B 272 -1.69 -26.35 -16.10
CA THR B 272 -2.23 -25.28 -16.93
C THR B 272 -1.95 -23.94 -16.27
N THR B 273 -2.03 -22.88 -17.08
CA THR B 273 -1.81 -21.52 -16.57
C THR B 273 -2.61 -21.25 -15.29
N PRO B 274 -3.92 -21.52 -15.23
CA PRO B 274 -4.63 -21.30 -13.97
C PRO B 274 -4.07 -22.15 -12.84
N MET B 275 -3.71 -23.39 -13.15
CA MET B 275 -3.20 -24.29 -12.13
C MET B 275 -1.89 -23.78 -11.56
N ARG B 276 -1.00 -23.26 -12.41
CA ARG B 276 0.28 -22.78 -11.91
C ARG B 276 0.08 -21.63 -10.93
N LEU B 277 -0.89 -20.75 -11.20
CA LEU B 277 -1.16 -19.65 -10.27
C LEU B 277 -1.79 -20.18 -8.99
N TYR B 278 -2.81 -21.02 -9.12
CA TYR B 278 -3.45 -21.59 -7.94
C TYR B 278 -2.44 -22.30 -7.06
N ALA B 279 -1.63 -23.17 -7.66
CA ALA B 279 -0.65 -23.94 -6.89
C ALA B 279 0.30 -23.02 -6.14
N THR B 280 0.75 -21.95 -6.80
CA THR B 280 1.69 -21.03 -6.17
C THR B 280 1.05 -20.32 -4.99
N LEU B 281 -0.22 -19.95 -5.12
CA LEU B 281 -0.92 -19.31 -4.01
C LEU B 281 -1.03 -20.26 -2.82
N ILE B 282 -1.37 -21.52 -3.08
CA ILE B 282 -1.46 -22.51 -2.00
C ILE B 282 -0.12 -22.62 -1.27
N GLU B 283 0.97 -22.78 -2.01
CA GLU B 283 2.28 -22.93 -1.38
C GLU B 283 2.59 -21.77 -0.46
N ASN B 284 2.33 -20.54 -0.91
CA ASN B 284 2.57 -19.37 -0.08
C ASN B 284 1.63 -19.34 1.11
N LEU B 285 0.34 -19.58 0.88
CA LEU B 285 -0.64 -19.52 1.97
C LEU B 285 -0.32 -20.55 3.03
N GLU B 286 0.13 -21.74 2.62
CA GLU B 286 0.38 -22.84 3.54
C GLU B 286 1.79 -22.82 4.14
N GLY B 287 2.53 -21.75 3.94
CA GLY B 287 3.79 -21.57 4.64
C GLY B 287 5.01 -22.16 4.00
N ARG B 288 4.99 -22.44 2.68
CA ARG B 288 6.12 -23.01 1.98
C ARG B 288 6.67 -22.07 0.91
N GLY B 289 6.26 -20.80 0.92
CA GLY B 289 6.77 -19.81 -0.01
C GLY B 289 8.07 -19.20 0.48
N PRO B 290 8.68 -18.38 -0.39
CA PRO B 290 8.19 -18.00 -1.72
C PRO B 290 8.38 -19.11 -2.74
N CYS B 291 7.75 -18.94 -3.89
CA CYS B 291 7.90 -19.84 -5.03
C CYS B 291 8.77 -19.20 -6.09
N TYR B 292 9.44 -20.04 -6.87
CA TYR B 292 10.44 -19.57 -7.78
C TYR B 292 10.47 -20.39 -9.07
N LEU B 293 11.09 -19.80 -10.09
CA LEU B 293 11.56 -20.54 -11.26
C LEU B 293 12.99 -20.97 -10.97
N ASP B 294 13.25 -22.27 -10.96
CA ASP B 294 14.55 -22.80 -10.57
C ASP B 294 15.52 -22.74 -11.74
N THR B 295 16.23 -21.62 -11.85
CA THR B 295 17.26 -21.41 -12.85
C THR B 295 18.63 -21.91 -12.41
N ARG B 296 18.74 -22.45 -11.21
CA ARG B 296 20.04 -22.86 -10.70
C ARG B 296 20.67 -23.87 -11.65
N GLY B 297 21.98 -23.72 -11.88
CA GLY B 297 22.72 -24.67 -12.67
C GLY B 297 22.88 -24.33 -14.14
N ILE B 298 22.25 -23.25 -14.62
CA ILE B 298 22.48 -22.86 -16.01
C ILE B 298 23.89 -22.29 -16.16
N SER B 299 24.32 -22.20 -17.42
CA SER B 299 25.70 -21.83 -17.70
C SER B 299 25.88 -20.32 -17.73
N ASP B 300 27.15 -19.90 -17.65
CA ASP B 300 27.47 -18.47 -17.73
C ASP B 300 26.96 -17.87 -19.03
N GLU B 301 27.10 -18.61 -20.14
CA GLU B 301 26.55 -18.14 -21.40
C GLU B 301 25.02 -18.12 -21.35
N ASP B 302 24.43 -19.09 -20.65
CA ASP B 302 22.98 -19.11 -20.50
C ASP B 302 22.50 -17.86 -19.76
N VAL B 303 23.26 -17.42 -18.75
CA VAL B 303 22.93 -16.19 -18.04
C VAL B 303 23.01 -14.99 -18.97
N GLN B 304 24.05 -14.94 -19.81
CA GLN B 304 24.19 -13.82 -20.73
C GLN B 304 23.03 -13.80 -21.72
N LYS B 305 22.63 -14.96 -22.23
CA LYS B 305 21.49 -15.02 -23.13
C LYS B 305 20.25 -14.46 -22.45
N LEU B 306 20.01 -14.86 -21.20
CA LEU B 306 18.85 -14.37 -20.46
C LEU B 306 18.88 -12.85 -20.36
N LYS B 307 20.05 -12.29 -20.04
CA LYS B 307 20.18 -10.84 -19.91
C LYS B 307 19.83 -10.15 -21.21
N GLU B 308 20.30 -10.69 -22.33
CA GLU B 308 20.03 -10.06 -23.62
C GLU B 308 18.56 -10.13 -23.98
N ALA B 309 17.91 -11.26 -23.69
CA ALA B 309 16.50 -11.42 -24.01
C ALA B 309 15.65 -10.46 -23.17
N TYR B 310 15.91 -10.39 -21.87
CA TYR B 310 15.11 -9.50 -21.02
C TYR B 310 15.30 -8.05 -21.39
N LEU B 311 16.50 -7.66 -21.84
CA LEU B 311 16.70 -6.28 -22.29
C LEU B 311 15.78 -5.95 -23.45
N SER B 312 15.36 -6.95 -24.23
CA SER B 312 14.52 -6.74 -25.39
C SER B 312 13.02 -6.81 -25.11
N MET B 313 12.61 -6.98 -23.85
CA MET B 313 11.18 -7.01 -23.59
C MET B 313 10.73 -6.71 -22.17
N SER B 314 11.67 -6.71 -21.21
CA SER B 314 11.34 -6.36 -19.82
C SER B 314 12.62 -5.99 -19.09
N PRO B 315 13.20 -4.83 -19.38
CA PRO B 315 14.55 -4.52 -18.88
C PRO B 315 14.64 -4.34 -17.37
N GLY B 316 13.53 -4.03 -16.70
CA GLY B 316 13.59 -3.79 -15.27
C GLY B 316 14.17 -4.95 -14.48
N ILE B 317 13.96 -6.18 -14.95
CA ILE B 317 14.49 -7.33 -14.22
C ILE B 317 16.01 -7.27 -14.15
N ILE B 318 16.66 -6.71 -15.17
CA ILE B 318 18.12 -6.60 -15.15
C ILE B 318 18.57 -5.75 -13.98
N LEU B 319 17.84 -4.66 -13.73
CA LEU B 319 18.17 -3.76 -12.63
C LEU B 319 17.92 -4.43 -11.29
N LYS B 320 16.84 -5.20 -11.19
CA LYS B 320 16.60 -5.95 -9.96
C LYS B 320 17.74 -6.93 -9.69
N TRP B 321 18.18 -7.65 -10.72
CA TRP B 321 19.27 -8.61 -10.52
C TRP B 321 20.55 -7.90 -10.11
N LYS B 322 20.88 -6.78 -10.77
CA LYS B 322 22.08 -6.03 -10.41
C LYS B 322 22.00 -5.51 -8.98
N ASP B 323 20.86 -4.93 -8.62
CA ASP B 323 20.70 -4.36 -7.28
C ASP B 323 20.76 -5.43 -6.19
N GLU B 324 20.15 -6.58 -6.44
CA GLU B 324 20.03 -7.62 -5.42
C GLU B 324 21.07 -8.71 -5.56
N LYS B 325 22.10 -8.51 -6.38
CA LYS B 325 23.18 -9.47 -6.54
C LYS B 325 22.64 -10.85 -6.87
N ILE B 326 21.68 -10.89 -7.79
CA ILE B 326 21.04 -12.14 -8.20
C ILE B 326 21.68 -12.58 -9.50
N ASN B 327 22.33 -13.74 -9.47
CA ASN B 327 22.73 -14.43 -10.68
C ASN B 327 21.85 -15.66 -10.86
N PRO B 328 21.05 -15.73 -11.92
CA PRO B 328 20.06 -16.83 -12.02
C PRO B 328 20.66 -18.23 -11.99
N LYS B 329 21.93 -18.40 -12.36
CA LYS B 329 22.54 -19.73 -12.27
C LYS B 329 22.77 -20.14 -10.82
N ASN B 330 22.82 -19.18 -9.90
CA ASN B 330 23.00 -19.46 -8.48
C ASN B 330 21.76 -19.27 -7.65
N THR B 331 20.86 -18.35 -8.04
CA THR B 331 19.70 -17.98 -7.23
C THR B 331 18.45 -18.10 -8.09
N PRO B 332 17.45 -18.86 -7.66
CA PRO B 332 16.21 -18.96 -8.45
C PRO B 332 15.43 -17.66 -8.45
N ILE B 333 14.52 -17.55 -9.40
CA ILE B 333 13.80 -16.30 -9.70
C ILE B 333 12.42 -16.35 -9.05
N GLU B 334 12.17 -15.43 -8.11
CA GLU B 334 10.92 -15.42 -7.36
C GLU B 334 9.77 -14.91 -8.23
N ILE B 335 8.61 -15.57 -8.11
CA ILE B 335 7.43 -15.26 -8.89
C ILE B 335 6.25 -15.00 -7.96
N CYS B 336 5.28 -14.24 -8.46
CA CYS B 336 4.05 -14.07 -7.70
C CYS B 336 2.99 -13.48 -8.62
N GLY B 337 1.79 -13.36 -8.07
CA GLY B 337 0.65 -12.94 -8.87
C GLY B 337 0.42 -11.44 -8.84
N SER B 338 -0.18 -10.96 -9.91
CA SER B 338 -0.44 -9.54 -10.11
C SER B 338 -1.78 -9.15 -9.52
N GLU B 339 -2.19 -7.91 -9.76
CA GLU B 339 -3.58 -7.51 -9.53
C GLU B 339 -4.47 -8.21 -10.57
N PRO B 340 -5.76 -8.30 -10.30
CA PRO B 340 -6.70 -8.77 -11.33
C PRO B 340 -6.93 -7.69 -12.38
N TYR B 341 -6.92 -8.11 -13.64
CA TYR B 341 -7.18 -7.23 -14.77
C TYR B 341 -8.51 -7.59 -15.42
N ILE B 342 -9.09 -6.63 -16.13
CA ILE B 342 -10.31 -6.91 -16.89
C ILE B 342 -9.94 -6.93 -18.37
N VAL B 343 -9.64 -8.11 -18.90
CA VAL B 343 -9.10 -8.21 -20.25
C VAL B 343 -9.72 -9.37 -21.03
N GLY B 344 -9.78 -9.19 -22.33
CA GLY B 344 -10.27 -10.22 -23.22
C GLY B 344 -9.20 -10.83 -24.10
N GLY B 345 -7.93 -10.63 -23.75
CA GLY B 345 -6.85 -11.31 -24.43
C GLY B 345 -6.42 -12.54 -23.67
N HIS B 346 -5.81 -12.35 -22.51
CA HIS B 346 -5.48 -13.46 -21.63
C HIS B 346 -6.67 -13.90 -20.79
N GLY B 347 -7.72 -13.08 -20.69
CA GLY B 347 -8.95 -13.48 -20.02
C GLY B 347 -10.08 -13.42 -21.03
N GLN B 348 -11.33 -13.49 -20.59
CA GLN B 348 -12.43 -13.53 -21.55
C GLN B 348 -13.48 -12.45 -21.28
N ALA B 349 -13.06 -11.36 -20.66
CA ALA B 349 -13.95 -10.24 -20.36
C ALA B 349 -13.91 -9.23 -21.50
N GLY B 350 -15.05 -8.62 -21.79
CA GLY B 350 -15.08 -7.52 -22.73
C GLY B 350 -16.40 -7.43 -23.45
N TYR B 351 -16.38 -6.76 -24.60
CA TYR B 351 -17.58 -6.61 -25.39
C TYR B 351 -18.16 -7.97 -25.75
N TRP B 352 -19.48 -8.05 -25.76
CA TRP B 352 -20.20 -9.17 -26.37
C TRP B 352 -20.37 -8.87 -27.85
N VAL B 353 -19.82 -9.73 -28.71
CA VAL B 353 -19.89 -9.53 -30.15
C VAL B 353 -20.44 -10.80 -30.80
N ASP B 354 -20.93 -10.63 -32.03
CA ASP B 354 -21.27 -11.77 -32.87
C ASP B 354 -20.00 -12.29 -33.55
N ILE B 355 -20.16 -13.33 -34.37
CA ILE B 355 -19.01 -13.95 -35.01
C ILE B 355 -18.28 -13.00 -35.94
N ASN B 356 -18.94 -11.96 -36.43
CA ASN B 356 -18.30 -10.96 -37.26
C ASN B 356 -17.70 -9.81 -36.45
N ARG B 357 -17.67 -9.94 -35.12
CA ARG B 357 -17.11 -8.94 -34.22
C ARG B 357 -17.93 -7.65 -34.21
N LYS B 358 -19.19 -7.72 -34.62
CA LYS B 358 -20.11 -6.60 -34.41
C LYS B 358 -20.62 -6.64 -32.98
N THR B 359 -20.56 -5.50 -32.30
CA THR B 359 -21.09 -5.37 -30.94
C THR B 359 -22.62 -5.39 -31.01
N THR B 360 -23.27 -5.11 -29.88
CA THR B 360 -24.73 -5.06 -29.90
C THR B 360 -25.26 -3.75 -30.46
N LEU B 361 -24.40 -2.79 -30.78
CA LEU B 361 -24.81 -1.51 -31.35
C LEU B 361 -24.50 -1.48 -32.84
N GLU B 362 -25.49 -1.12 -33.65
CA GLU B 362 -25.28 -1.04 -35.08
C GLU B 362 -24.18 -0.02 -35.37
N GLY B 363 -23.26 -0.40 -36.26
CA GLY B 363 -22.20 0.49 -36.68
C GLY B 363 -20.96 0.42 -35.83
N LEU B 364 -20.94 -0.40 -34.80
CA LEU B 364 -19.79 -0.48 -33.89
C LEU B 364 -19.29 -1.92 -33.82
N TYR B 365 -18.02 -2.10 -34.15
CA TYR B 365 -17.33 -3.38 -34.10
C TYR B 365 -16.21 -3.27 -33.08
N ALA B 366 -15.64 -4.42 -32.70
CA ALA B 366 -14.58 -4.44 -31.69
C ALA B 366 -13.66 -5.62 -31.94
N ALA B 367 -12.42 -5.50 -31.47
CA ALA B 367 -11.43 -6.53 -31.72
C ALA B 367 -10.32 -6.41 -30.70
N GLY B 368 -9.78 -7.57 -30.30
CA GLY B 368 -8.63 -7.59 -29.40
C GLY B 368 -8.94 -7.81 -27.95
N ASP B 369 -8.09 -7.27 -27.07
CA ASP B 369 -8.27 -7.44 -25.63
C ASP B 369 -9.55 -6.78 -25.12
N VAL B 370 -10.20 -5.94 -25.94
CA VAL B 370 -11.46 -5.33 -25.51
C VAL B 370 -12.66 -6.23 -25.74
N VAL B 371 -12.47 -7.38 -26.38
CA VAL B 371 -13.57 -8.28 -26.73
C VAL B 371 -13.52 -9.52 -25.83
N GLY B 372 -14.68 -9.88 -25.27
CA GLY B 372 -14.78 -11.03 -24.39
C GLY B 372 -15.09 -12.32 -25.13
N GLY B 373 -15.07 -13.40 -24.36
CA GLY B 373 -15.52 -14.70 -24.82
C GLY B 373 -14.43 -15.65 -25.29
N SER B 374 -13.23 -15.17 -25.57
CA SER B 374 -12.18 -16.01 -26.15
C SER B 374 -10.82 -15.74 -25.54
N PRO B 375 -10.48 -16.46 -24.47
CA PRO B 375 -9.18 -16.23 -23.83
C PRO B 375 -8.02 -16.87 -24.60
N LYS B 376 -6.81 -16.47 -24.23
CA LYS B 376 -5.58 -16.95 -24.87
C LYS B 376 -5.51 -16.52 -26.34
N LYS B 377 -5.81 -15.25 -26.57
CA LYS B 377 -5.77 -14.65 -27.89
C LYS B 377 -4.33 -14.35 -28.34
N TYR B 378 -3.57 -13.63 -27.51
CA TYR B 378 -2.20 -13.23 -27.82
C TYR B 378 -2.15 -12.26 -29.01
N VAL B 379 -0.95 -11.92 -29.49
CA VAL B 379 -0.84 -10.88 -30.50
C VAL B 379 -1.50 -11.33 -31.79
N THR B 380 -1.21 -12.56 -32.21
CA THR B 380 -1.77 -13.06 -33.47
C THR B 380 -3.29 -13.12 -33.41
N GLY B 381 -3.84 -13.54 -32.26
CA GLY B 381 -5.29 -13.58 -32.12
C GLY B 381 -5.93 -12.21 -32.13
N CYS B 382 -5.30 -11.22 -31.50
CA CYS B 382 -5.81 -9.85 -31.58
C CYS B 382 -5.73 -9.31 -33.00
N MET B 383 -4.63 -9.57 -33.70
CA MET B 383 -4.52 -9.15 -35.09
C MET B 383 -5.63 -9.80 -35.92
N ALA B 384 -5.87 -11.10 -35.71
CA ALA B 384 -6.89 -11.80 -36.47
C ALA B 384 -8.27 -11.21 -36.22
N GLU B 385 -8.57 -10.89 -34.96
CA GLU B 385 -9.87 -10.30 -34.65
C GLU B 385 -10.03 -8.94 -35.33
N GLY B 386 -8.97 -8.15 -35.39
CA GLY B 386 -9.04 -6.88 -36.10
C GLY B 386 -9.39 -7.06 -37.56
N GLU B 387 -8.80 -8.06 -38.21
CA GLU B 387 -9.15 -8.36 -39.59
C GLU B 387 -10.62 -8.75 -39.70
N ILE B 388 -11.09 -9.63 -38.82
CA ILE B 388 -12.47 -10.11 -38.91
C ILE B 388 -13.42 -8.93 -38.76
N ALA B 389 -13.17 -8.09 -37.75
CA ALA B 389 -14.02 -6.92 -37.49
C ALA B 389 -14.04 -5.97 -38.69
N VAL B 390 -12.87 -5.66 -39.25
CA VAL B 390 -12.81 -4.65 -40.29
C VAL B 390 -13.44 -5.18 -41.58
N GLU B 391 -13.27 -6.48 -41.86
CA GLU B 391 -13.93 -7.08 -43.01
C GLU B 391 -15.45 -6.94 -42.88
N ALA B 392 -15.99 -7.17 -41.69
CA ALA B 392 -17.42 -7.01 -41.48
C ALA B 392 -17.84 -5.55 -41.63
N ALA B 393 -17.05 -4.63 -41.06
CA ALA B 393 -17.40 -3.21 -41.17
C ALA B 393 -17.38 -2.74 -42.61
N ILE B 394 -16.40 -3.21 -43.40
CA ILE B 394 -16.29 -2.77 -44.79
C ILE B 394 -17.54 -3.19 -45.57
N GLU B 395 -18.03 -4.41 -45.34
CA GLU B 395 -19.25 -4.85 -45.99
C GLU B 395 -20.45 -4.01 -45.54
N TYR B 396 -20.44 -3.55 -44.28
CA TYR B 396 -21.57 -2.82 -43.74
C TYR B 396 -21.64 -1.40 -44.29
N ILE B 397 -20.49 -0.76 -44.49
CA ILE B 397 -20.47 0.64 -44.96
C ILE B 397 -20.68 0.75 -46.46
N LYS B 398 -20.59 -0.37 -47.19
CA LYS B 398 -20.66 -0.33 -48.65
C LYS B 398 -21.79 0.54 -49.18
N SER B 399 -22.98 0.43 -48.58
CA SER B 399 -24.13 1.13 -49.12
C SER B 399 -24.14 2.60 -48.70
N MET B 400 -23.77 2.88 -47.46
CA MET B 400 -24.08 4.14 -46.84
C MET B 400 -23.00 5.19 -47.10
N GLU B 401 -23.25 6.40 -46.60
CA GLU B 401 -22.30 7.50 -46.62
C GLU B 401 -22.47 8.27 -45.32
N ASN B 402 -21.41 8.96 -44.90
CA ASN B 402 -21.48 9.76 -43.68
C ASN B 402 -22.18 11.09 -44.01
N ASP B 403 -23.51 11.02 -44.04
CA ASP B 403 -24.36 12.19 -44.17
C ASP B 403 -25.16 12.48 -42.91
N ILE B 404 -24.83 11.79 -41.80
CA ILE B 404 -25.55 11.98 -40.55
C ILE B 404 -25.29 13.38 -40.02
N GLU B 405 -26.35 14.06 -39.62
CA GLU B 405 -26.27 15.41 -39.05
C GLU B 405 -26.40 15.31 -37.55
N ILE B 406 -25.42 15.83 -36.82
CA ILE B 406 -25.38 15.75 -35.36
C ILE B 406 -25.79 17.10 -34.81
N ASP B 407 -26.83 17.11 -33.99
CA ASP B 407 -27.34 18.36 -33.43
C ASP B 407 -26.25 19.03 -32.59
N GLU B 408 -26.11 20.34 -32.78
CA GLU B 408 -25.09 21.09 -32.05
C GLU B 408 -25.25 20.91 -30.55
N GLN B 409 -26.48 20.74 -30.07
CA GLN B 409 -26.73 20.58 -28.64
C GLN B 409 -26.07 19.32 -28.12
N GLU B 410 -26.15 18.22 -28.89
CA GLU B 410 -25.51 16.99 -28.46
C GLU B 410 -24.00 17.16 -28.41
N ILE B 411 -23.43 17.90 -29.37
CA ILE B 411 -22.00 18.18 -29.34
C ILE B 411 -21.65 18.96 -28.09
N ALA B 412 -22.40 20.03 -27.83
CA ALA B 412 -22.15 20.85 -26.65
C ALA B 412 -22.26 20.04 -25.36
N LYS B 413 -23.21 19.10 -25.32
CA LYS B 413 -23.36 18.25 -24.13
C LYS B 413 -22.12 17.43 -23.87
N GLU B 414 -21.54 16.82 -24.90
CA GLU B 414 -20.32 16.05 -24.69
C GLU B 414 -19.16 16.95 -24.33
N ILE B 415 -19.08 18.13 -24.93
CA ILE B 415 -18.03 19.08 -24.57
C ILE B 415 -18.11 19.41 -23.08
N ASP B 416 -19.32 19.72 -22.61
CA ASP B 416 -19.50 20.05 -21.19
C ASP B 416 -19.03 18.89 -20.31
N ARG B 417 -19.37 17.66 -20.71
CA ARG B 417 -18.98 16.50 -19.90
C ARG B 417 -17.47 16.31 -19.93
N VAL B 418 -16.86 16.47 -21.10
CA VAL B 418 -15.44 16.17 -21.25
C VAL B 418 -14.59 17.17 -20.46
N PHE B 419 -14.95 18.45 -20.50
CA PHE B 419 -14.12 19.50 -19.92
C PHE B 419 -14.62 19.97 -18.57
N TYR B 420 -15.63 19.31 -17.99
CA TYR B 420 -16.20 19.76 -16.73
C TYR B 420 -15.18 20.05 -15.64
N PRO B 421 -14.24 19.16 -15.31
CA PRO B 421 -13.35 19.43 -14.17
C PRO B 421 -12.32 20.51 -14.46
N LEU B 422 -12.10 20.85 -15.73
CA LEU B 422 -11.19 21.95 -16.04
C LEU B 422 -11.80 23.28 -15.62
N ASN B 423 -13.12 23.39 -15.65
CA ASN B 423 -13.84 24.61 -15.27
C ASN B 423 -14.43 24.52 -13.87
N ASN B 424 -13.92 23.61 -13.03
CA ASN B 424 -14.51 23.37 -11.72
C ASN B 424 -13.67 24.08 -10.65
N LYS B 425 -13.97 25.36 -10.45
CA LYS B 425 -13.30 26.10 -9.40
C LYS B 425 -13.69 25.58 -8.02
N LYS B 426 -14.88 25.00 -7.88
CA LYS B 426 -15.35 24.49 -6.61
C LYS B 426 -14.82 23.10 -6.28
N GLY B 427 -14.05 22.48 -7.17
CA GLY B 427 -13.60 21.12 -6.94
C GLY B 427 -12.64 21.01 -5.77
N GLU B 428 -12.62 19.83 -5.16
CA GLU B 428 -11.78 19.61 -4.00
C GLU B 428 -10.92 18.37 -4.08
N PHE B 429 -11.10 17.52 -5.09
CA PHE B 429 -10.37 16.28 -5.24
C PHE B 429 -9.62 16.26 -6.57
N SER B 430 -8.55 15.52 -6.60
CA SER B 430 -7.79 15.29 -7.83
C SER B 430 -8.10 13.91 -8.39
N PRO B 431 -7.87 13.70 -9.69
CA PRO B 431 -8.04 12.34 -10.23
C PRO B 431 -7.21 11.31 -9.48
N ASP B 432 -5.98 11.65 -9.09
CA ASP B 432 -5.11 10.68 -8.41
C ASP B 432 -5.69 10.24 -7.08
N GLU B 433 -6.29 11.17 -6.33
CA GLU B 433 -6.90 10.84 -5.04
C GLU B 433 -8.07 9.88 -5.24
N ILE B 434 -8.92 10.17 -6.22
CA ILE B 434 -10.09 9.32 -6.45
C ILE B 434 -9.67 7.96 -7.00
N GLU B 435 -8.64 7.93 -7.86
CA GLU B 435 -8.13 6.66 -8.36
C GLU B 435 -7.71 5.75 -7.21
N GLU B 436 -6.96 6.29 -6.25
CA GLU B 436 -6.50 5.46 -5.13
C GLU B 436 -7.68 4.99 -4.27
N ARG B 437 -8.65 5.87 -4.04
CA ARG B 437 -9.83 5.51 -3.28
C ARG B 437 -10.56 4.35 -3.93
N MET B 438 -10.75 4.42 -5.26
CA MET B 438 -11.36 3.33 -6.00
C MET B 438 -10.57 2.04 -5.83
N GLN B 439 -9.26 2.10 -6.02
CA GLN B 439 -8.43 0.90 -5.98
C GLN B 439 -8.52 0.25 -4.60
N LYS B 440 -8.60 1.07 -3.56
CA LYS B 440 -8.73 0.54 -2.20
C LYS B 440 -10.05 -0.20 -2.03
N VAL B 441 -11.16 0.40 -2.49
CA VAL B 441 -12.47 -0.25 -2.42
C VAL B 441 -12.42 -1.63 -3.09
N MET B 442 -11.91 -1.67 -4.32
CA MET B 442 -11.92 -2.91 -5.08
C MET B 442 -10.97 -3.94 -4.47
N ASP B 443 -9.80 -3.51 -4.03
CA ASP B 443 -8.85 -4.45 -3.41
C ASP B 443 -9.46 -5.11 -2.18
N GLU B 444 -10.17 -4.33 -1.35
CA GLU B 444 -10.63 -4.80 -0.05
C GLU B 444 -12.00 -5.48 -0.12
N TYR B 445 -12.87 -5.05 -1.03
CA TYR B 445 -14.23 -5.54 -1.06
C TYR B 445 -14.61 -6.26 -2.33
N ALA B 446 -13.72 -6.35 -3.32
CA ALA B 446 -14.03 -7.02 -4.57
C ALA B 446 -12.91 -8.00 -4.99
N GLY B 447 -12.17 -8.51 -4.03
CA GLY B 447 -11.27 -9.62 -4.30
C GLY B 447 -9.95 -9.28 -4.92
N GLY B 448 -9.26 -8.29 -4.37
CA GLY B 448 -7.94 -7.92 -4.81
C GLY B 448 -6.85 -8.76 -4.15
N ILE B 449 -5.62 -8.30 -4.37
CA ILE B 449 -4.45 -8.96 -3.81
C ILE B 449 -4.62 -9.17 -2.31
N SER B 450 -5.13 -8.15 -1.61
CA SER B 450 -5.11 -8.21 -0.15
C SER B 450 -6.03 -9.31 0.38
N SER B 451 -7.01 -9.75 -0.40
CA SER B 451 -7.88 -10.86 -0.01
C SER B 451 -7.48 -12.18 -0.68
N TYR B 452 -6.27 -12.24 -1.22
CA TYR B 452 -5.83 -13.39 -2.00
C TYR B 452 -6.85 -13.73 -3.09
N TYR B 453 -7.46 -12.69 -3.64
CA TYR B 453 -8.38 -12.72 -4.76
C TYR B 453 -9.76 -13.28 -4.43
N ARG B 454 -10.05 -13.57 -3.16
CA ARG B 454 -11.31 -14.17 -2.77
C ARG B 454 -12.40 -13.12 -2.65
N VAL B 455 -13.60 -13.46 -3.11
CA VAL B 455 -14.74 -12.56 -3.01
C VAL B 455 -15.88 -13.27 -2.29
N ASN B 456 -16.67 -12.49 -1.55
CA ASN B 456 -17.89 -13.00 -0.94
C ASN B 456 -18.99 -11.96 -1.04
N GLU B 457 -20.22 -12.41 -0.87
CA GLU B 457 -21.38 -11.57 -1.16
C GLU B 457 -21.39 -10.30 -0.32
N SER B 458 -21.15 -10.42 0.99
CA SER B 458 -21.27 -9.24 1.87
C SER B 458 -20.29 -8.14 1.48
N LYS B 459 -19.05 -8.50 1.17
CA LYS B 459 -18.07 -7.51 0.77
C LYS B 459 -18.42 -6.92 -0.59
N LEU B 460 -18.89 -7.75 -1.53
CA LEU B 460 -19.30 -7.23 -2.84
C LEU B 460 -20.43 -6.22 -2.72
N LEU B 461 -21.40 -6.47 -1.84
CA LEU B 461 -22.48 -5.51 -1.65
C LEU B 461 -21.97 -4.19 -1.09
N ILE B 462 -20.94 -4.24 -0.24
CA ILE B 462 -20.31 -3.00 0.22
C ILE B 462 -19.61 -2.31 -0.93
N ALA B 463 -18.91 -3.08 -1.78
CA ALA B 463 -18.22 -2.47 -2.91
C ALA B 463 -19.19 -1.74 -3.82
N ARG B 464 -20.37 -2.33 -4.05
CA ARG B 464 -21.37 -1.69 -4.89
C ARG B 464 -21.72 -0.31 -4.34
N GLU B 465 -21.97 -0.22 -3.04
CA GLU B 465 -22.39 1.05 -2.46
C GLU B 465 -21.22 2.04 -2.41
N LEU B 466 -20.01 1.55 -2.17
CA LEU B 466 -18.89 2.48 -2.08
C LEU B 466 -18.54 3.05 -3.45
N LEU B 467 -18.72 2.27 -4.52
CA LEU B 467 -18.44 2.76 -5.86
C LEU B 467 -19.43 3.86 -6.24
N LYS B 468 -20.69 3.71 -5.82
CA LYS B 468 -21.67 4.75 -6.10
C LYS B 468 -21.30 6.05 -5.41
N ALA B 469 -20.75 5.98 -4.20
CA ALA B 469 -20.33 7.18 -3.51
C ALA B 469 -19.11 7.81 -4.17
N ILE B 470 -18.22 7.00 -4.73
CA ILE B 470 -17.12 7.57 -5.52
C ILE B 470 -17.69 8.29 -6.73
N GLU B 471 -18.59 7.63 -7.45
CA GLU B 471 -19.23 8.23 -8.62
C GLU B 471 -19.85 9.58 -8.29
N GLU B 472 -20.53 9.70 -7.15
CA GLU B 472 -21.08 10.98 -6.72
C GLU B 472 -20.00 12.05 -6.55
N ASP B 473 -18.81 11.67 -6.14
CA ASP B 473 -17.76 12.64 -5.87
C ASP B 473 -16.96 13.02 -7.12
N LEU B 474 -17.24 12.41 -8.27
CA LEU B 474 -16.54 12.78 -9.50
C LEU B 474 -16.77 14.25 -9.83
N SER B 475 -17.96 14.78 -9.53
CA SER B 475 -18.28 16.18 -9.80
C SER B 475 -17.48 17.14 -8.92
N LYS B 476 -16.79 16.63 -7.89
CA LYS B 476 -15.94 17.44 -7.03
C LYS B 476 -14.48 17.37 -7.43
N ILE B 477 -14.20 16.81 -8.58
CA ILE B 477 -12.83 16.76 -9.09
C ILE B 477 -12.56 18.06 -9.84
N LYS B 478 -11.37 18.66 -9.65
CA LYS B 478 -10.87 19.82 -10.44
C LYS B 478 -9.46 19.52 -11.00
N VAL B 479 -9.22 19.73 -12.32
CA VAL B 479 -7.95 19.50 -12.99
C VAL B 479 -7.43 20.82 -13.52
N ARG B 480 -6.11 20.93 -13.69
CA ARG B 480 -5.47 22.17 -14.13
C ARG B 480 -5.03 22.17 -15.59
N ASN B 481 -4.98 21.02 -16.26
CA ASN B 481 -4.48 21.00 -17.62
C ASN B 481 -5.06 19.80 -18.34
N ARG B 482 -4.79 19.72 -19.65
CA ARG B 482 -5.40 18.69 -20.47
C ARG B 482 -4.84 17.31 -20.18
N TYR B 483 -3.60 17.23 -19.69
CA TYR B 483 -3.06 15.93 -19.32
C TYR B 483 -3.77 15.38 -18.09
N GLU B 484 -3.95 16.23 -17.08
CA GLU B 484 -4.74 15.82 -15.91
C GLU B 484 -6.19 15.54 -16.30
N LEU B 485 -6.70 16.21 -17.34
CA LEU B 485 -8.04 15.90 -17.83
C LEU B 485 -8.11 14.48 -18.39
N MET B 486 -7.08 14.05 -19.12
CA MET B 486 -7.01 12.64 -19.52
C MET B 486 -7.09 11.71 -18.31
N LYS B 487 -6.34 12.03 -17.25
CA LYS B 487 -6.40 11.20 -16.04
C LYS B 487 -7.80 11.17 -15.45
N TYR B 488 -8.50 12.31 -15.46
CA TYR B 488 -9.87 12.32 -14.98
C TYR B 488 -10.72 11.33 -15.75
N HIS B 489 -10.60 11.32 -17.08
CA HIS B 489 -11.43 10.42 -17.88
C HIS B 489 -11.04 8.97 -17.65
N GLU B 490 -9.76 8.70 -17.38
CA GLU B 490 -9.38 7.34 -17.03
C GLU B 490 -10.07 6.89 -15.76
N VAL B 491 -10.24 7.81 -14.80
CA VAL B 491 -10.91 7.46 -13.56
C VAL B 491 -12.41 7.31 -13.78
N VAL B 492 -13.01 8.25 -14.50
CA VAL B 492 -14.43 8.13 -14.82
C VAL B 492 -14.72 6.79 -15.47
N ASP B 493 -13.91 6.43 -16.47
CA ASP B 493 -14.13 5.17 -17.18
C ASP B 493 -13.97 3.97 -16.24
N ARG B 494 -12.92 3.96 -15.41
CA ARG B 494 -12.69 2.78 -14.57
C ARG B 494 -13.77 2.62 -13.51
N ILE B 495 -14.35 3.72 -13.01
CA ILE B 495 -15.41 3.59 -12.02
C ILE B 495 -16.59 2.82 -12.60
N LEU B 496 -16.97 3.15 -13.84
CA LEU B 496 -18.07 2.45 -14.49
C LEU B 496 -17.71 0.99 -14.71
N VAL B 497 -16.49 0.72 -15.19
CA VAL B 497 -16.08 -0.67 -15.36
C VAL B 497 -16.11 -1.39 -14.02
N ALA B 498 -15.63 -0.74 -12.96
CA ALA B 498 -15.61 -1.37 -11.65
C ALA B 498 -17.02 -1.70 -11.17
N ARG B 499 -17.98 -0.79 -11.38
CA ARG B 499 -19.36 -1.08 -11.02
C ARG B 499 -19.88 -2.29 -11.77
N ALA B 500 -19.53 -2.43 -13.04
CA ALA B 500 -19.94 -3.61 -13.79
C ALA B 500 -19.27 -4.88 -13.23
N VAL B 501 -17.98 -4.79 -12.92
CA VAL B 501 -17.27 -5.96 -12.39
C VAL B 501 -17.97 -6.46 -11.13
N VAL B 502 -18.29 -5.54 -10.22
CA VAL B 502 -18.93 -5.93 -8.96
C VAL B 502 -20.27 -6.60 -9.22
N GLU B 503 -21.08 -6.06 -10.13
CA GLU B 503 -22.36 -6.70 -10.44
C GLU B 503 -22.16 -8.11 -11.00
N HIS B 504 -21.17 -8.29 -11.89
CA HIS B 504 -20.91 -9.62 -12.43
C HIS B 504 -20.48 -10.58 -11.33
N LEU B 505 -19.57 -10.12 -10.47
CA LEU B 505 -19.07 -10.99 -9.40
C LEU B 505 -20.19 -11.36 -8.43
N LEU B 506 -21.12 -10.43 -8.17
CA LEU B 506 -22.26 -10.71 -7.30
C LEU B 506 -23.17 -11.75 -7.93
N TYR B 507 -23.33 -11.71 -9.25
CA TYR B 507 -24.37 -12.49 -9.90
C TYR B 507 -23.99 -13.96 -10.02
N ARG B 508 -22.75 -14.27 -10.41
CA ARG B 508 -22.35 -15.66 -10.63
C ARG B 508 -22.12 -16.34 -9.28
N LYS B 509 -23.11 -17.10 -8.83
CA LYS B 509 -23.04 -17.80 -7.54
C LYS B 509 -22.46 -19.20 -7.73
N GLU B 510 -21.20 -19.22 -8.13
CA GLU B 510 -20.44 -20.46 -8.37
C GLU B 510 -18.99 -20.01 -8.51
N THR B 511 -18.08 -20.97 -8.50
CA THR B 511 -16.68 -20.71 -8.79
C THR B 511 -16.36 -21.48 -10.08
N ARG B 512 -16.30 -20.74 -11.19
CA ARG B 512 -16.06 -21.28 -12.53
C ARG B 512 -14.58 -21.21 -12.90
N TRP B 513 -13.90 -20.12 -12.53
CA TRP B 513 -12.47 -19.95 -12.81
C TRP B 513 -11.76 -19.79 -11.48
N LYS B 514 -10.92 -20.77 -11.12
CA LYS B 514 -10.15 -20.64 -9.89
C LYS B 514 -9.21 -19.44 -10.01
N CYS B 515 -9.04 -18.75 -8.88
CA CYS B 515 -8.25 -17.52 -8.77
C CYS B 515 -8.88 -16.33 -9.48
N TYR B 516 -9.17 -16.47 -10.78
CA TYR B 516 -9.69 -15.34 -11.53
C TYR B 516 -11.11 -14.99 -11.12
N GLN B 517 -11.83 -15.90 -10.49
CA GLN B 517 -13.22 -15.68 -10.13
C GLN B 517 -13.55 -16.48 -8.87
N GLU B 518 -12.82 -16.22 -7.79
CA GLU B 518 -12.89 -17.03 -6.56
C GLU B 518 -14.04 -16.57 -5.67
N ARG B 519 -15.21 -17.19 -5.85
CA ARG B 519 -16.40 -16.94 -5.02
C ARG B 519 -16.34 -17.90 -3.84
N VAL B 520 -15.68 -17.46 -2.76
CA VAL B 520 -15.44 -18.36 -1.64
C VAL B 520 -16.74 -18.86 -1.02
N ASP B 521 -17.81 -18.07 -1.10
CA ASP B 521 -19.08 -18.50 -0.51
C ASP B 521 -19.85 -19.47 -1.40
N TYR B 522 -19.47 -19.61 -2.68
CA TYR B 522 -20.00 -20.62 -3.58
C TYR B 522 -18.82 -21.32 -4.24
N PRO B 523 -18.13 -22.19 -3.51
CA PRO B 523 -16.80 -22.64 -3.95
C PRO B 523 -16.82 -23.69 -5.03
N GLU B 524 -17.94 -24.35 -5.28
CA GLU B 524 -17.98 -25.43 -6.25
C GLU B 524 -18.41 -24.91 -7.62
N ILE B 525 -17.95 -25.59 -8.67
CA ILE B 525 -18.50 -25.35 -9.99
C ILE B 525 -19.93 -25.89 -10.02
N ASP B 526 -20.78 -25.24 -10.80
CA ASP B 526 -22.21 -25.54 -10.81
C ASP B 526 -22.69 -25.65 -12.25
N ASP B 527 -23.18 -26.83 -12.62
CA ASP B 527 -23.66 -27.05 -13.98
C ASP B 527 -24.84 -26.15 -14.32
N ASN B 528 -25.61 -25.70 -13.33
CA ASN B 528 -26.72 -24.79 -13.60
C ASN B 528 -26.25 -23.43 -14.04
N TRP B 529 -24.96 -23.12 -13.90
CA TRP B 529 -24.41 -21.82 -14.26
C TRP B 529 -23.61 -21.87 -15.55
N PHE B 530 -23.80 -22.91 -16.37
CA PHE B 530 -23.09 -22.99 -17.65
C PHE B 530 -23.82 -22.11 -18.67
N LYS B 531 -23.62 -20.80 -18.50
CA LYS B 531 -24.23 -19.76 -19.31
C LYS B 531 -23.37 -18.52 -19.13
N PHE B 532 -23.54 -17.56 -20.03
CA PHE B 532 -22.77 -16.32 -19.96
C PHE B 532 -23.52 -15.27 -19.16
N ILE B 533 -22.78 -14.56 -18.31
CA ILE B 533 -23.29 -13.44 -17.52
C ILE B 533 -22.86 -12.16 -18.22
N ASN B 534 -23.84 -11.41 -18.73
CA ASN B 534 -23.60 -10.18 -19.46
C ASN B 534 -24.19 -8.99 -18.72
N SER B 535 -23.74 -7.79 -19.11
CA SER B 535 -24.23 -6.59 -18.46
C SER B 535 -24.52 -5.51 -19.51
N LYS B 536 -25.40 -4.60 -19.11
N LYS B 536 -25.37 -4.58 -19.09
CA LYS B 536 -25.71 -3.39 -19.86
CA LYS B 536 -25.76 -3.39 -19.86
C LYS B 536 -25.88 -2.28 -18.84
C LYS B 536 -25.94 -2.26 -18.86
N TYR B 537 -25.52 -1.06 -19.23
CA TYR B 537 -25.63 0.10 -18.36
C TYR B 537 -26.88 0.86 -18.75
N ASN B 538 -27.78 1.08 -17.78
CA ASN B 538 -29.02 1.80 -18.00
C ASN B 538 -28.78 3.27 -17.64
N SER B 539 -28.73 4.13 -18.66
CA SER B 539 -28.42 5.54 -18.42
C SER B 539 -29.55 6.26 -17.71
N GLN B 540 -30.78 5.76 -17.81
CA GLN B 540 -31.90 6.40 -17.11
C GLN B 540 -31.81 6.16 -15.61
N THR B 541 -31.65 4.90 -15.19
CA THR B 541 -31.56 4.57 -13.77
C THR B 541 -30.13 4.59 -13.25
N ASN B 542 -29.14 4.79 -14.11
CA ASN B 542 -27.73 4.84 -13.71
C ASN B 542 -27.31 3.56 -12.98
N ASP B 543 -27.85 2.43 -13.43
CA ASP B 543 -27.57 1.13 -12.80
C ASP B 543 -27.11 0.14 -13.86
N ILE B 544 -26.23 -0.79 -13.45
CA ILE B 544 -25.83 -1.91 -14.28
C ILE B 544 -26.91 -2.98 -14.22
N GLU B 545 -27.30 -3.49 -15.38
CA GLU B 545 -28.31 -4.54 -15.49
C GLU B 545 -27.67 -5.80 -16.03
N ILE B 546 -27.93 -6.94 -15.38
CA ILE B 546 -27.34 -8.22 -15.77
C ILE B 546 -28.28 -8.92 -16.75
N ILE B 547 -27.69 -9.49 -17.81
CA ILE B 547 -28.40 -10.24 -18.82
C ILE B 547 -27.74 -11.62 -18.91
N GLU B 548 -28.54 -12.67 -18.91
CA GLU B 548 -28.03 -14.02 -19.09
C GLU B 548 -28.08 -14.37 -20.57
N ARG B 549 -26.99 -14.94 -21.09
CA ARG B 549 -26.94 -15.44 -22.47
C ARG B 549 -26.58 -16.92 -22.46
N GLU B 550 -27.40 -17.73 -23.12
CA GLU B 550 -27.17 -19.17 -23.08
C GLU B 550 -25.96 -19.55 -23.92
N TYR B 551 -25.27 -20.60 -23.50
CA TYR B 551 -24.14 -21.11 -24.26
C TYR B 551 -24.65 -21.81 -25.51
N GLU B 552 -23.94 -21.63 -26.62
CA GLU B 552 -24.31 -22.23 -27.90
C GLU B 552 -23.12 -22.96 -28.49
N LYS B 553 -23.30 -24.26 -28.77
CA LYS B 553 -22.30 -25.01 -29.51
C LYS B 553 -22.11 -24.38 -30.88
N PHE B 554 -20.86 -24.25 -31.30
CA PHE B 554 -20.56 -23.71 -32.62
C PHE B 554 -20.92 -24.76 -33.67
N ASN B 555 -21.89 -24.43 -34.53
CA ASN B 555 -22.35 -25.33 -35.58
C ASN B 555 -22.68 -24.49 -36.80
N PRO B 556 -21.66 -24.10 -37.57
CA PRO B 556 -21.92 -23.25 -38.74
C PRO B 556 -22.57 -24.04 -39.88
N VAL B 557 -23.62 -23.47 -40.45
CA VAL B 557 -24.29 -24.07 -41.61
C VAL B 557 -24.78 -22.96 -42.55
N THR C 2 11.39 3.09 -12.97
CA THR C 2 11.01 4.43 -13.49
C THR C 2 12.25 5.00 -14.19
N ILE C 3 12.15 6.23 -14.67
CA ILE C 3 13.24 6.86 -15.40
C ILE C 3 13.52 8.23 -14.81
N ARG C 4 14.75 8.68 -15.03
CA ARG C 4 15.15 10.05 -14.71
C ARG C 4 15.83 10.66 -15.94
N ILE C 5 15.61 11.96 -16.11
CA ILE C 5 16.25 12.73 -17.17
C ILE C 5 17.42 13.45 -16.54
N ILE C 6 18.62 13.21 -17.07
CA ILE C 6 19.83 13.88 -16.60
C ILE C 6 19.94 15.17 -17.40
N GLU C 7 19.44 16.26 -16.82
CA GLU C 7 19.30 17.50 -17.60
C GLU C 7 20.64 18.04 -18.10
N GLU C 8 21.73 17.80 -17.37
CA GLU C 8 23.02 18.30 -17.83
C GLU C 8 23.46 17.60 -19.11
N ILE C 9 23.02 16.36 -19.32
CA ILE C 9 23.36 15.64 -20.54
C ILE C 9 22.36 15.93 -21.66
N CYS C 10 21.10 16.13 -21.30
CA CYS C 10 20.04 16.37 -22.27
C CYS C 10 20.40 17.54 -23.16
N ILE C 11 20.25 17.34 -24.48
CA ILE C 11 20.50 18.39 -25.47
C ILE C 11 19.21 18.97 -26.03
N GLY C 12 18.06 18.64 -25.44
CA GLY C 12 16.82 19.29 -25.81
C GLY C 12 16.31 18.97 -27.19
N CYS C 13 16.53 17.74 -27.66
CA CYS C 13 16.12 17.36 -29.01
C CYS C 13 14.64 17.04 -29.13
N GLY C 14 13.97 16.70 -28.04
CA GLY C 14 12.56 16.41 -28.06
C GLY C 14 12.17 14.99 -28.45
N LEU C 15 13.13 14.17 -28.89
CA LEU C 15 12.79 12.86 -29.45
C LEU C 15 12.09 11.98 -28.43
N CYS C 16 12.49 12.05 -27.17
CA CYS C 16 11.89 11.21 -26.14
C CYS C 16 10.45 11.59 -25.85
N THR C 17 9.95 12.69 -26.39
CA THR C 17 8.59 13.13 -26.07
C THR C 17 7.55 12.57 -27.03
N LYS C 18 7.95 11.80 -28.04
CA LYS C 18 7.03 11.28 -29.03
C LYS C 18 6.93 9.75 -29.00
N VAL C 19 7.22 9.12 -27.85
CA VAL C 19 7.19 7.67 -27.80
C VAL C 19 6.39 7.06 -26.66
N CYS C 20 6.21 7.80 -25.56
CA CYS C 20 5.74 7.19 -24.32
C CYS C 20 4.29 6.73 -24.41
N PRO C 21 4.00 5.45 -24.13
CA PRO C 21 2.61 4.98 -24.17
C PRO C 21 1.71 5.63 -23.14
N GLY C 22 2.28 6.29 -22.13
CA GLY C 22 1.54 7.03 -21.15
C GLY C 22 1.57 8.51 -21.32
N ASN C 23 2.14 9.02 -22.41
CA ASN C 23 2.27 10.47 -22.62
C ASN C 23 3.01 11.18 -21.48
N LEU C 24 3.97 10.51 -20.86
CA LEU C 24 4.51 11.04 -19.61
C LEU C 24 5.59 12.09 -19.82
N LEU C 25 6.18 12.18 -21.00
CA LEU C 25 7.35 13.02 -21.22
C LEU C 25 6.96 14.21 -22.09
N TYR C 26 7.41 15.39 -21.68
CA TYR C 26 7.13 16.62 -22.41
C TYR C 26 8.38 17.47 -22.43
N GLN C 27 8.42 18.38 -23.41
CA GLN C 27 9.53 19.28 -23.57
C GLN C 27 9.16 20.60 -22.90
N ARG C 28 9.98 21.03 -21.95
CA ARG C 28 9.76 22.30 -21.28
C ARG C 28 10.15 23.45 -22.21
N GLU C 29 9.81 24.67 -21.78
CA GLU C 29 10.10 25.89 -22.56
C GLU C 29 11.61 26.04 -22.78
N ASP C 30 12.42 25.60 -21.80
CA ASP C 30 13.87 25.70 -21.92
C ASP C 30 14.43 24.60 -22.81
N GLY C 31 13.58 23.75 -23.37
CA GLY C 31 14.00 22.72 -24.28
C GLY C 31 14.25 21.36 -23.65
N LYS C 32 14.45 21.31 -22.34
CA LYS C 32 14.75 20.03 -21.68
C LYS C 32 13.48 19.20 -21.56
N SER C 33 13.66 17.88 -21.57
CA SER C 33 12.56 16.97 -21.35
C SER C 33 12.28 16.85 -19.86
N GLU C 34 11.04 16.49 -19.53
CA GLU C 34 10.62 16.33 -18.14
C GLU C 34 9.52 15.27 -18.08
N ILE C 35 9.51 14.48 -17.00
CA ILE C 35 8.48 13.46 -16.80
C ILE C 35 7.40 14.02 -15.90
N MET C 36 6.14 13.76 -16.26
CA MET C 36 5.03 14.34 -15.53
C MET C 36 4.96 13.83 -14.10
N ASP C 37 5.12 12.51 -13.93
CA ASP C 37 5.09 11.87 -12.60
C ASP C 37 5.83 10.55 -12.74
N LYS C 38 7.01 10.46 -12.13
CA LYS C 38 7.82 9.25 -12.22
C LYS C 38 7.07 8.02 -11.71
N ARG C 39 6.07 8.21 -10.84
CA ARG C 39 5.35 7.06 -10.30
C ARG C 39 4.50 6.36 -11.35
N ASP C 40 4.22 7.02 -12.47
CA ASP C 40 3.34 6.46 -13.49
C ASP C 40 4.09 5.74 -14.57
N CYS C 41 5.41 5.61 -14.45
CA CYS C 41 6.20 4.96 -15.48
C CYS C 41 6.03 3.45 -15.43
N TRP C 42 5.86 2.84 -16.60
CA TRP C 42 5.73 1.39 -16.76
C TRP C 42 7.07 0.69 -16.98
N ASP C 43 8.16 1.45 -17.10
CA ASP C 43 9.48 0.89 -17.38
C ASP C 43 9.52 0.15 -18.71
N CYS C 44 8.83 0.67 -19.73
CA CYS C 44 8.86 0.05 -21.04
C CYS C 44 10.17 0.31 -21.79
N ALA C 45 10.92 1.33 -21.37
CA ALA C 45 12.24 1.70 -21.90
C ALA C 45 12.18 2.37 -23.26
N ALA C 46 11.00 2.72 -23.76
CA ALA C 46 10.94 3.31 -25.09
C ALA C 46 11.71 4.62 -25.13
N CYS C 47 11.53 5.47 -24.10
CA CYS C 47 12.23 6.75 -24.03
C CYS C 47 13.74 6.55 -23.89
N VAL C 48 14.14 5.59 -23.05
CA VAL C 48 15.56 5.32 -22.83
C VAL C 48 16.26 5.05 -24.15
N LYS C 49 15.62 4.25 -25.02
CA LYS C 49 16.23 3.86 -26.29
C LYS C 49 16.20 4.99 -27.31
N GLU C 50 15.25 5.92 -27.18
CA GLU C 50 15.13 7.02 -28.13
C GLU C 50 16.20 8.08 -27.92
N CYS C 51 16.67 8.27 -26.70
CA CYS C 51 17.56 9.40 -26.43
C CYS C 51 18.90 9.17 -27.11
N PRO C 52 19.39 10.13 -27.91
CA PRO C 52 20.63 9.92 -28.65
C PRO C 52 21.88 10.16 -27.82
N VAL C 53 21.76 10.73 -26.63
CA VAL C 53 22.91 11.07 -25.79
C VAL C 53 22.86 10.38 -24.45
N ASN C 54 21.94 9.43 -24.27
CA ASN C 54 21.86 8.68 -23.03
C ASN C 54 21.69 9.61 -21.84
N ALA C 55 20.79 10.57 -21.99
CA ALA C 55 20.40 11.45 -20.90
C ALA C 55 19.24 10.89 -20.09
N ILE C 56 18.66 9.79 -20.55
CA ILE C 56 17.57 9.13 -19.83
C ILE C 56 18.11 7.83 -19.28
N GLU C 57 17.94 7.61 -18.00
CA GLU C 57 18.34 6.36 -17.38
C GLU C 57 17.18 5.77 -16.59
N MET C 58 17.04 4.46 -16.69
CA MET C 58 16.03 3.74 -15.96
C MET C 58 16.68 3.26 -14.67
N TYR C 59 15.91 3.32 -13.58
CA TYR C 59 16.34 2.82 -12.28
C TYR C 59 15.10 2.30 -11.56
N LEU C 60 15.31 1.39 -10.63
CA LEU C 60 14.21 0.84 -9.85
C LEU C 60 13.94 1.73 -8.65
N GLN C 61 12.68 2.10 -8.46
CA GLN C 61 12.26 2.91 -7.33
C GLN C 61 12.89 2.39 -6.04
N PRO C 62 13.56 3.25 -5.27
CA PRO C 62 14.09 2.79 -3.97
C PRO C 62 13.03 2.20 -3.07
N GLU C 63 11.79 2.70 -3.17
CA GLU C 63 10.72 2.22 -2.31
C GLU C 63 10.42 0.73 -2.49
N ILE C 64 10.76 0.15 -3.63
CA ILE C 64 10.52 -1.28 -3.86
C ILE C 64 11.81 -2.09 -3.84
N GLY C 65 12.93 -1.46 -3.45
CA GLY C 65 14.19 -2.16 -3.30
C GLY C 65 15.27 -1.73 -4.25
N GLY C 66 15.03 -0.72 -5.07
CA GLY C 66 16.09 -0.18 -5.89
C GLY C 66 17.26 0.30 -5.04
N ARG C 67 18.47 0.02 -5.53
CA ARG C 67 19.69 0.38 -4.82
C ARG C 67 20.59 1.31 -5.65
N GLY C 68 20.11 1.78 -6.79
CA GLY C 68 20.85 2.74 -7.61
C GLY C 68 21.40 2.23 -8.92
N SER C 69 21.21 0.96 -9.24
CA SER C 69 21.62 0.48 -10.56
C SER C 69 20.81 1.21 -11.63
N THR C 70 21.46 1.45 -12.77
CA THR C 70 20.82 2.17 -13.86
C THR C 70 21.05 1.49 -15.20
N LEU C 71 20.14 1.81 -16.12
CA LEU C 71 20.14 1.27 -17.48
C LEU C 71 20.02 2.45 -18.44
N LYS C 72 20.92 2.52 -19.40
CA LYS C 72 20.93 3.50 -20.47
C LYS C 72 21.06 2.71 -21.77
N ALA C 73 20.61 3.33 -22.88
CA ALA C 73 20.61 2.63 -24.15
C ALA C 73 20.94 3.60 -25.28
N LYS C 74 21.80 3.16 -26.20
CA LYS C 74 22.18 3.93 -27.37
C LYS C 74 21.85 3.10 -28.60
N LYS C 75 21.04 3.66 -29.49
CA LYS C 75 20.63 2.99 -30.70
C LYS C 75 21.68 3.22 -31.79
N THR C 76 22.09 2.14 -32.44
CA THR C 76 22.98 2.21 -33.59
C THR C 76 22.17 1.93 -34.85
N ASP C 77 22.86 1.96 -36.00
CA ASP C 77 22.19 1.64 -37.25
C ASP C 77 21.60 0.24 -37.24
N ASP C 78 22.14 -0.67 -36.42
CA ASP C 78 21.74 -2.07 -36.48
C ASP C 78 21.62 -2.74 -35.11
N SER C 79 21.62 -1.98 -34.02
CA SER C 79 21.62 -2.59 -32.70
C SER C 79 21.21 -1.58 -31.66
N ILE C 80 21.07 -2.08 -30.43
CA ILE C 80 20.93 -1.25 -29.23
C ILE C 80 22.09 -1.61 -28.32
N VAL C 81 22.88 -0.61 -27.95
CA VAL C 81 23.97 -0.79 -27.00
C VAL C 81 23.43 -0.39 -25.62
N TRP C 82 23.37 -1.35 -24.70
CA TRP C 82 22.87 -1.11 -23.36
C TRP C 82 24.05 -0.90 -22.42
N ILE C 83 23.97 0.13 -21.58
CA ILE C 83 24.97 0.41 -20.56
C ILE C 83 24.29 0.16 -19.22
N ILE C 84 24.74 -0.88 -18.51
CA ILE C 84 24.20 -1.25 -17.22
C ILE C 84 25.24 -0.88 -16.18
N THR C 85 24.86 -0.01 -15.24
CA THR C 85 25.74 0.40 -14.17
C THR C 85 25.18 -0.13 -12.86
N ASP C 86 25.99 -0.89 -12.13
CA ASP C 86 25.52 -1.46 -10.87
C ASP C 86 25.51 -0.38 -9.80
N ASN C 87 25.08 -0.75 -8.60
CA ASN C 87 24.88 0.21 -7.53
C ASN C 87 26.20 0.73 -6.98
N ASN C 88 27.32 0.10 -7.32
CA ASN C 88 28.64 0.54 -6.91
C ASN C 88 29.38 1.24 -8.04
N GLY C 89 28.71 1.47 -9.17
CA GLY C 89 29.30 2.20 -10.28
C GLY C 89 29.95 1.35 -11.35
N GLU C 90 29.98 0.04 -11.19
CA GLU C 90 30.61 -0.82 -12.20
C GLU C 90 29.72 -0.90 -13.43
N GLU C 91 30.30 -0.66 -14.61
CA GLU C 91 29.56 -0.60 -15.85
C GLU C 91 29.75 -1.88 -16.66
N GLU C 92 28.64 -2.39 -17.19
CA GLU C 92 28.64 -3.51 -18.12
C GLU C 92 27.95 -3.05 -19.40
N VAL C 93 28.59 -3.28 -20.55
CA VAL C 93 28.07 -2.82 -21.83
C VAL C 93 27.61 -4.04 -22.61
N ILE C 94 26.33 -4.04 -22.99
CA ILE C 94 25.73 -5.17 -23.70
C ILE C 94 25.12 -4.64 -24.99
N GLU C 95 25.65 -5.11 -26.12
CA GLU C 95 25.14 -4.75 -27.44
C GLU C 95 24.28 -5.90 -27.96
N VAL C 96 23.04 -5.59 -28.33
CA VAL C 96 22.09 -6.57 -28.86
C VAL C 96 21.77 -6.14 -30.28
N LYS C 97 22.21 -6.91 -31.26
CA LYS C 97 21.90 -6.58 -32.65
C LYS C 97 20.41 -6.69 -32.89
N ASN C 98 19.87 -5.77 -33.69
CA ASN C 98 18.43 -5.80 -33.98
C ASN C 98 18.02 -7.11 -34.63
N LYS C 99 18.90 -7.69 -35.45
CA LYS C 99 18.62 -8.96 -36.12
C LYS C 99 18.91 -10.17 -35.24
N LYS C 100 19.59 -9.98 -34.11
CA LYS C 100 19.83 -11.08 -33.19
C LYS C 100 18.52 -11.57 -32.62
N THR C 101 18.36 -12.90 -32.57
CA THR C 101 17.16 -13.52 -32.04
C THR C 101 17.55 -14.41 -30.86
N PHE C 102 16.61 -14.59 -29.93
CA PHE C 102 16.89 -15.30 -28.68
C PHE C 102 16.19 -16.64 -28.62
N THR D 2 -6.13 13.49 8.41
CA THR D 2 -5.00 14.45 8.45
C THR D 2 -5.57 15.85 8.72
N ILE D 3 -4.75 16.90 8.62
CA ILE D 3 -5.22 18.25 8.91
C ILE D 3 -4.81 19.20 7.79
N ARG D 4 -5.52 20.32 7.72
CA ARG D 4 -5.18 21.42 6.83
C ARG D 4 -5.28 22.71 7.60
N ILE D 5 -4.39 23.65 7.26
CA ILE D 5 -4.36 25.00 7.81
C ILE D 5 -5.08 25.91 6.84
N ILE D 6 -6.10 26.62 7.30
CA ILE D 6 -6.83 27.58 6.46
C ILE D 6 -6.07 28.90 6.62
N GLU D 7 -5.22 29.22 5.64
CA GLU D 7 -4.30 30.34 5.82
C GLU D 7 -5.03 31.68 5.95
N GLU D 8 -6.16 31.85 5.26
CA GLU D 8 -6.89 33.11 5.35
C GLU D 8 -7.42 33.36 6.77
N ILE D 9 -7.62 32.30 7.55
CA ILE D 9 -8.08 32.43 8.93
C ILE D 9 -6.92 32.52 9.91
N CYS D 10 -5.80 31.85 9.63
CA CYS D 10 -4.68 31.79 10.55
C CYS D 10 -4.16 33.20 10.86
N ILE D 11 -3.95 33.47 12.14
CA ILE D 11 -3.46 34.76 12.62
C ILE D 11 -1.98 34.71 13.02
N GLY D 12 -1.30 33.61 12.70
CA GLY D 12 0.14 33.54 12.94
C GLY D 12 0.55 33.56 14.39
N CYS D 13 -0.26 32.96 15.27
CA CYS D 13 0.04 33.00 16.70
C CYS D 13 1.11 31.99 17.11
N GLY D 14 1.29 30.91 16.37
CA GLY D 14 2.29 29.90 16.66
C GLY D 14 1.88 28.82 17.65
N LEU D 15 0.71 28.95 18.27
CA LEU D 15 0.33 28.03 19.34
C LEU D 15 0.31 26.58 18.86
N CYS D 16 -0.18 26.33 17.65
CA CYS D 16 -0.27 25.00 17.09
C CYS D 16 1.08 24.36 16.85
N THR D 17 2.17 25.12 16.92
CA THR D 17 3.50 24.56 16.65
C THR D 17 4.16 23.98 17.90
N LYS D 18 3.48 23.97 19.03
CA LYS D 18 4.07 23.50 20.28
C LYS D 18 3.31 22.34 20.90
N VAL D 19 2.61 21.54 20.10
CA VAL D 19 1.81 20.44 20.65
C VAL D 19 2.01 19.12 19.92
N CYS D 20 2.40 19.16 18.67
CA CYS D 20 2.30 17.96 17.82
C CYS D 20 3.30 16.89 18.28
N PRO D 21 2.83 15.66 18.54
CA PRO D 21 3.77 14.60 18.95
C PRO D 21 4.71 14.15 17.85
N GLY D 22 4.46 14.59 16.61
CA GLY D 22 5.34 14.34 15.50
C GLY D 22 6.14 15.53 15.03
N ASN D 23 6.10 16.67 15.73
CA ASN D 23 6.83 17.86 15.31
C ASN D 23 6.44 18.31 13.89
N LEU D 24 5.19 18.10 13.50
CA LEU D 24 4.81 18.29 12.09
C LEU D 24 4.52 19.75 11.72
N LEU D 25 4.21 20.60 12.68
CA LEU D 25 3.74 21.96 12.39
C LEU D 25 4.81 22.99 12.73
N TYR D 26 5.01 23.95 11.84
CA TYR D 26 6.00 25.00 12.04
C TYR D 26 5.44 26.31 11.51
N GLN D 27 6.07 27.39 11.93
CA GLN D 27 5.68 28.72 11.51
C GLN D 27 6.61 29.16 10.39
N ARG D 28 6.03 29.56 9.27
CA ARG D 28 6.84 30.05 8.15
C ARG D 28 7.26 31.50 8.36
N GLU D 29 7.93 32.05 7.32
CA GLU D 29 8.43 33.42 7.40
C GLU D 29 7.32 34.42 7.68
N ASP D 30 6.17 34.25 7.03
CA ASP D 30 5.05 35.18 7.20
C ASP D 30 4.24 34.92 8.46
N GLY D 31 4.63 33.93 9.28
CA GLY D 31 4.02 33.68 10.57
C GLY D 31 2.96 32.60 10.58
N LYS D 32 2.40 32.27 9.42
CA LYS D 32 1.33 31.29 9.37
C LYS D 32 1.89 29.88 9.57
N SER D 33 1.05 28.99 10.09
CA SER D 33 1.43 27.61 10.33
C SER D 33 1.48 26.84 9.03
N GLU D 34 2.33 25.81 8.98
CA GLU D 34 2.42 24.89 7.87
C GLU D 34 2.78 23.51 8.39
N ILE D 35 2.23 22.47 7.75
CA ILE D 35 2.52 21.08 8.08
C ILE D 35 3.61 20.56 7.15
N MET D 36 4.58 19.86 7.73
CA MET D 36 5.71 19.37 6.95
C MET D 36 5.27 18.36 5.90
N ASP D 37 4.46 17.39 6.30
CA ASP D 37 3.93 16.38 5.39
C ASP D 37 2.61 15.88 5.96
N LYS D 38 1.52 16.17 5.25
CA LYS D 38 0.20 15.78 5.74
C LYS D 38 0.07 14.27 5.85
N ARG D 39 0.87 13.50 5.10
CA ARG D 39 0.79 12.04 5.19
C ARG D 39 1.25 11.50 6.53
N ASP D 40 2.01 12.28 7.30
CA ASP D 40 2.56 11.81 8.56
C ASP D 40 1.68 12.14 9.76
N CYS D 41 0.52 12.76 9.54
CA CYS D 41 -0.41 13.08 10.62
C CYS D 41 -1.09 11.83 11.16
N TRP D 42 -1.16 11.75 12.50
CA TRP D 42 -1.79 10.67 13.26
C TRP D 42 -3.24 10.97 13.63
N ASP D 43 -3.76 12.16 13.30
CA ASP D 43 -5.13 12.54 13.62
C ASP D 43 -5.38 12.55 15.14
N CYS D 44 -4.37 12.95 15.91
CA CYS D 44 -4.56 13.06 17.35
C CYS D 44 -5.39 14.28 17.77
N ALA D 45 -5.54 15.28 16.88
CA ALA D 45 -6.31 16.51 17.07
C ALA D 45 -5.72 17.50 18.06
N ALA D 46 -4.48 17.32 18.50
CA ALA D 46 -3.91 18.25 19.48
C ALA D 46 -3.83 19.65 18.91
N CYS D 47 -3.42 19.76 17.64
CA CYS D 47 -3.34 21.06 16.98
C CYS D 47 -4.72 21.66 16.73
N VAL D 48 -5.67 20.84 16.30
CA VAL D 48 -7.04 21.31 16.05
C VAL D 48 -7.58 21.99 17.29
N LYS D 49 -7.38 21.37 18.46
CA LYS D 49 -7.88 21.93 19.71
C LYS D 49 -7.12 23.19 20.10
N GLU D 50 -5.83 23.25 19.80
CA GLU D 50 -5.00 24.36 20.23
C GLU D 50 -5.31 25.65 19.49
N CYS D 51 -5.73 25.57 18.24
CA CYS D 51 -5.85 26.78 17.44
C CYS D 51 -6.98 27.67 17.96
N PRO D 52 -6.70 28.91 18.36
CA PRO D 52 -7.75 29.73 18.98
C PRO D 52 -8.79 30.26 18.00
N VAL D 53 -8.51 30.25 16.70
CA VAL D 53 -9.41 30.80 15.68
C VAL D 53 -9.93 29.71 14.75
N ASN D 54 -9.69 28.45 15.07
CA ASN D 54 -10.21 27.33 14.29
C ASN D 54 -9.83 27.43 12.83
N ALA D 55 -8.55 27.74 12.58
CA ALA D 55 -7.95 27.71 11.26
C ALA D 55 -7.42 26.33 10.90
N ILE D 56 -7.46 25.37 11.82
CA ILE D 56 -7.00 24.01 11.56
C ILE D 56 -8.22 23.12 11.56
N GLU D 57 -8.40 22.37 10.49
CA GLU D 57 -9.50 21.41 10.42
C GLU D 57 -8.96 20.05 10.06
N MET D 58 -9.52 19.03 10.69
CA MET D 58 -9.15 17.65 10.41
C MET D 58 -10.12 17.12 9.36
N TYR D 59 -9.59 16.29 8.45
CA TYR D 59 -10.43 15.65 7.45
C TYR D 59 -9.77 14.32 7.13
N LEU D 60 -10.56 13.37 6.65
CA LEU D 60 -10.01 12.06 6.29
C LEU D 60 -9.46 12.10 4.88
N GLN D 61 -8.28 11.53 4.70
CA GLN D 61 -7.64 11.49 3.39
C GLN D 61 -8.60 10.93 2.35
N PRO D 62 -8.81 11.62 1.24
CA PRO D 62 -9.64 11.06 0.17
C PRO D 62 -9.18 9.67 -0.25
N GLU D 63 -7.88 9.42 -0.21
CA GLU D 63 -7.35 8.16 -0.71
C GLU D 63 -7.84 6.96 0.08
N ILE D 64 -8.31 7.17 1.32
CA ILE D 64 -8.86 6.10 2.14
C ILE D 64 -10.36 6.17 2.28
N GLY D 65 -11.02 7.01 1.49
CA GLY D 65 -12.47 7.13 1.54
C GLY D 65 -13.00 8.42 2.11
N GLY D 66 -12.14 9.38 2.44
CA GLY D 66 -12.62 10.67 2.88
C GLY D 66 -13.43 11.37 1.80
N ARG D 67 -14.54 11.98 2.21
CA ARG D 67 -15.46 12.62 1.27
C ARG D 67 -15.61 14.11 1.52
N GLY D 68 -14.86 14.67 2.46
CA GLY D 68 -14.88 16.09 2.72
C GLY D 68 -15.42 16.52 4.06
N SER D 69 -15.91 15.61 4.90
CA SER D 69 -16.31 16.00 6.25
C SER D 69 -15.10 16.54 7.01
N THR D 70 -15.34 17.52 7.87
CA THR D 70 -14.26 18.14 8.64
C THR D 70 -14.63 18.30 10.10
N LEU D 71 -13.58 18.43 10.93
CA LEU D 71 -13.70 18.63 12.36
C LEU D 71 -12.85 19.83 12.75
N LYS D 72 -13.44 20.74 13.51
CA LYS D 72 -12.73 21.85 14.16
C LYS D 72 -13.07 21.81 15.63
N ALA D 73 -12.27 22.49 16.46
CA ALA D 73 -12.48 22.45 17.90
C ALA D 73 -12.13 23.78 18.55
N LYS D 74 -12.99 24.20 19.48
CA LYS D 74 -12.78 25.41 20.26
C LYS D 74 -12.62 25.02 21.71
N LYS D 75 -11.45 25.31 22.28
CA LYS D 75 -11.23 25.11 23.70
C LYS D 75 -11.90 26.25 24.46
N THR D 76 -12.66 25.91 25.50
CA THR D 76 -13.22 26.88 26.43
C THR D 76 -12.54 26.70 27.78
N ASP D 77 -12.98 27.50 28.76
CA ASP D 77 -12.40 27.40 30.10
C ASP D 77 -12.66 26.05 30.74
N ASP D 78 -13.70 25.31 30.29
CA ASP D 78 -14.01 24.06 30.95
C ASP D 78 -14.52 22.99 30.00
N SER D 79 -14.29 23.12 28.70
CA SER D 79 -14.83 22.18 27.73
C SER D 79 -14.08 22.30 26.42
N ILE D 80 -14.35 21.34 25.54
CA ILE D 80 -14.03 21.44 24.13
C ILE D 80 -15.35 21.45 23.37
N VAL D 81 -15.49 22.43 22.48
CA VAL D 81 -16.65 22.54 21.60
C VAL D 81 -16.21 22.08 20.22
N TRP D 82 -16.76 20.95 19.77
CA TRP D 82 -16.40 20.34 18.50
C TRP D 82 -17.39 20.78 17.43
N ILE D 83 -16.88 21.20 16.28
CA ILE D 83 -17.71 21.62 15.15
C ILE D 83 -17.48 20.60 14.04
N ILE D 84 -18.52 19.82 13.75
CA ILE D 84 -18.44 18.73 12.78
C ILE D 84 -19.24 19.14 11.57
N THR D 85 -18.59 19.23 10.42
CA THR D 85 -19.26 19.55 9.16
C THR D 85 -19.20 18.37 8.23
N ASP D 86 -20.35 17.93 7.72
CA ASP D 86 -20.37 16.75 6.88
C ASP D 86 -20.01 17.11 5.44
N ASN D 87 -20.03 16.11 4.58
CA ASN D 87 -19.51 16.31 3.23
C ASN D 87 -20.44 17.19 2.39
N ASN D 88 -21.66 17.45 2.86
CA ASN D 88 -22.59 18.35 2.19
C ASN D 88 -22.71 19.71 2.89
N GLY D 89 -21.87 19.98 3.88
CA GLY D 89 -21.87 21.25 4.55
C GLY D 89 -22.73 21.33 5.80
N GLU D 90 -23.44 20.26 6.16
CA GLU D 90 -24.29 20.29 7.34
C GLU D 90 -23.42 20.26 8.60
N GLU D 91 -23.76 21.10 9.57
CA GLU D 91 -22.92 21.34 10.73
C GLU D 91 -23.58 20.80 11.98
N GLU D 92 -22.80 20.12 12.81
CA GLU D 92 -23.22 19.65 14.13
C GLU D 92 -22.19 20.13 15.13
N VAL D 93 -22.66 20.72 16.24
CA VAL D 93 -21.77 21.24 17.27
C VAL D 93 -22.01 20.45 18.55
N ILE D 94 -20.93 19.97 19.16
CA ILE D 94 -21.02 19.11 20.33
C ILE D 94 -20.02 19.63 21.35
N GLU D 95 -20.49 20.02 22.53
CA GLU D 95 -19.60 20.41 23.61
C GLU D 95 -19.38 19.20 24.52
N VAL D 96 -18.12 18.93 24.83
CA VAL D 96 -17.74 17.89 25.79
C VAL D 96 -17.03 18.60 26.93
N LYS D 97 -17.71 18.68 28.08
CA LYS D 97 -17.15 19.33 29.30
C LYS D 97 -15.91 18.54 29.75
N ASN D 98 -14.86 19.24 30.19
CA ASN D 98 -13.63 18.57 30.62
C ASN D 98 -13.89 17.58 31.75
N LYS D 99 -14.76 17.96 32.70
CA LYS D 99 -15.01 17.13 33.87
C LYS D 99 -16.09 16.08 33.63
N LYS D 100 -16.75 16.09 32.47
CA LYS D 100 -17.75 15.08 32.14
C LYS D 100 -17.04 13.77 31.81
N THR D 101 -17.48 12.69 32.45
CA THR D 101 -17.00 11.34 32.13
C THR D 101 -18.07 10.61 31.33
N PHE D 102 -17.66 9.58 30.62
CA PHE D 102 -18.52 8.90 29.66
C PHE D 102 -18.97 7.55 30.20
N ASP D 103 -20.10 7.08 29.65
CA ASP D 103 -20.73 5.84 30.07
C ASP D 103 -21.07 5.90 31.56
#